data_2ENZ
#
_entry.id   2ENZ
#
loop_
_entity.id
_entity.type
_entity.pdbx_description
1 polymer 'Protein kinase C theta type'
2 non-polymer 'ZINC ION'
#
_entity_poly.entity_id   1
_entity_poly.type   'polypeptide(L)'
_entity_poly.pdbx_seq_one_letter_code
;GSSGSSGKIDMPHRFKVYNYKSPTFCEHCGTLLWGLARQGLKCDACGMNVHHRCQTKVANLCGIN
;
_entity_poly.pdbx_strand_id   A
#
loop_
_chem_comp.id
_chem_comp.type
_chem_comp.name
_chem_comp.formula
ZN non-polymer 'ZINC ION' 'Zn 2'
#
# COMPACT_ATOMS: atom_id res chain seq x y z
N GLY A 1 -3.58 -23.47 10.13
CA GLY A 1 -3.43 -23.61 11.57
C GLY A 1 -2.02 -23.97 11.97
N SER A 2 -1.80 -24.14 13.27
CA SER A 2 -0.48 -24.47 13.79
C SER A 2 -0.56 -24.88 15.25
N SER A 3 0.55 -25.37 15.79
CA SER A 3 0.62 -25.80 17.17
C SER A 3 1.47 -24.85 18.00
N GLY A 4 0.82 -24.04 18.82
CA GLY A 4 1.54 -23.09 19.66
C GLY A 4 0.72 -21.84 19.96
N SER A 5 1.39 -20.71 20.07
CA SER A 5 0.73 -19.44 20.35
C SER A 5 1.47 -18.27 19.73
N SER A 6 0.73 -17.25 19.32
CA SER A 6 1.31 -16.07 18.70
C SER A 6 0.90 -14.80 19.43
N GLY A 7 1.62 -13.71 19.17
CA GLY A 7 1.31 -12.45 19.82
C GLY A 7 1.14 -11.32 18.83
N LYS A 8 2.17 -10.49 18.69
CA LYS A 8 2.14 -9.36 17.77
C LYS A 8 2.59 -9.78 16.38
N ILE A 9 1.89 -9.27 15.36
CA ILE A 9 2.22 -9.59 13.98
C ILE A 9 2.03 -8.38 13.07
N ASP A 10 2.87 -8.27 12.06
CA ASP A 10 2.79 -7.16 11.11
C ASP A 10 2.95 -7.66 9.67
N MET A 11 2.09 -7.17 8.78
CA MET A 11 2.13 -7.57 7.39
C MET A 11 2.25 -6.35 6.47
N PRO A 12 3.02 -6.49 5.38
CA PRO A 12 3.22 -5.40 4.42
C PRO A 12 1.97 -5.09 3.62
N HIS A 13 2.03 -4.03 2.82
CA HIS A 13 0.90 -3.62 2.00
C HIS A 13 0.97 -4.25 0.62
N ARG A 14 -0.02 -5.08 0.30
CA ARG A 14 -0.06 -5.75 -1.00
C ARG A 14 -0.37 -4.76 -2.11
N PHE A 15 0.58 -3.88 -2.40
CA PHE A 15 0.41 -2.88 -3.43
C PHE A 15 0.63 -3.49 -4.82
N LYS A 16 -0.40 -3.42 -5.66
CA LYS A 16 -0.31 -3.96 -7.01
C LYS A 16 -0.65 -2.89 -8.05
N VAL A 17 0.12 -2.86 -9.13
CA VAL A 17 -0.10 -1.88 -10.19
C VAL A 17 -1.53 -1.96 -10.72
N TYR A 18 -2.06 -0.82 -11.13
CA TYR A 18 -3.43 -0.77 -11.66
C TYR A 18 -3.52 0.24 -12.81
N ASN A 19 -4.12 -0.20 -13.91
CA ASN A 19 -4.28 0.66 -15.08
C ASN A 19 -5.69 1.22 -15.17
N TYR A 20 -5.87 2.44 -14.70
CA TYR A 20 -7.18 3.08 -14.72
C TYR A 20 -7.06 4.56 -15.09
N LYS A 21 -8.20 5.22 -15.26
CA LYS A 21 -8.22 6.64 -15.61
C LYS A 21 -9.00 7.44 -14.57
N SER A 22 -8.32 7.82 -13.49
CA SER A 22 -8.96 8.59 -12.43
C SER A 22 -7.90 9.27 -11.57
N PRO A 23 -8.26 10.44 -11.01
CA PRO A 23 -7.36 11.22 -10.15
C PRO A 23 -7.12 10.55 -8.81
N THR A 24 -5.97 9.88 -8.68
CA THR A 24 -5.62 9.19 -7.44
C THR A 24 -4.80 10.09 -6.54
N PHE A 25 -4.94 9.90 -5.23
CA PHE A 25 -4.20 10.69 -4.26
C PHE A 25 -3.38 9.79 -3.34
N CYS A 26 -2.13 10.19 -3.10
CA CYS A 26 -1.24 9.42 -2.24
C CYS A 26 -1.57 9.64 -0.76
N GLU A 27 -1.48 8.58 0.02
CA GLU A 27 -1.78 8.66 1.46
C GLU A 27 -0.51 8.95 2.25
N HIS A 28 0.57 9.23 1.54
CA HIS A 28 1.85 9.53 2.19
C HIS A 28 2.33 10.93 1.81
N CYS A 29 2.71 11.10 0.55
CA CYS A 29 3.18 12.39 0.07
C CYS A 29 2.02 13.35 -0.18
N GLY A 30 0.81 12.80 -0.20
CA GLY A 30 -0.37 13.62 -0.43
C GLY A 30 -0.28 14.43 -1.72
N THR A 31 -0.03 13.74 -2.83
CA THR A 31 0.09 14.40 -4.13
C THR A 31 -0.61 13.59 -5.21
N LEU A 32 -0.56 14.10 -6.44
CA LEU A 32 -1.18 13.43 -7.58
C LEU A 32 -0.20 12.45 -8.23
N LEU A 33 -0.73 11.54 -9.03
CA LEU A 33 0.09 10.55 -9.73
C LEU A 33 -0.12 10.63 -11.24
N TRP A 34 0.96 10.81 -11.98
CA TRP A 34 0.88 10.90 -13.43
C TRP A 34 1.52 9.68 -14.08
N GLY A 35 0.68 8.79 -14.61
CA GLY A 35 1.17 7.58 -15.24
C GLY A 35 0.37 7.21 -16.47
N LEU A 36 0.71 6.07 -17.08
CA LEU A 36 0.01 5.60 -18.26
C LEU A 36 -0.54 4.19 -18.04
N ALA A 37 0.36 3.27 -17.71
CA ALA A 37 -0.04 1.88 -17.47
C ALA A 37 0.24 1.47 -16.03
N ARG A 38 1.25 2.09 -15.43
CA ARG A 38 1.62 1.79 -14.05
C ARG A 38 1.24 2.95 -13.12
N GLN A 39 0.04 3.49 -13.32
CA GLN A 39 -0.44 4.60 -12.49
C GLN A 39 -0.33 4.26 -11.01
N GLY A 40 0.85 4.53 -10.44
CA GLY A 40 1.06 4.25 -9.02
C GLY A 40 0.71 2.82 -8.66
N LEU A 41 0.37 2.60 -7.39
CA LEU A 41 0.02 1.27 -6.91
C LEU A 41 -1.18 1.35 -5.97
N LYS A 42 -1.89 0.22 -5.84
CA LYS A 42 -3.05 0.15 -4.96
C LYS A 42 -3.05 -1.15 -4.16
N CYS A 43 -3.10 -1.03 -2.84
CA CYS A 43 -3.11 -2.20 -1.97
C CYS A 43 -4.39 -3.01 -2.15
N ASP A 44 -4.23 -4.27 -2.52
CA ASP A 44 -5.37 -5.15 -2.73
C ASP A 44 -5.84 -5.75 -1.41
N ALA A 45 -5.17 -5.39 -0.33
CA ALA A 45 -5.51 -5.89 0.99
C ALA A 45 -6.40 -4.89 1.75
N CYS A 46 -5.79 -3.81 2.21
CA CYS A 46 -6.51 -2.77 2.94
C CYS A 46 -7.26 -1.85 1.98
N GLY A 47 -6.62 -1.55 0.85
CA GLY A 47 -7.25 -0.67 -0.13
C GLY A 47 -6.73 0.75 -0.05
N MET A 48 -5.45 0.93 -0.36
CA MET A 48 -4.83 2.25 -0.31
C MET A 48 -4.06 2.53 -1.60
N ASN A 49 -4.02 3.79 -2.00
CA ASN A 49 -3.31 4.19 -3.21
C ASN A 49 -2.07 5.01 -2.87
N VAL A 50 -0.90 4.49 -3.21
CA VAL A 50 0.36 5.17 -2.94
C VAL A 50 1.35 4.97 -4.08
N HIS A 51 2.30 5.88 -4.19
CA HIS A 51 3.31 5.81 -5.24
C HIS A 51 4.20 4.57 -5.06
N HIS A 52 5.07 4.32 -6.03
CA HIS A 52 5.97 3.17 -5.97
C HIS A 52 6.94 3.30 -4.80
N ARG A 53 7.41 4.51 -4.56
CA ARG A 53 8.35 4.77 -3.47
C ARG A 53 7.61 5.08 -2.18
N CYS A 54 6.55 5.87 -2.29
CA CYS A 54 5.75 6.26 -1.14
C CYS A 54 5.15 5.03 -0.45
N GLN A 55 5.20 3.89 -1.15
CA GLN A 55 4.67 2.65 -0.61
C GLN A 55 5.58 2.07 0.46
N THR A 56 6.88 2.06 0.18
CA THR A 56 7.86 1.53 1.12
C THR A 56 8.06 2.48 2.30
N LYS A 57 7.29 3.57 2.31
CA LYS A 57 7.38 4.55 3.37
C LYS A 57 6.24 4.38 4.37
N VAL A 58 5.20 3.68 3.95
CA VAL A 58 4.03 3.44 4.79
C VAL A 58 4.29 2.31 5.78
N ALA A 59 3.54 2.30 6.88
CA ALA A 59 3.69 1.28 7.90
C ALA A 59 3.45 -0.11 7.32
N ASN A 60 4.03 -1.13 7.95
CA ASN A 60 3.87 -2.51 7.49
C ASN A 60 2.74 -3.19 8.23
N LEU A 61 1.64 -2.48 8.44
CA LEU A 61 0.47 -3.02 9.13
C LEU A 61 -0.77 -2.96 8.24
N CYS A 62 -0.95 -4.00 7.44
CA CYS A 62 -2.10 -4.07 6.54
C CYS A 62 -3.25 -4.85 7.19
N GLY A 63 -4.36 -4.17 7.43
CA GLY A 63 -5.51 -4.81 8.03
C GLY A 63 -5.64 -4.50 9.51
N ILE A 64 -4.50 -4.39 10.18
CA ILE A 64 -4.49 -4.09 11.62
C ILE A 64 -4.91 -2.65 11.88
N ASN A 65 -4.66 -1.77 10.90
CA ASN A 65 -5.00 -0.37 11.02
C ASN A 65 -5.95 0.06 9.91
ZN ZN B . -2.35 -2.47 2.75
ZN ZN C . 3.28 9.51 -3.16
N GLY A 1 -9.05 -19.74 3.84
CA GLY A 1 -8.29 -19.75 5.08
C GLY A 1 -8.55 -18.52 5.93
N SER A 2 -8.22 -18.61 7.21
CA SER A 2 -8.41 -17.49 8.13
C SER A 2 -7.65 -17.71 9.43
N SER A 3 -7.53 -16.65 10.22
CA SER A 3 -6.81 -16.72 11.49
C SER A 3 -7.32 -15.68 12.47
N GLY A 4 -6.70 -15.61 13.64
CA GLY A 4 -7.11 -14.64 14.64
C GLY A 4 -6.09 -14.49 15.75
N SER A 5 -5.09 -13.64 15.52
CA SER A 5 -4.04 -13.42 16.51
C SER A 5 -4.11 -11.99 17.05
N SER A 6 -3.31 -11.71 18.07
CA SER A 6 -3.28 -10.39 18.69
C SER A 6 -1.90 -10.08 19.25
N GLY A 7 -1.63 -8.81 19.47
CA GLY A 7 -0.34 -8.40 20.01
C GLY A 7 0.52 -7.68 18.99
N LYS A 8 1.58 -8.34 18.53
CA LYS A 8 2.48 -7.74 17.55
C LYS A 8 2.27 -8.36 16.17
N ILE A 9 1.08 -8.16 15.62
CA ILE A 9 0.75 -8.70 14.30
C ILE A 9 0.73 -7.61 13.25
N ASP A 10 1.81 -7.49 12.48
CA ASP A 10 1.91 -6.49 11.43
C ASP A 10 2.09 -7.14 10.07
N MET A 11 1.35 -6.65 9.08
CA MET A 11 1.44 -7.18 7.73
C MET A 11 1.64 -6.06 6.71
N PRO A 12 2.42 -6.34 5.66
CA PRO A 12 2.72 -5.37 4.60
C PRO A 12 1.50 -5.08 3.73
N HIS A 13 1.62 -4.08 2.86
CA HIS A 13 0.53 -3.70 1.97
C HIS A 13 0.66 -4.41 0.62
N ARG A 14 -0.38 -5.16 0.24
CA ARG A 14 -0.38 -5.88 -1.02
C ARG A 14 -0.46 -4.92 -2.20
N PHE A 15 0.62 -4.21 -2.46
CA PHE A 15 0.66 -3.24 -3.56
C PHE A 15 0.86 -3.95 -4.90
N LYS A 16 0.04 -3.58 -5.88
CA LYS A 16 0.13 -4.19 -7.21
C LYS A 16 -0.18 -3.16 -8.29
N VAL A 17 0.70 -3.08 -9.28
CA VAL A 17 0.52 -2.13 -10.38
C VAL A 17 -0.78 -2.39 -11.12
N TYR A 18 -1.67 -1.41 -11.11
CA TYR A 18 -2.96 -1.53 -11.79
C TYR A 18 -3.39 -0.20 -12.38
N ASN A 19 -4.21 -0.26 -13.42
CA ASN A 19 -4.70 0.95 -14.09
C ASN A 19 -6.03 1.39 -13.49
N TYR A 20 -6.06 2.61 -12.98
CA TYR A 20 -7.27 3.16 -12.37
C TYR A 20 -7.74 4.41 -13.12
N LYS A 21 -8.85 4.97 -12.67
CA LYS A 21 -9.40 6.17 -13.29
C LYS A 21 -9.56 7.29 -12.27
N SER A 22 -9.83 8.50 -12.76
CA SER A 22 -10.01 9.65 -11.88
C SER A 22 -8.72 9.95 -11.11
N PRO A 23 -8.47 11.24 -10.84
CA PRO A 23 -7.28 11.69 -10.12
C PRO A 23 -7.32 11.29 -8.64
N THR A 24 -6.16 10.96 -8.09
CA THR A 24 -6.05 10.57 -6.70
C THR A 24 -4.82 11.17 -6.04
N PHE A 25 -4.99 11.67 -4.82
CA PHE A 25 -3.89 12.27 -4.08
C PHE A 25 -3.23 11.26 -3.16
N CYS A 26 -1.90 11.13 -3.28
CA CYS A 26 -1.15 10.19 -2.46
C CYS A 26 -1.43 10.41 -0.98
N GLU A 27 -2.15 9.47 -0.37
CA GLU A 27 -2.50 9.56 1.04
C GLU A 27 -1.25 9.41 1.92
N HIS A 28 -0.11 9.17 1.27
CA HIS A 28 1.15 9.01 1.99
C HIS A 28 1.89 10.34 2.09
N CYS A 29 2.34 10.84 0.95
CA CYS A 29 3.08 12.10 0.91
C CYS A 29 2.12 13.28 0.73
N GLY A 30 0.87 12.97 0.37
CA GLY A 30 -0.12 14.01 0.18
C GLY A 30 -0.15 14.53 -1.25
N THR A 31 0.95 14.33 -1.97
CA THR A 31 1.04 14.77 -3.36
C THR A 31 0.34 13.80 -4.30
N LEU A 32 -0.07 14.29 -5.46
CA LEU A 32 -0.75 13.46 -6.45
C LEU A 32 0.21 12.44 -7.05
N LEU A 33 -0.32 11.56 -7.89
CA LEU A 33 0.48 10.53 -8.54
C LEU A 33 0.91 10.96 -9.93
N TRP A 34 1.68 10.11 -10.60
CA TRP A 34 2.16 10.41 -11.94
C TRP A 34 2.23 9.15 -12.80
N GLY A 35 1.67 9.22 -14.00
CA GLY A 35 1.67 8.07 -14.89
C GLY A 35 0.33 7.88 -15.59
N LEU A 36 0.18 6.75 -16.26
CA LEU A 36 -1.05 6.43 -16.98
C LEU A 36 -1.61 5.09 -16.54
N ALA A 37 -0.96 4.01 -16.95
CA ALA A 37 -1.39 2.67 -16.61
C ALA A 37 -0.81 2.24 -15.26
N ARG A 38 0.42 2.66 -14.98
CA ARG A 38 1.09 2.32 -13.73
C ARG A 38 1.11 3.51 -12.78
N GLN A 39 -0.02 4.23 -12.72
CA GLN A 39 -0.12 5.39 -11.85
C GLN A 39 -0.15 4.98 -10.38
N GLY A 40 1.03 4.80 -9.80
CA GLY A 40 1.12 4.40 -8.41
C GLY A 40 0.82 2.93 -8.20
N LEU A 41 0.37 2.58 -7.01
CA LEU A 41 0.03 1.20 -6.68
C LEU A 41 -1.12 1.13 -5.69
N LYS A 42 -2.12 0.31 -6.03
CA LYS A 42 -3.29 0.16 -5.17
C LYS A 42 -3.22 -1.14 -4.39
N CYS A 43 -3.28 -1.05 -3.06
CA CYS A 43 -3.22 -2.21 -2.20
C CYS A 43 -4.45 -3.09 -2.39
N ASP A 44 -4.23 -4.40 -2.56
CA ASP A 44 -5.32 -5.34 -2.75
C ASP A 44 -5.64 -6.06 -1.44
N ALA A 45 -5.09 -5.56 -0.34
CA ALA A 45 -5.33 -6.16 0.96
C ALA A 45 -6.21 -5.27 1.83
N CYS A 46 -6.09 -3.96 1.62
CA CYS A 46 -6.89 -3.00 2.38
C CYS A 46 -7.57 -1.99 1.45
N GLY A 47 -6.80 -1.48 0.49
CA GLY A 47 -7.34 -0.51 -0.45
C GLY A 47 -6.78 0.88 -0.25
N MET A 48 -5.57 1.10 -0.76
CA MET A 48 -4.92 2.39 -0.63
C MET A 48 -3.99 2.65 -1.82
N ASN A 49 -3.99 3.89 -2.31
CA ASN A 49 -3.15 4.26 -3.44
C ASN A 49 -1.96 5.10 -2.98
N VAL A 50 -0.77 4.75 -3.46
CA VAL A 50 0.44 5.47 -3.10
C VAL A 50 1.47 5.41 -4.22
N HIS A 51 2.37 6.38 -4.25
CA HIS A 51 3.41 6.43 -5.27
C HIS A 51 4.18 5.11 -5.33
N HIS A 52 5.21 5.07 -6.15
CA HIS A 52 6.03 3.88 -6.30
C HIS A 52 6.97 3.71 -5.12
N ARG A 53 7.48 4.83 -4.61
CA ARG A 53 8.41 4.80 -3.47
C ARG A 53 7.65 4.98 -2.16
N CYS A 54 6.69 5.90 -2.15
CA CYS A 54 5.90 6.17 -0.96
C CYS A 54 5.40 4.87 -0.33
N GLN A 55 5.26 3.83 -1.17
CA GLN A 55 4.79 2.54 -0.70
C GLN A 55 5.76 1.95 0.33
N THR A 56 7.05 2.01 0.02
CA THR A 56 8.08 1.47 0.90
C THR A 56 8.30 2.39 2.10
N LYS A 57 7.48 3.42 2.20
CA LYS A 57 7.57 4.37 3.30
C LYS A 57 6.41 4.22 4.27
N VAL A 58 5.34 3.59 3.80
CA VAL A 58 4.16 3.37 4.63
C VAL A 58 4.41 2.28 5.66
N ALA A 59 3.61 2.29 6.72
CA ALA A 59 3.74 1.30 7.80
C ALA A 59 3.40 -0.10 7.29
N ASN A 60 3.84 -1.11 8.02
CA ASN A 60 3.59 -2.50 7.66
C ASN A 60 2.36 -3.04 8.39
N LEU A 61 1.29 -2.24 8.42
CA LEU A 61 0.06 -2.64 9.09
C LEU A 61 -1.13 -2.57 8.14
N CYS A 62 -1.35 -3.64 7.40
CA CYS A 62 -2.45 -3.70 6.45
C CYS A 62 -3.68 -4.33 7.09
N GLY A 63 -4.71 -3.53 7.30
CA GLY A 63 -5.93 -4.02 7.91
C GLY A 63 -5.77 -4.31 9.39
N ILE A 64 -4.98 -3.49 10.07
CA ILE A 64 -4.75 -3.67 11.50
C ILE A 64 -5.49 -2.60 12.31
N ASN A 65 -5.84 -1.50 11.64
CA ASN A 65 -6.56 -0.41 12.31
C ASN A 65 -8.06 -0.60 12.18
ZN ZN B . -2.73 -2.53 2.54
ZN ZN C . 3.46 9.83 -2.69
N GLY A 1 -5.06 -30.98 22.69
CA GLY A 1 -5.46 -29.61 22.93
C GLY A 1 -4.51 -28.61 22.33
N SER A 2 -4.96 -27.37 22.18
CA SER A 2 -4.14 -26.32 21.60
C SER A 2 -4.34 -25.00 22.33
N SER A 3 -3.57 -23.99 21.96
CA SER A 3 -3.66 -22.68 22.59
C SER A 3 -3.54 -21.56 21.55
N GLY A 4 -3.86 -20.34 21.98
CA GLY A 4 -3.77 -19.21 21.08
C GLY A 4 -2.36 -18.66 20.95
N SER A 5 -2.22 -17.56 20.23
CA SER A 5 -0.92 -16.94 20.02
C SER A 5 -1.07 -15.47 19.62
N SER A 6 0.01 -14.71 19.76
CA SER A 6 0.00 -13.30 19.40
C SER A 6 -0.81 -13.06 18.14
N GLY A 7 -1.93 -12.34 18.28
CA GLY A 7 -2.77 -12.05 17.14
C GLY A 7 -2.39 -10.75 16.45
N LYS A 8 -1.18 -10.28 16.71
CA LYS A 8 -0.69 -9.04 16.11
C LYS A 8 0.46 -9.32 15.14
N ILE A 9 0.12 -9.68 13.92
CA ILE A 9 1.11 -9.97 12.90
C ILE A 9 1.23 -8.83 11.90
N ASP A 10 2.34 -8.10 11.97
CA ASP A 10 2.58 -6.97 11.07
C ASP A 10 2.80 -7.46 9.64
N MET A 11 1.87 -7.13 8.76
CA MET A 11 1.97 -7.54 7.36
C MET A 11 2.05 -6.32 6.44
N PRO A 12 2.85 -6.44 5.37
CA PRO A 12 3.04 -5.35 4.40
C PRO A 12 1.78 -5.11 3.57
N HIS A 13 1.81 -4.06 2.75
CA HIS A 13 0.68 -3.72 1.90
C HIS A 13 0.78 -4.43 0.55
N ARG A 14 -0.24 -5.20 0.22
CA ARG A 14 -0.27 -5.93 -1.05
C ARG A 14 -0.41 -4.98 -2.23
N PHE A 15 0.65 -4.22 -2.49
CA PHE A 15 0.65 -3.26 -3.60
C PHE A 15 0.72 -3.99 -4.94
N LYS A 16 -0.06 -3.50 -5.91
CA LYS A 16 -0.10 -4.09 -7.23
C LYS A 16 -0.54 -3.07 -8.27
N VAL A 17 0.30 -2.86 -9.29
CA VAL A 17 0.00 -1.91 -10.34
C VAL A 17 -1.34 -2.23 -11.00
N TYR A 18 -2.16 -1.21 -11.19
CA TYR A 18 -3.47 -1.38 -11.81
C TYR A 18 -3.82 -0.18 -12.70
N ASN A 19 -4.81 -0.37 -13.56
CA ASN A 19 -5.24 0.69 -14.47
C ASN A 19 -6.36 1.52 -13.85
N TYR A 20 -6.14 2.83 -13.77
CA TYR A 20 -7.14 3.74 -13.21
C TYR A 20 -7.91 4.46 -14.30
N LYS A 21 -8.89 5.26 -13.90
CA LYS A 21 -9.70 6.02 -14.84
C LYS A 21 -9.79 7.48 -14.43
N SER A 22 -9.03 7.85 -13.41
CA SER A 22 -9.02 9.23 -12.91
C SER A 22 -7.77 9.50 -12.09
N PRO A 23 -7.32 10.77 -12.10
CA PRO A 23 -6.13 11.19 -11.35
C PRO A 23 -6.36 11.18 -9.84
N THR A 24 -5.66 10.30 -9.15
CA THR A 24 -5.78 10.18 -7.70
C THR A 24 -4.64 10.90 -6.99
N PHE A 25 -4.81 11.15 -5.70
CA PHE A 25 -3.79 11.82 -4.91
C PHE A 25 -3.17 10.87 -3.89
N CYS A 26 -1.84 10.77 -3.92
CA CYS A 26 -1.13 9.90 -2.99
C CYS A 26 -1.54 10.16 -1.55
N GLU A 27 -1.81 9.09 -0.81
CA GLU A 27 -2.22 9.21 0.57
C GLU A 27 -1.01 9.31 1.50
N HIS A 28 0.18 9.46 0.90
CA HIS A 28 1.42 9.57 1.66
C HIS A 28 2.10 10.91 1.41
N CYS A 29 2.66 11.07 0.21
CA CYS A 29 3.34 12.29 -0.16
C CYS A 29 2.34 13.40 -0.46
N GLY A 30 1.15 13.02 -0.92
CA GLY A 30 0.13 13.99 -1.24
C GLY A 30 0.40 14.73 -2.54
N THR A 31 0.69 13.97 -3.60
CA THR A 31 0.99 14.56 -4.90
C THR A 31 0.30 13.79 -6.01
N LEU A 32 -0.18 14.51 -7.02
CA LEU A 32 -0.86 13.89 -8.15
C LEU A 32 -0.07 12.71 -8.68
N LEU A 33 -0.76 11.80 -9.37
CA LEU A 33 -0.11 10.62 -9.94
C LEU A 33 -0.03 10.72 -11.46
N TRP A 34 1.14 11.15 -11.95
CA TRP A 34 1.35 11.28 -13.39
C TRP A 34 0.96 10.01 -14.13
N GLY A 35 1.74 8.96 -13.93
CA GLY A 35 1.47 7.69 -14.58
C GLY A 35 -0.01 7.33 -14.55
N LEU A 36 -0.52 6.82 -15.66
CA LEU A 36 -1.92 6.43 -15.76
C LEU A 36 -2.09 4.93 -15.65
N ALA A 37 -1.74 4.22 -16.71
CA ALA A 37 -1.85 2.76 -16.72
C ALA A 37 -1.23 2.15 -15.47
N ARG A 38 -0.32 2.89 -14.84
CA ARG A 38 0.35 2.42 -13.64
C ARG A 38 -0.22 3.11 -12.40
N GLN A 39 -0.51 4.41 -12.52
CA GLN A 39 -1.06 5.18 -11.43
C GLN A 39 -0.50 4.70 -10.09
N GLY A 40 0.81 4.45 -10.06
CA GLY A 40 1.44 3.99 -8.83
C GLY A 40 1.06 2.56 -8.48
N LEU A 41 0.45 2.39 -7.31
CA LEU A 41 0.02 1.08 -6.86
C LEU A 41 -1.22 1.18 -5.98
N LYS A 42 -1.99 0.10 -5.94
CA LYS A 42 -3.22 0.07 -5.15
C LYS A 42 -3.31 -1.24 -4.35
N CYS A 43 -3.01 -1.15 -3.05
CA CYS A 43 -3.05 -2.31 -2.18
C CYS A 43 -4.31 -3.14 -2.45
N ASP A 44 -4.12 -4.45 -2.57
CA ASP A 44 -5.24 -5.36 -2.83
C ASP A 44 -5.82 -5.88 -1.51
N ALA A 45 -5.26 -5.42 -0.40
CA ALA A 45 -5.74 -5.83 0.92
C ALA A 45 -6.62 -4.76 1.55
N CYS A 46 -6.00 -3.66 1.97
CA CYS A 46 -6.72 -2.57 2.59
C CYS A 46 -7.40 -1.68 1.54
N GLY A 47 -6.67 -1.41 0.45
CA GLY A 47 -7.21 -0.58 -0.61
C GLY A 47 -6.62 0.81 -0.60
N MET A 48 -5.32 0.91 -0.36
CA MET A 48 -4.64 2.20 -0.33
C MET A 48 -3.86 2.43 -1.61
N ASN A 49 -3.72 3.69 -2.00
CA ASN A 49 -2.98 4.04 -3.22
C ASN A 49 -1.77 4.91 -2.88
N VAL A 50 -0.60 4.45 -3.29
CA VAL A 50 0.64 5.19 -3.04
C VAL A 50 1.66 4.93 -4.14
N HIS A 51 2.50 5.93 -4.41
CA HIS A 51 3.53 5.80 -5.44
C HIS A 51 4.37 4.55 -5.22
N HIS A 52 5.41 4.39 -6.04
CA HIS A 52 6.29 3.23 -5.93
C HIS A 52 7.28 3.41 -4.79
N ARG A 53 7.65 4.67 -4.52
CA ARG A 53 8.60 4.97 -3.47
C ARG A 53 7.87 5.27 -2.16
N CYS A 54 6.72 5.93 -2.26
CA CYS A 54 5.93 6.28 -1.09
C CYS A 54 5.42 5.02 -0.38
N GLN A 55 5.51 3.89 -1.06
CA GLN A 55 5.05 2.62 -0.50
C GLN A 55 6.00 2.15 0.60
N THR A 56 7.30 2.42 0.42
CA THR A 56 8.30 2.03 1.39
C THR A 56 8.33 2.98 2.58
N LYS A 57 7.35 3.89 2.63
CA LYS A 57 7.27 4.87 3.71
C LYS A 57 6.01 4.65 4.54
N VAL A 58 5.09 3.86 4.00
CA VAL A 58 3.83 3.57 4.69
C VAL A 58 4.04 2.54 5.80
N ALA A 59 3.02 2.36 6.63
CA ALA A 59 3.09 1.41 7.73
C ALA A 59 3.17 -0.02 7.21
N ASN A 60 3.71 -0.92 8.03
CA ASN A 60 3.84 -2.32 7.66
C ASN A 60 2.74 -3.16 8.29
N LEU A 61 1.57 -2.55 8.49
CA LEU A 61 0.44 -3.23 9.08
C LEU A 61 -0.82 -3.05 8.24
N CYS A 62 -1.06 -3.99 7.33
CA CYS A 62 -2.23 -3.94 6.46
C CYS A 62 -3.42 -4.65 7.10
N GLY A 63 -4.44 -3.87 7.46
CA GLY A 63 -5.63 -4.43 8.07
C GLY A 63 -5.64 -4.25 9.57
N ILE A 64 -4.49 -4.44 10.20
CA ILE A 64 -4.38 -4.28 11.65
C ILE A 64 -5.03 -2.98 12.12
N ASN A 65 -5.05 -1.99 11.23
CA ASN A 65 -5.63 -0.70 11.55
C ASN A 65 -7.15 -0.82 11.74
ZN ZN B . -2.60 -2.46 2.55
ZN ZN C . 3.41 9.48 -3.40
N GLY A 1 13.50 -31.70 2.38
CA GLY A 1 12.39 -31.29 3.21
C GLY A 1 12.21 -29.78 3.22
N SER A 2 11.30 -29.31 4.08
CA SER A 2 11.03 -27.87 4.18
C SER A 2 10.29 -27.56 5.48
N SER A 3 10.25 -26.28 5.83
CA SER A 3 9.56 -25.85 7.05
C SER A 3 9.12 -24.40 6.94
N GLY A 4 8.50 -23.88 8.00
CA GLY A 4 8.03 -22.51 7.99
C GLY A 4 7.00 -22.26 9.07
N SER A 5 7.35 -21.39 10.02
CA SER A 5 6.44 -21.06 11.12
C SER A 5 5.37 -20.08 10.67
N SER A 6 4.29 -19.99 11.44
CA SER A 6 3.20 -19.09 11.11
C SER A 6 2.93 -18.11 12.26
N GLY A 7 3.54 -16.92 12.17
CA GLY A 7 3.37 -15.92 13.20
C GLY A 7 2.43 -14.80 12.77
N LYS A 8 2.00 -14.00 13.74
CA LYS A 8 1.10 -12.89 13.46
C LYS A 8 1.80 -11.56 13.68
N ILE A 9 2.25 -10.94 12.59
CA ILE A 9 2.94 -9.66 12.67
C ILE A 9 2.40 -8.69 11.63
N ASP A 10 2.66 -7.40 11.83
CA ASP A 10 2.21 -6.36 10.91
C ASP A 10 2.38 -6.82 9.46
N MET A 11 1.28 -7.21 8.84
CA MET A 11 1.31 -7.67 7.46
C MET A 11 1.55 -6.51 6.51
N PRO A 12 2.32 -6.77 5.44
CA PRO A 12 2.65 -5.76 4.43
C PRO A 12 1.45 -5.36 3.59
N HIS A 13 1.62 -4.36 2.74
CA HIS A 13 0.54 -3.89 1.87
C HIS A 13 0.65 -4.52 0.50
N ARG A 14 -0.38 -5.25 0.10
CA ARG A 14 -0.41 -5.91 -1.20
C ARG A 14 -0.45 -4.90 -2.33
N PHE A 15 0.68 -4.22 -2.55
CA PHE A 15 0.78 -3.22 -3.60
C PHE A 15 0.95 -3.87 -4.97
N LYS A 16 -0.06 -3.70 -5.82
CA LYS A 16 -0.03 -4.27 -7.17
C LYS A 16 -0.38 -3.23 -8.22
N VAL A 17 0.42 -3.16 -9.27
CA VAL A 17 0.19 -2.19 -10.34
C VAL A 17 -1.23 -2.31 -10.88
N TYR A 18 -1.85 -1.16 -11.14
CA TYR A 18 -3.21 -1.12 -11.67
C TYR A 18 -3.40 0.05 -12.62
N ASN A 19 -4.35 -0.08 -13.53
CA ASN A 19 -4.64 0.97 -14.50
C ASN A 19 -5.86 1.78 -14.07
N TYR A 20 -5.62 2.99 -13.59
CA TYR A 20 -6.68 3.88 -13.14
C TYR A 20 -7.17 4.76 -14.28
N LYS A 21 -8.49 4.91 -14.38
CA LYS A 21 -9.09 5.72 -15.43
C LYS A 21 -9.38 7.14 -14.93
N SER A 22 -8.58 7.60 -13.97
CA SER A 22 -8.75 8.92 -13.40
C SER A 22 -7.56 9.28 -12.51
N PRO A 23 -7.27 10.60 -12.42
CA PRO A 23 -6.16 11.11 -11.62
C PRO A 23 -6.42 10.97 -10.12
N THR A 24 -5.83 9.94 -9.51
CA THR A 24 -6.00 9.69 -8.09
C THR A 24 -4.88 10.34 -7.28
N PHE A 25 -5.19 10.74 -6.05
CA PHE A 25 -4.21 11.37 -5.18
C PHE A 25 -3.57 10.34 -4.25
N CYS A 26 -2.29 10.56 -3.94
CA CYS A 26 -1.56 9.65 -3.07
C CYS A 26 -2.03 9.78 -1.62
N GLU A 27 -2.31 8.66 -0.99
CA GLU A 27 -2.78 8.65 0.39
C GLU A 27 -1.60 8.73 1.36
N HIS A 28 -0.40 8.94 0.81
CA HIS A 28 0.80 9.05 1.62
C HIS A 28 1.42 10.44 1.52
N CYS A 29 1.96 10.75 0.35
CA CYS A 29 2.59 12.05 0.12
C CYS A 29 1.54 13.11 -0.17
N GLY A 30 0.40 12.68 -0.72
CA GLY A 30 -0.67 13.60 -1.03
C GLY A 30 -0.36 14.44 -2.26
N THR A 31 0.02 13.78 -3.34
CA THR A 31 0.35 14.47 -4.59
C THR A 31 -0.20 13.71 -5.79
N LEU A 32 -0.56 14.46 -6.84
CA LEU A 32 -1.10 13.87 -8.05
C LEU A 32 -0.29 12.64 -8.47
N LEU A 33 -0.83 11.88 -9.42
CA LEU A 33 -0.16 10.68 -9.90
C LEU A 33 0.38 10.89 -11.31
N TRP A 34 1.06 9.87 -11.84
CA TRP A 34 1.63 9.95 -13.18
C TRP A 34 2.08 8.58 -13.65
N GLY A 35 1.66 8.19 -14.86
CA GLY A 35 2.03 6.90 -15.40
C GLY A 35 1.09 6.44 -16.50
N LEU A 36 1.64 6.02 -17.62
CA LEU A 36 0.84 5.54 -18.74
C LEU A 36 -0.14 4.47 -18.29
N ALA A 37 0.38 3.31 -17.91
CA ALA A 37 -0.45 2.21 -17.45
C ALA A 37 -0.22 1.92 -15.97
N ARG A 38 1.02 2.13 -15.51
CA ARG A 38 1.37 1.89 -14.12
C ARG A 38 1.05 3.12 -13.26
N GLN A 39 -0.25 3.40 -13.10
CA GLN A 39 -0.69 4.53 -12.31
C GLN A 39 -0.49 4.28 -10.82
N GLY A 40 0.74 4.41 -10.35
CA GLY A 40 1.04 4.18 -8.95
C GLY A 40 0.83 2.74 -8.54
N LEU A 41 0.44 2.52 -7.29
CA LEU A 41 0.20 1.18 -6.78
C LEU A 41 -0.88 1.19 -5.71
N LYS A 42 -1.84 0.27 -5.84
CA LYS A 42 -2.94 0.18 -4.89
C LYS A 42 -2.87 -1.14 -4.12
N CYS A 43 -3.22 -1.09 -2.84
CA CYS A 43 -3.20 -2.27 -1.99
C CYS A 43 -4.41 -3.16 -2.26
N ASP A 44 -4.16 -4.46 -2.41
CA ASP A 44 -5.24 -5.41 -2.68
C ASP A 44 -5.75 -6.04 -1.38
N ALA A 45 -5.31 -5.47 -0.26
CA ALA A 45 -5.73 -5.97 1.05
C ALA A 45 -6.61 -4.96 1.77
N CYS A 46 -6.00 -3.86 2.22
CA CYS A 46 -6.73 -2.81 2.93
C CYS A 46 -7.44 -1.88 1.95
N GLY A 47 -6.72 -1.47 0.91
CA GLY A 47 -7.28 -0.59 -0.09
C GLY A 47 -6.70 0.81 -0.02
N MET A 48 -5.41 0.93 -0.31
CA MET A 48 -4.73 2.22 -0.28
C MET A 48 -3.87 2.42 -1.52
N ASN A 49 -3.88 3.62 -2.07
CA ASN A 49 -3.10 3.94 -3.25
C ASN A 49 -1.89 4.80 -2.90
N VAL A 50 -0.71 4.33 -3.29
CA VAL A 50 0.53 5.05 -3.02
C VAL A 50 1.52 4.91 -4.17
N HIS A 51 2.30 5.96 -4.40
CA HIS A 51 3.29 5.94 -5.48
C HIS A 51 4.17 4.70 -5.39
N HIS A 52 5.18 4.63 -6.26
CA HIS A 52 6.09 3.49 -6.29
C HIS A 52 7.04 3.54 -5.09
N ARG A 53 7.44 4.74 -4.71
CA ARG A 53 8.35 4.91 -3.58
C ARG A 53 7.57 5.16 -2.29
N CYS A 54 6.48 5.91 -2.39
CA CYS A 54 5.65 6.23 -1.24
C CYS A 54 5.20 4.95 -0.53
N GLN A 55 5.23 3.83 -1.25
CA GLN A 55 4.82 2.55 -0.69
C GLN A 55 5.77 2.11 0.42
N THR A 56 7.07 2.33 0.19
CA THR A 56 8.08 1.96 1.17
C THR A 56 8.09 2.93 2.35
N LYS A 57 7.27 3.97 2.26
CA LYS A 57 7.18 4.97 3.32
C LYS A 57 6.00 4.68 4.25
N VAL A 58 5.11 3.81 3.81
CA VAL A 58 3.94 3.44 4.60
C VAL A 58 4.29 2.39 5.63
N ALA A 59 3.39 2.18 6.59
CA ALA A 59 3.61 1.20 7.65
C ALA A 59 3.28 -0.21 7.16
N ASN A 60 3.89 -1.21 7.80
CA ASN A 60 3.67 -2.60 7.42
C ASN A 60 2.47 -3.18 8.18
N LEU A 61 1.47 -2.35 8.41
CA LEU A 61 0.26 -2.77 9.12
C LEU A 61 -0.95 -2.68 8.21
N CYS A 62 -1.22 -3.76 7.47
CA CYS A 62 -2.36 -3.81 6.57
C CYS A 62 -3.59 -4.41 7.27
N GLY A 63 -4.69 -3.68 7.25
CA GLY A 63 -5.90 -4.16 7.88
C GLY A 63 -5.98 -3.82 9.35
N ILE A 64 -4.81 -3.78 10.00
CA ILE A 64 -4.75 -3.47 11.42
C ILE A 64 -5.63 -2.29 11.76
N ASN A 65 -5.89 -1.44 10.77
CA ASN A 65 -6.73 -0.26 10.98
C ASN A 65 -8.03 -0.37 10.18
ZN ZN B . -2.60 -2.55 2.76
ZN ZN C . 3.02 9.49 -3.29
N GLY A 1 -15.90 -30.46 5.39
CA GLY A 1 -15.64 -29.04 5.60
C GLY A 1 -14.17 -28.74 5.81
N SER A 2 -13.84 -27.47 5.98
CA SER A 2 -12.46 -27.05 6.18
C SER A 2 -12.39 -25.68 6.85
N SER A 3 -11.29 -25.42 7.54
CA SER A 3 -11.10 -24.16 8.24
C SER A 3 -9.62 -23.79 8.30
N GLY A 4 -9.34 -22.49 8.37
CA GLY A 4 -7.97 -22.02 8.42
C GLY A 4 -7.73 -21.09 9.59
N SER A 5 -6.69 -20.26 9.48
CA SER A 5 -6.35 -19.32 10.54
C SER A 5 -5.71 -18.06 9.96
N SER A 6 -5.82 -16.96 10.70
CA SER A 6 -5.26 -15.69 10.26
C SER A 6 -4.30 -15.12 11.30
N GLY A 7 -3.22 -14.52 10.83
CA GLY A 7 -2.24 -13.95 11.73
C GLY A 7 -2.58 -12.53 12.15
N LYS A 8 -2.11 -12.13 13.32
CA LYS A 8 -2.38 -10.78 13.82
C LYS A 8 -1.07 -10.06 14.14
N ILE A 9 -0.13 -10.09 13.20
CA ILE A 9 1.16 -9.44 13.38
C ILE A 9 1.43 -8.43 12.26
N ASP A 10 2.21 -7.41 12.57
CA ASP A 10 2.54 -6.38 11.58
C ASP A 10 2.74 -6.99 10.21
N MET A 11 1.87 -6.64 9.27
CA MET A 11 1.95 -7.16 7.92
C MET A 11 2.00 -6.02 6.90
N PRO A 12 2.79 -6.22 5.83
CA PRO A 12 2.95 -5.21 4.77
C PRO A 12 1.68 -5.04 3.95
N HIS A 13 1.67 -4.03 3.07
CA HIS A 13 0.53 -3.76 2.21
C HIS A 13 0.65 -4.49 0.88
N ARG A 14 -0.39 -5.21 0.50
CA ARG A 14 -0.40 -5.95 -0.76
C ARG A 14 -0.44 -5.01 -1.95
N PHE A 15 0.65 -4.28 -2.17
CA PHE A 15 0.73 -3.33 -3.28
C PHE A 15 0.77 -4.06 -4.61
N LYS A 16 0.12 -3.48 -5.61
CA LYS A 16 0.08 -4.07 -6.95
C LYS A 16 -0.34 -3.03 -7.99
N VAL A 17 0.52 -2.82 -8.97
CA VAL A 17 0.25 -1.86 -10.04
C VAL A 17 -1.11 -2.12 -10.67
N TYR A 18 -1.80 -1.05 -11.03
CA TYR A 18 -3.12 -1.16 -11.65
C TYR A 18 -3.35 -0.02 -12.63
N ASN A 19 -4.23 -0.27 -13.62
CA ASN A 19 -4.54 0.74 -14.62
C ASN A 19 -5.74 1.58 -14.20
N TYR A 20 -5.47 2.74 -13.63
CA TYR A 20 -6.53 3.64 -13.18
C TYR A 20 -6.90 4.63 -14.27
N LYS A 21 -8.05 5.27 -14.11
CA LYS A 21 -8.53 6.25 -15.08
C LYS A 21 -8.84 7.57 -14.41
N SER A 22 -9.19 7.52 -13.13
CA SER A 22 -9.52 8.71 -12.37
C SER A 22 -8.33 9.16 -11.52
N PRO A 23 -8.31 10.46 -11.16
CA PRO A 23 -7.24 11.04 -10.35
C PRO A 23 -7.27 10.55 -8.92
N THR A 24 -6.09 10.49 -8.29
CA THR A 24 -5.98 10.03 -6.91
C THR A 24 -5.06 10.94 -6.11
N PHE A 25 -5.26 10.95 -4.79
CA PHE A 25 -4.45 11.79 -3.90
C PHE A 25 -3.67 10.92 -2.92
N CYS A 26 -2.36 10.84 -3.11
CA CYS A 26 -1.51 10.04 -2.24
C CYS A 26 -1.64 10.50 -0.79
N GLU A 27 -2.41 9.74 -0.01
CA GLU A 27 -2.62 10.07 1.40
C GLU A 27 -1.33 9.89 2.20
N HIS A 28 -0.30 9.37 1.54
CA HIS A 28 0.99 9.15 2.19
C HIS A 28 1.82 10.43 2.20
N CYS A 29 2.29 10.84 1.03
CA CYS A 29 3.10 12.04 0.90
C CYS A 29 2.21 13.29 0.89
N GLY A 30 1.05 13.17 0.26
CA GLY A 30 0.12 14.29 0.18
C GLY A 30 0.08 14.90 -1.21
N THR A 31 0.50 14.14 -2.21
CA THR A 31 0.49 14.61 -3.58
C THR A 31 -0.14 13.58 -4.52
N LEU A 32 -0.91 14.07 -5.48
CA LEU A 32 -1.58 13.19 -6.44
C LEU A 32 -0.56 12.37 -7.22
N LEU A 33 -1.05 11.50 -8.11
CA LEU A 33 -0.19 10.67 -8.93
C LEU A 33 0.11 11.34 -10.27
N TRP A 34 1.29 11.06 -10.80
CA TRP A 34 1.69 11.62 -12.09
C TRP A 34 1.95 10.53 -13.12
N GLY A 35 1.52 9.30 -12.79
CA GLY A 35 1.72 8.18 -13.69
C GLY A 35 0.70 8.15 -14.81
N LEU A 36 0.75 7.11 -15.63
CA LEU A 36 -0.18 6.97 -16.75
C LEU A 36 -1.17 5.85 -16.48
N ALA A 37 -0.67 4.62 -16.39
CA ALA A 37 -1.51 3.46 -16.14
C ALA A 37 -0.99 2.65 -14.96
N ARG A 38 -0.27 3.31 -14.06
CA ARG A 38 0.29 2.65 -12.89
C ARG A 38 -0.12 3.37 -11.61
N GLN A 39 -0.30 4.68 -11.71
CA GLN A 39 -0.69 5.49 -10.56
C GLN A 39 -0.03 4.97 -9.28
N GLY A 40 1.23 4.54 -9.41
CA GLY A 40 1.96 4.04 -8.26
C GLY A 40 1.60 2.60 -7.94
N LEU A 41 0.85 2.41 -6.85
CA LEU A 41 0.43 1.07 -6.44
C LEU A 41 -0.85 1.13 -5.62
N LYS A 42 -1.68 0.10 -5.76
CA LYS A 42 -2.94 0.04 -5.03
C LYS A 42 -3.04 -1.26 -4.25
N CYS A 43 -3.13 -1.14 -2.92
CA CYS A 43 -3.23 -2.32 -2.06
C CYS A 43 -4.53 -3.06 -2.31
N ASP A 44 -4.45 -4.38 -2.40
CA ASP A 44 -5.63 -5.22 -2.65
C ASP A 44 -6.06 -5.91 -1.36
N ALA A 45 -5.31 -5.70 -0.29
CA ALA A 45 -5.64 -6.29 1.00
C ALA A 45 -6.50 -5.36 1.84
N CYS A 46 -6.28 -4.06 1.71
CA CYS A 46 -7.04 -3.07 2.44
C CYS A 46 -7.65 -2.04 1.50
N GLY A 47 -6.88 -1.63 0.50
CA GLY A 47 -7.36 -0.65 -0.47
C GLY A 47 -6.81 0.73 -0.20
N MET A 48 -5.60 0.99 -0.69
CA MET A 48 -4.97 2.29 -0.50
C MET A 48 -4.12 2.65 -1.71
N ASN A 49 -4.23 3.91 -2.15
CA ASN A 49 -3.47 4.39 -3.30
C ASN A 49 -2.23 5.16 -2.86
N VAL A 50 -1.07 4.77 -3.38
CA VAL A 50 0.18 5.43 -3.05
C VAL A 50 1.16 5.37 -4.21
N HIS A 51 2.10 6.31 -4.23
CA HIS A 51 3.10 6.37 -5.29
C HIS A 51 3.91 5.08 -5.35
N HIS A 52 4.88 5.03 -6.24
CA HIS A 52 5.72 3.85 -6.41
C HIS A 52 6.74 3.75 -5.27
N ARG A 53 7.21 4.90 -4.82
CA ARG A 53 8.20 4.94 -3.72
C ARG A 53 7.50 5.10 -2.38
N CYS A 54 6.45 5.92 -2.35
CA CYS A 54 5.70 6.16 -1.13
C CYS A 54 5.27 4.85 -0.49
N GLN A 55 5.32 3.77 -1.26
CA GLN A 55 4.93 2.46 -0.77
C GLN A 55 5.93 1.94 0.26
N THR A 56 7.21 2.05 -0.05
CA THR A 56 8.27 1.60 0.86
C THR A 56 8.41 2.55 2.04
N LYS A 57 7.55 3.57 2.09
CA LYS A 57 7.59 4.54 3.18
C LYS A 57 6.47 4.28 4.17
N VAL A 58 5.42 3.61 3.71
CA VAL A 58 4.28 3.30 4.57
C VAL A 58 4.66 2.28 5.64
N ALA A 59 3.74 2.03 6.57
CA ALA A 59 3.99 1.08 7.65
C ALA A 59 3.47 -0.31 7.28
N ASN A 60 4.10 -1.34 7.83
CA ASN A 60 3.70 -2.72 7.55
C ASN A 60 2.50 -3.11 8.41
N LEU A 61 1.45 -2.30 8.33
CA LEU A 61 0.23 -2.56 9.09
C LEU A 61 -0.99 -2.53 8.17
N CYS A 62 -1.15 -3.58 7.37
CA CYS A 62 -2.28 -3.68 6.46
C CYS A 62 -3.45 -4.42 7.10
N GLY A 63 -4.58 -3.75 7.19
CA GLY A 63 -5.77 -4.37 7.78
C GLY A 63 -5.55 -4.74 9.24
N ILE A 64 -4.45 -4.25 9.81
CA ILE A 64 -4.12 -4.54 11.21
C ILE A 64 -5.05 -3.78 12.15
N ASN A 65 -4.66 -2.57 12.51
CA ASN A 65 -5.46 -1.73 13.40
C ASN A 65 -6.94 -1.96 13.17
ZN ZN B . -2.86 -2.68 2.69
ZN ZN C . 3.07 9.73 -2.73
N GLY A 1 9.32 -21.92 35.47
CA GLY A 1 10.60 -21.62 34.87
C GLY A 1 10.75 -22.22 33.49
N SER A 2 10.14 -21.58 32.50
CA SER A 2 10.20 -22.06 31.12
C SER A 2 9.97 -20.92 30.14
N SER A 3 10.85 -20.81 29.15
CA SER A 3 10.75 -19.76 28.15
C SER A 3 9.56 -20.00 27.23
N GLY A 4 9.11 -18.95 26.56
CA GLY A 4 7.99 -19.06 25.66
C GLY A 4 8.27 -18.48 24.28
N SER A 5 7.24 -17.92 23.65
CA SER A 5 7.39 -17.33 22.33
C SER A 5 6.44 -16.15 22.15
N SER A 6 7.00 -14.97 21.88
CA SER A 6 6.20 -13.77 21.69
C SER A 6 6.93 -12.76 20.81
N GLY A 7 6.25 -11.68 20.47
CA GLY A 7 6.85 -10.65 19.63
C GLY A 7 5.82 -9.84 18.87
N LYS A 8 6.29 -8.87 18.09
CA LYS A 8 5.39 -8.02 17.31
C LYS A 8 5.63 -8.21 15.82
N ILE A 9 4.64 -8.76 15.13
CA ILE A 9 4.74 -9.01 13.70
C ILE A 9 3.53 -8.44 12.96
N ASP A 10 3.78 -7.84 11.80
CA ASP A 10 2.71 -7.26 11.00
C ASP A 10 2.75 -7.81 9.57
N MET A 11 1.87 -7.27 8.71
CA MET A 11 1.81 -7.71 7.33
C MET A 11 2.02 -6.53 6.38
N PRO A 12 2.73 -6.78 5.27
CA PRO A 12 3.02 -5.77 4.26
C PRO A 12 1.78 -5.34 3.49
N HIS A 13 1.92 -4.32 2.65
CA HIS A 13 0.80 -3.82 1.85
C HIS A 13 0.75 -4.52 0.50
N ARG A 14 -0.34 -5.26 0.27
CA ARG A 14 -0.51 -5.99 -0.98
C ARG A 14 -0.60 -5.03 -2.16
N PHE A 15 0.53 -4.46 -2.55
CA PHE A 15 0.58 -3.53 -3.66
C PHE A 15 0.70 -4.27 -4.99
N LYS A 16 0.00 -3.76 -6.00
CA LYS A 16 0.02 -4.38 -7.32
C LYS A 16 -0.36 -3.37 -8.40
N VAL A 17 0.54 -3.13 -9.34
CA VAL A 17 0.30 -2.19 -10.43
C VAL A 17 -1.09 -2.38 -11.01
N TYR A 18 -1.86 -1.29 -11.08
CA TYR A 18 -3.20 -1.34 -11.61
C TYR A 18 -3.54 -0.05 -12.36
N ASN A 19 -4.25 -0.19 -13.47
CA ASN A 19 -4.64 0.97 -14.27
C ASN A 19 -5.95 1.57 -13.77
N TYR A 20 -5.92 2.85 -13.41
CA TYR A 20 -7.09 3.54 -12.91
C TYR A 20 -7.36 4.81 -13.71
N LYS A 21 -8.42 5.52 -13.34
CA LYS A 21 -8.78 6.76 -14.03
C LYS A 21 -9.05 7.87 -13.01
N SER A 22 -10.05 7.68 -12.17
CA SER A 22 -10.41 8.67 -11.17
C SER A 22 -9.16 9.23 -10.48
N PRO A 23 -9.20 10.52 -10.15
CA PRO A 23 -8.08 11.20 -9.49
C PRO A 23 -7.88 10.73 -8.05
N THR A 24 -6.62 10.47 -7.69
CA THR A 24 -6.29 10.01 -6.35
C THR A 24 -5.06 10.74 -5.81
N PHE A 25 -4.97 10.84 -4.49
CA PHE A 25 -3.85 11.51 -3.84
C PHE A 25 -3.13 10.56 -2.88
N CYS A 26 -1.82 10.64 -2.86
CA CYS A 26 -1.01 9.80 -1.98
C CYS A 26 -1.34 10.06 -0.52
N GLU A 27 -1.32 9.00 0.29
CA GLU A 27 -1.62 9.11 1.72
C GLU A 27 -0.34 9.30 2.53
N HIS A 28 0.77 9.51 1.83
CA HIS A 28 2.06 9.71 2.47
C HIS A 28 2.67 11.06 2.10
N CYS A 29 3.04 11.18 0.83
CA CYS A 29 3.64 12.42 0.33
C CYS A 29 2.57 13.51 0.16
N GLY A 30 1.34 13.09 -0.13
CA GLY A 30 0.26 14.03 -0.32
C GLY A 30 0.23 14.61 -1.71
N THR A 31 0.53 13.77 -2.71
CA THR A 31 0.54 14.21 -4.10
C THR A 31 -0.08 13.15 -5.01
N LEU A 32 -0.84 13.60 -6.00
CA LEU A 32 -1.48 12.69 -6.95
C LEU A 32 -0.45 11.98 -7.81
N LEU A 33 -0.92 11.03 -8.61
CA LEU A 33 -0.04 10.26 -9.48
C LEU A 33 -0.46 10.41 -10.94
N TRP A 34 0.44 10.05 -11.86
CA TRP A 34 0.16 10.14 -13.28
C TRP A 34 0.99 9.13 -14.07
N GLY A 35 0.31 8.31 -14.87
CA GLY A 35 1.01 7.31 -15.66
C GLY A 35 0.11 6.68 -16.71
N LEU A 36 0.72 6.24 -17.81
CA LEU A 36 -0.04 5.61 -18.89
C LEU A 36 -0.84 4.42 -18.38
N ALA A 37 -0.14 3.39 -17.92
CA ALA A 37 -0.78 2.19 -17.39
C ALA A 37 -0.43 1.96 -15.93
N ARG A 38 0.85 1.90 -15.64
CA ARG A 38 1.32 1.69 -14.27
C ARG A 38 1.07 2.94 -13.42
N GLN A 39 -0.19 3.17 -13.08
CA GLN A 39 -0.57 4.32 -12.27
C GLN A 39 -0.42 4.01 -10.78
N GLY A 40 0.77 4.26 -10.25
CA GLY A 40 1.02 4.00 -8.84
C GLY A 40 0.75 2.57 -8.46
N LEU A 41 0.30 2.35 -7.22
CA LEU A 41 0.02 1.01 -6.74
C LEU A 41 -1.14 1.03 -5.75
N LYS A 42 -2.22 0.32 -6.09
CA LYS A 42 -3.39 0.26 -5.23
C LYS A 42 -3.41 -1.04 -4.44
N CYS A 43 -3.22 -0.94 -3.13
CA CYS A 43 -3.20 -2.10 -2.25
C CYS A 43 -4.50 -2.89 -2.40
N ASP A 44 -4.36 -4.20 -2.58
CA ASP A 44 -5.52 -5.08 -2.73
C ASP A 44 -5.89 -5.74 -1.41
N ALA A 45 -5.15 -5.40 -0.36
CA ALA A 45 -5.38 -5.96 0.96
C ALA A 45 -6.20 -5.00 1.82
N CYS A 46 -5.76 -3.74 1.88
CA CYS A 46 -6.45 -2.73 2.67
C CYS A 46 -7.18 -1.74 1.77
N GLY A 47 -6.58 -1.45 0.62
CA GLY A 47 -7.19 -0.52 -0.31
C GLY A 47 -6.65 0.90 -0.17
N MET A 48 -5.42 1.10 -0.62
CA MET A 48 -4.79 2.41 -0.53
C MET A 48 -3.89 2.67 -1.73
N ASN A 49 -3.98 3.87 -2.30
CA ASN A 49 -3.18 4.23 -3.45
C ASN A 49 -1.91 4.97 -3.02
N VAL A 50 -0.75 4.37 -3.29
CA VAL A 50 0.53 4.96 -2.93
C VAL A 50 1.53 4.85 -4.07
N HIS A 51 2.43 5.82 -4.15
CA HIS A 51 3.45 5.82 -5.20
C HIS A 51 4.38 4.63 -5.07
N HIS A 52 5.17 4.38 -6.11
CA HIS A 52 6.10 3.26 -6.11
C HIS A 52 7.12 3.40 -4.99
N ARG A 53 7.39 4.65 -4.59
CA ARG A 53 8.34 4.92 -3.53
C ARG A 53 7.64 5.02 -2.18
N CYS A 54 6.77 6.02 -2.05
CA CYS A 54 6.03 6.23 -0.81
C CYS A 54 5.45 4.92 -0.29
N GLN A 55 5.31 3.94 -1.17
CA GLN A 55 4.78 2.64 -0.81
C GLN A 55 5.43 2.12 0.48
N THR A 56 6.76 2.14 0.50
CA THR A 56 7.51 1.66 1.66
C THR A 56 7.29 2.59 2.85
N LYS A 57 7.30 3.89 2.60
CA LYS A 57 7.11 4.88 3.66
C LYS A 57 5.88 4.55 4.49
N VAL A 58 4.93 3.85 3.89
CA VAL A 58 3.70 3.46 4.58
C VAL A 58 3.96 2.31 5.55
N ALA A 59 3.56 2.49 6.80
CA ALA A 59 3.75 1.47 7.82
C ALA A 59 3.35 0.09 7.29
N ASN A 60 4.16 -0.92 7.58
CA ASN A 60 3.89 -2.27 7.14
C ASN A 60 2.79 -2.91 7.98
N LEU A 61 1.66 -2.21 8.09
CA LEU A 61 0.53 -2.71 8.85
C LEU A 61 -0.74 -2.72 8.01
N CYS A 62 -0.86 -3.73 7.16
CA CYS A 62 -2.03 -3.87 6.29
C CYS A 62 -3.13 -4.66 6.98
N GLY A 63 -4.37 -4.25 6.74
CA GLY A 63 -5.51 -4.94 7.36
C GLY A 63 -5.81 -4.42 8.75
N ILE A 64 -4.95 -3.55 9.26
CA ILE A 64 -5.13 -2.99 10.59
C ILE A 64 -6.24 -1.94 10.59
N ASN A 65 -6.43 -1.29 9.45
CA ASN A 65 -7.47 -0.27 9.32
C ASN A 65 -8.85 -0.88 9.53
ZN ZN B . -2.31 -2.44 2.44
ZN ZN C . 3.46 9.50 -2.90
N GLY A 1 11.54 -26.53 27.67
CA GLY A 1 10.16 -26.62 27.23
C GLY A 1 9.66 -25.32 26.63
N SER A 2 10.58 -24.40 26.36
CA SER A 2 10.23 -23.11 25.79
C SER A 2 10.64 -23.03 24.32
N SER A 3 10.30 -21.93 23.66
CA SER A 3 10.64 -21.74 22.27
C SER A 3 10.76 -20.25 21.94
N GLY A 4 11.11 -19.96 20.68
CA GLY A 4 11.26 -18.57 20.26
C GLY A 4 9.93 -17.85 20.17
N SER A 5 9.79 -16.77 20.92
CA SER A 5 8.56 -15.98 20.93
C SER A 5 8.47 -15.12 19.68
N SER A 6 7.24 -14.87 19.22
CA SER A 6 7.01 -14.05 18.03
C SER A 6 7.21 -12.58 18.34
N GLY A 7 7.03 -11.74 17.32
CA GLY A 7 7.19 -10.31 17.50
C GLY A 7 5.87 -9.61 17.75
N LYS A 8 5.30 -9.03 16.69
CA LYS A 8 4.03 -8.33 16.80
C LYS A 8 3.06 -8.79 15.72
N ILE A 9 1.90 -8.16 15.66
CA ILE A 9 0.88 -8.50 14.67
C ILE A 9 0.78 -7.43 13.59
N ASP A 10 1.75 -7.42 12.68
CA ASP A 10 1.76 -6.45 11.59
C ASP A 10 1.93 -7.14 10.25
N MET A 11 1.21 -6.65 9.24
CA MET A 11 1.28 -7.23 7.90
C MET A 11 1.55 -6.15 6.86
N PRO A 12 2.34 -6.49 5.84
CA PRO A 12 2.69 -5.56 4.76
C PRO A 12 1.49 -5.25 3.85
N HIS A 13 1.62 -4.19 3.06
CA HIS A 13 0.55 -3.79 2.16
C HIS A 13 0.67 -4.50 0.82
N ARG A 14 -0.37 -5.26 0.46
CA ARG A 14 -0.38 -6.00 -0.79
C ARG A 14 -0.50 -5.06 -1.98
N PHE A 15 0.55 -4.28 -2.22
CA PHE A 15 0.55 -3.33 -3.34
C PHE A 15 0.66 -4.05 -4.68
N LYS A 16 -0.12 -3.59 -5.65
CA LYS A 16 -0.11 -4.20 -6.98
C LYS A 16 -0.29 -3.14 -8.06
N VAL A 17 0.61 -3.16 -9.04
CA VAL A 17 0.56 -2.20 -10.14
C VAL A 17 -0.75 -2.31 -10.91
N TYR A 18 -1.43 -1.18 -11.06
CA TYR A 18 -2.71 -1.15 -11.77
C TYR A 18 -2.89 0.17 -12.52
N ASN A 19 -3.59 0.12 -13.65
CA ASN A 19 -3.84 1.32 -14.44
C ASN A 19 -5.06 2.07 -13.93
N TYR A 20 -4.80 3.20 -13.27
CA TYR A 20 -5.88 4.02 -12.72
C TYR A 20 -5.96 5.36 -13.44
N LYS A 21 -7.11 5.63 -14.04
CA LYS A 21 -7.32 6.89 -14.76
C LYS A 21 -7.79 7.99 -13.82
N SER A 22 -8.96 7.78 -13.22
CA SER A 22 -9.52 8.76 -12.29
C SER A 22 -8.43 9.37 -11.43
N PRO A 23 -8.59 10.67 -11.11
CA PRO A 23 -7.63 11.41 -10.28
C PRO A 23 -7.65 10.96 -8.82
N THR A 24 -6.47 10.82 -8.23
CA THR A 24 -6.35 10.40 -6.85
C THR A 24 -5.17 11.07 -6.16
N PHE A 25 -5.32 11.34 -4.86
CA PHE A 25 -4.26 11.98 -4.09
C PHE A 25 -3.57 10.98 -3.17
N CYS A 26 -2.25 10.99 -3.18
CA CYS A 26 -1.46 10.08 -2.34
C CYS A 26 -1.71 10.36 -0.87
N GLU A 27 -2.50 9.49 -0.24
CA GLU A 27 -2.82 9.63 1.17
C GLU A 27 -1.56 9.50 2.04
N HIS A 28 -0.46 9.13 1.40
CA HIS A 28 0.81 8.97 2.10
C HIS A 28 1.57 10.29 2.18
N CYS A 29 2.06 10.75 1.03
CA CYS A 29 2.80 12.00 0.96
C CYS A 29 1.85 13.19 0.80
N GLY A 30 0.59 12.89 0.54
CA GLY A 30 -0.39 13.94 0.36
C GLY A 30 -0.44 14.47 -1.06
N THR A 31 0.64 14.23 -1.80
CA THR A 31 0.73 14.69 -3.18
C THR A 31 0.00 13.73 -4.12
N LEU A 32 -0.40 14.25 -5.28
CA LEU A 32 -1.11 13.45 -6.27
C LEU A 32 -0.15 12.53 -7.01
N LEU A 33 -0.67 11.79 -7.99
CA LEU A 33 0.14 10.87 -8.78
C LEU A 33 -0.37 10.81 -10.22
N TRP A 34 0.56 10.64 -11.16
CA TRP A 34 0.21 10.56 -12.57
C TRP A 34 1.44 10.21 -13.42
N GLY A 35 1.29 9.22 -14.29
CA GLY A 35 2.39 8.81 -15.13
C GLY A 35 1.99 7.71 -16.11
N LEU A 36 2.83 6.69 -16.21
CA LEU A 36 2.57 5.57 -17.11
C LEU A 36 1.65 4.54 -16.45
N ALA A 37 1.31 3.49 -17.20
CA ALA A 37 0.45 2.44 -16.68
C ALA A 37 0.75 2.15 -15.22
N ARG A 38 2.03 2.26 -14.84
CA ARG A 38 2.45 2.01 -13.47
C ARG A 38 2.30 3.29 -12.62
N GLN A 39 1.26 4.05 -12.89
CA GLN A 39 1.01 5.28 -12.15
C GLN A 39 1.29 5.09 -10.66
N GLY A 40 0.39 4.40 -9.98
CA GLY A 40 0.54 4.15 -8.56
C GLY A 40 0.35 2.70 -8.19
N LEU A 41 0.13 2.43 -6.91
CA LEU A 41 -0.07 1.06 -6.44
C LEU A 41 -1.29 0.98 -5.53
N LYS A 42 -2.20 0.07 -5.85
CA LYS A 42 -3.41 -0.12 -5.07
C LYS A 42 -3.34 -1.41 -4.25
N CYS A 43 -3.31 -1.26 -2.93
CA CYS A 43 -3.24 -2.42 -2.04
C CYS A 43 -4.48 -3.30 -2.19
N ASP A 44 -4.25 -4.58 -2.45
CA ASP A 44 -5.35 -5.53 -2.62
C ASP A 44 -5.65 -6.24 -1.31
N ALA A 45 -5.18 -5.67 -0.21
CA ALA A 45 -5.40 -6.25 1.11
C ALA A 45 -6.28 -5.35 1.98
N CYS A 46 -6.04 -4.05 1.89
CA CYS A 46 -6.81 -3.08 2.66
C CYS A 46 -7.52 -2.09 1.74
N GLY A 47 -6.81 -1.60 0.74
CA GLY A 47 -7.39 -0.66 -0.20
C GLY A 47 -6.85 0.75 -0.02
N MET A 48 -5.66 0.99 -0.54
CA MET A 48 -5.03 2.31 -0.45
C MET A 48 -4.20 2.61 -1.68
N ASN A 49 -4.25 3.86 -2.12
CA ASN A 49 -3.50 4.28 -3.30
C ASN A 49 -2.29 5.13 -2.91
N VAL A 50 -1.11 4.68 -3.32
CA VAL A 50 0.12 5.39 -3.01
C VAL A 50 1.10 5.33 -4.19
N HIS A 51 1.99 6.33 -4.26
CA HIS A 51 2.97 6.39 -5.33
C HIS A 51 3.73 5.07 -5.45
N HIS A 52 4.64 5.01 -6.41
CA HIS A 52 5.44 3.80 -6.63
C HIS A 52 6.40 3.56 -5.49
N ARG A 53 6.95 4.65 -4.96
CA ARG A 53 7.90 4.57 -3.84
C ARG A 53 7.19 4.71 -2.50
N CYS A 54 6.36 5.74 -2.39
CA CYS A 54 5.61 5.99 -1.16
C CYS A 54 5.13 4.68 -0.54
N GLN A 55 4.91 3.67 -1.38
CA GLN A 55 4.46 2.37 -0.91
C GLN A 55 5.35 1.85 0.20
N THR A 56 6.65 1.87 -0.02
CA THR A 56 7.62 1.40 0.97
C THR A 56 7.69 2.35 2.15
N LYS A 57 7.59 3.65 1.88
CA LYS A 57 7.64 4.65 2.93
C LYS A 57 6.59 4.38 4.01
N VAL A 58 5.47 3.81 3.59
CA VAL A 58 4.39 3.49 4.53
C VAL A 58 4.83 2.43 5.53
N ALA A 59 3.97 2.17 6.51
CA ALA A 59 4.26 1.18 7.54
C ALA A 59 3.66 -0.18 7.18
N ASN A 60 4.25 -1.24 7.73
CA ASN A 60 3.78 -2.59 7.46
C ASN A 60 2.54 -2.92 8.30
N LEU A 61 1.54 -2.04 8.22
CA LEU A 61 0.31 -2.24 8.97
C LEU A 61 -0.90 -2.27 8.04
N CYS A 62 -1.11 -3.40 7.37
CA CYS A 62 -2.22 -3.57 6.46
C CYS A 62 -3.46 -4.08 7.19
N GLY A 63 -4.52 -3.26 7.20
CA GLY A 63 -5.74 -3.65 7.86
C GLY A 63 -5.90 -2.97 9.22
N ILE A 64 -4.79 -2.68 9.87
CA ILE A 64 -4.81 -2.04 11.18
C ILE A 64 -4.95 -0.53 11.04
N ASN A 65 -3.85 0.14 10.72
CA ASN A 65 -3.85 1.58 10.55
C ASN A 65 -4.18 1.97 9.11
ZN ZN B . -2.64 -2.62 2.68
ZN ZN C . 3.13 9.74 -2.67
N GLY A 1 5.97 -26.20 32.89
CA GLY A 1 5.22 -26.78 31.79
C GLY A 1 5.81 -26.44 30.44
N SER A 2 5.50 -25.27 29.93
CA SER A 2 6.00 -24.83 28.63
C SER A 2 6.29 -23.33 28.63
N SER A 3 6.66 -22.80 27.47
CA SER A 3 6.97 -21.38 27.34
C SER A 3 6.23 -20.78 26.15
N GLY A 4 5.60 -19.63 26.37
CA GLY A 4 4.86 -18.97 25.31
C GLY A 4 5.62 -17.78 24.74
N SER A 5 6.08 -17.92 23.50
CA SER A 5 6.82 -16.85 22.84
C SER A 5 5.88 -15.87 22.17
N SER A 6 5.80 -14.66 22.71
CA SER A 6 4.94 -13.62 22.16
C SER A 6 5.75 -12.46 21.61
N GLY A 7 5.06 -11.46 21.05
CA GLY A 7 5.73 -10.31 20.50
C GLY A 7 4.82 -9.46 19.65
N LYS A 8 5.36 -8.87 18.59
CA LYS A 8 4.59 -8.02 17.70
C LYS A 8 4.27 -8.74 16.40
N ILE A 9 3.26 -8.26 15.68
CA ILE A 9 2.85 -8.86 14.43
C ILE A 9 2.39 -7.80 13.43
N ASP A 10 3.10 -7.67 12.32
CA ASP A 10 2.76 -6.70 11.28
C ASP A 10 2.79 -7.34 9.91
N MET A 11 1.95 -6.84 9.01
CA MET A 11 1.88 -7.36 7.65
C MET A 11 2.07 -6.24 6.63
N PRO A 12 2.75 -6.57 5.52
CA PRO A 12 3.01 -5.60 4.45
C PRO A 12 1.75 -5.22 3.68
N HIS A 13 1.88 -4.25 2.78
CA HIS A 13 0.75 -3.81 1.98
C HIS A 13 0.73 -4.50 0.62
N ARG A 14 -0.37 -5.18 0.33
CA ARG A 14 -0.51 -5.88 -0.94
C ARG A 14 -0.68 -4.91 -2.10
N PHE A 15 0.39 -4.17 -2.40
CA PHE A 15 0.38 -3.19 -3.47
C PHE A 15 0.58 -3.88 -4.83
N LYS A 16 -0.35 -3.65 -5.74
CA LYS A 16 -0.28 -4.25 -7.08
C LYS A 16 -0.41 -3.18 -8.15
N VAL A 17 0.60 -3.09 -9.00
CA VAL A 17 0.60 -2.10 -10.09
C VAL A 17 -0.69 -2.19 -10.89
N TYR A 18 -1.49 -1.13 -10.82
CA TYR A 18 -2.76 -1.08 -11.54
C TYR A 18 -2.79 0.11 -12.51
N ASN A 19 -3.67 0.03 -13.51
CA ASN A 19 -3.79 1.09 -14.49
C ASN A 19 -5.20 1.69 -14.46
N TYR A 20 -5.35 2.81 -13.76
CA TYR A 20 -6.64 3.48 -13.64
C TYR A 20 -6.59 4.86 -14.28
N LYS A 21 -7.75 5.47 -14.47
CA LYS A 21 -7.84 6.80 -15.06
C LYS A 21 -8.24 7.83 -14.02
N SER A 22 -9.33 7.55 -13.30
CA SER A 22 -9.82 8.47 -12.28
C SER A 22 -8.66 9.08 -11.50
N PRO A 23 -8.89 10.28 -10.95
CA PRO A 23 -7.88 11.00 -10.16
C PRO A 23 -7.60 10.33 -8.83
N THR A 24 -6.32 10.06 -8.56
CA THR A 24 -5.92 9.42 -7.32
C THR A 24 -4.77 10.17 -6.66
N PHE A 25 -5.06 10.84 -5.56
CA PHE A 25 -4.05 11.61 -4.83
C PHE A 25 -3.37 10.75 -3.78
N CYS A 26 -2.06 10.93 -3.62
CA CYS A 26 -1.29 10.17 -2.65
C CYS A 26 -1.57 10.66 -1.23
N GLU A 27 -2.21 9.80 -0.43
CA GLU A 27 -2.54 10.15 0.95
C GLU A 27 -1.30 10.05 1.84
N HIS A 28 -0.16 9.74 1.23
CA HIS A 28 1.09 9.61 1.97
C HIS A 28 1.91 10.89 1.89
N CYS A 29 2.40 11.20 0.69
CA CYS A 29 3.20 12.40 0.47
C CYS A 29 2.30 13.62 0.27
N GLY A 30 1.04 13.37 -0.05
CA GLY A 30 0.11 14.46 -0.27
C GLY A 30 0.04 14.89 -1.72
N THR A 31 1.00 14.43 -2.52
CA THR A 31 1.05 14.78 -3.93
C THR A 31 0.17 13.84 -4.76
N LEU A 32 -0.19 14.29 -5.95
CA LEU A 32 -1.03 13.49 -6.84
C LEU A 32 -0.18 12.48 -7.63
N LEU A 33 -0.67 11.25 -7.69
CA LEU A 33 0.03 10.19 -8.41
C LEU A 33 0.50 10.68 -9.78
N TRP A 34 1.30 9.86 -10.45
CA TRP A 34 1.82 10.20 -11.77
C TRP A 34 2.57 9.03 -12.40
N GLY A 35 2.28 8.74 -13.66
CA GLY A 35 2.94 7.64 -14.34
C GLY A 35 2.31 7.35 -15.69
N LEU A 36 2.74 6.25 -16.30
CA LEU A 36 2.21 5.84 -17.61
C LEU A 36 1.00 4.92 -17.45
N ALA A 37 1.26 3.67 -17.07
CA ALA A 37 0.20 2.70 -16.88
C ALA A 37 0.20 2.16 -15.46
N ARG A 38 1.39 2.09 -14.86
CA ARG A 38 1.52 1.59 -13.50
C ARG A 38 1.39 2.72 -12.48
N GLN A 39 0.62 3.74 -12.83
CA GLN A 39 0.40 4.89 -11.96
C GLN A 39 0.33 4.45 -10.50
N GLY A 40 1.31 4.89 -9.71
CA GLY A 40 1.34 4.53 -8.31
C GLY A 40 1.00 3.07 -8.07
N LEU A 41 0.42 2.78 -6.90
CA LEU A 41 0.04 1.42 -6.56
C LEU A 41 -1.20 1.41 -5.68
N LYS A 42 -2.01 0.36 -5.82
CA LYS A 42 -3.23 0.24 -5.03
C LYS A 42 -3.24 -1.08 -4.25
N CYS A 43 -3.26 -0.96 -2.93
CA CYS A 43 -3.27 -2.14 -2.06
C CYS A 43 -4.55 -2.93 -2.24
N ASP A 44 -4.41 -4.23 -2.48
CA ASP A 44 -5.56 -5.11 -2.66
C ASP A 44 -5.98 -5.76 -1.33
N ALA A 45 -5.21 -5.48 -0.29
CA ALA A 45 -5.49 -6.03 1.03
C ALA A 45 -6.32 -5.07 1.86
N CYS A 46 -5.78 -3.88 2.10
CA CYS A 46 -6.48 -2.87 2.89
C CYS A 46 -7.22 -1.89 1.98
N GLY A 47 -6.63 -1.60 0.82
CA GLY A 47 -7.25 -0.69 -0.11
C GLY A 47 -6.74 0.73 0.04
N MET A 48 -5.51 0.97 -0.39
CA MET A 48 -4.91 2.30 -0.30
C MET A 48 -4.03 2.58 -1.51
N ASN A 49 -4.23 3.74 -2.12
CA ASN A 49 -3.45 4.14 -3.29
C ASN A 49 -2.26 4.99 -2.90
N VAL A 50 -1.08 4.60 -3.36
CA VAL A 50 0.14 5.33 -3.06
C VAL A 50 1.18 5.15 -4.16
N HIS A 51 2.06 6.15 -4.31
CA HIS A 51 3.10 6.10 -5.32
C HIS A 51 3.84 4.76 -5.29
N HIS A 52 4.70 4.54 -6.28
CA HIS A 52 5.46 3.30 -6.36
C HIS A 52 6.49 3.22 -5.24
N ARG A 53 7.01 4.38 -4.84
CA ARG A 53 8.01 4.45 -3.77
C ARG A 53 7.35 4.69 -2.42
N CYS A 54 6.44 5.67 -2.39
CA CYS A 54 5.74 6.01 -1.16
C CYS A 54 5.26 4.77 -0.43
N GLN A 55 4.96 3.72 -1.20
CA GLN A 55 4.49 2.47 -0.63
C GLN A 55 5.43 1.98 0.46
N THR A 56 6.72 1.94 0.15
CA THR A 56 7.73 1.48 1.10
C THR A 56 7.85 2.46 2.26
N LYS A 57 7.23 3.62 2.13
CA LYS A 57 7.26 4.64 3.17
C LYS A 57 6.17 4.39 4.20
N VAL A 58 5.07 3.81 3.77
CA VAL A 58 3.95 3.51 4.67
C VAL A 58 4.31 2.38 5.63
N ALA A 59 3.71 2.42 6.82
CA ALA A 59 3.95 1.40 7.83
C ALA A 59 3.54 0.02 7.32
N ASN A 60 4.31 -1.01 7.70
CA ASN A 60 4.03 -2.37 7.28
C ASN A 60 2.90 -2.97 8.12
N LEU A 61 1.76 -2.29 8.14
CA LEU A 61 0.61 -2.75 8.89
C LEU A 61 -0.65 -2.74 8.03
N CYS A 62 -0.82 -3.80 7.24
CA CYS A 62 -1.98 -3.92 6.37
C CYS A 62 -3.11 -4.68 7.05
N GLY A 63 -4.30 -4.10 7.05
CA GLY A 63 -5.44 -4.73 7.68
C GLY A 63 -5.52 -4.45 9.17
N ILE A 64 -4.45 -3.89 9.72
CA ILE A 64 -4.39 -3.58 11.14
C ILE A 64 -4.90 -2.17 11.41
N ASN A 65 -4.04 -1.17 11.17
CA ASN A 65 -4.40 0.22 11.39
C ASN A 65 -5.74 0.54 10.73
ZN ZN B . -2.40 -2.46 2.63
ZN ZN C . 3.30 9.73 -2.93
N GLY A 1 0.92 -28.54 31.44
CA GLY A 1 1.47 -28.23 30.13
C GLY A 1 0.83 -27.00 29.51
N SER A 2 1.47 -25.85 29.68
CA SER A 2 0.95 -24.59 29.14
C SER A 2 2.01 -23.88 28.31
N SER A 3 2.71 -24.64 27.46
CA SER A 3 3.75 -24.08 26.61
C SER A 3 3.16 -23.15 25.57
N GLY A 4 3.98 -22.21 25.09
CA GLY A 4 3.51 -21.26 24.09
C GLY A 4 4.63 -20.81 23.17
N SER A 5 4.34 -19.80 22.34
CA SER A 5 5.32 -19.28 21.40
C SER A 5 5.47 -17.77 21.56
N SER A 6 6.29 -17.17 20.69
CA SER A 6 6.53 -15.73 20.73
C SER A 6 6.91 -15.20 19.35
N GLY A 7 6.44 -14.01 19.04
CA GLY A 7 6.74 -13.41 17.74
C GLY A 7 5.83 -12.24 17.43
N LYS A 8 5.77 -11.87 16.15
CA LYS A 8 4.94 -10.77 15.70
C LYS A 8 4.27 -11.08 14.37
N ILE A 9 3.21 -10.34 14.05
CA ILE A 9 2.49 -10.54 12.80
C ILE A 9 2.45 -9.25 11.98
N ASP A 10 3.45 -9.08 11.14
CA ASP A 10 3.54 -7.89 10.29
C ASP A 10 2.87 -8.15 8.94
N MET A 11 1.73 -7.50 8.71
CA MET A 11 1.00 -7.66 7.46
C MET A 11 1.20 -6.44 6.56
N PRO A 12 2.14 -6.57 5.61
CA PRO A 12 2.46 -5.50 4.67
C PRO A 12 1.34 -5.26 3.65
N HIS A 13 1.40 -4.13 2.97
CA HIS A 13 0.38 -3.79 1.98
C HIS A 13 0.66 -4.51 0.66
N ARG A 14 -0.26 -5.39 0.27
CA ARG A 14 -0.12 -6.14 -0.97
C ARG A 14 -0.44 -5.27 -2.18
N PHE A 15 0.36 -4.23 -2.38
CA PHE A 15 0.16 -3.32 -3.50
C PHE A 15 0.23 -4.06 -4.83
N LYS A 16 -0.46 -3.54 -5.84
CA LYS A 16 -0.48 -4.14 -7.16
C LYS A 16 -0.63 -3.09 -8.25
N VAL A 17 0.38 -2.99 -9.12
CA VAL A 17 0.35 -2.03 -10.20
C VAL A 17 -0.99 -2.04 -10.92
N TYR A 18 -1.60 -0.86 -11.04
CA TYR A 18 -2.89 -0.73 -11.69
C TYR A 18 -2.97 0.55 -12.52
N ASN A 19 -3.72 0.52 -13.61
CA ASN A 19 -3.86 1.67 -14.48
C ASN A 19 -4.98 2.59 -13.97
N TYR A 20 -4.70 3.89 -13.94
CA TYR A 20 -5.67 4.87 -13.48
C TYR A 20 -5.96 5.91 -14.56
N LYS A 21 -7.20 5.93 -15.03
CA LYS A 21 -7.61 6.87 -16.07
C LYS A 21 -8.03 8.20 -15.45
N SER A 22 -8.23 8.20 -14.14
CA SER A 22 -8.64 9.41 -13.43
C SER A 22 -7.55 9.89 -12.48
N PRO A 23 -7.53 11.21 -12.23
CA PRO A 23 -6.54 11.83 -11.33
C PRO A 23 -6.76 11.44 -9.87
N THR A 24 -5.86 10.61 -9.35
CA THR A 24 -5.95 10.17 -7.96
C THR A 24 -4.93 10.88 -7.09
N PHE A 25 -5.29 11.11 -5.83
CA PHE A 25 -4.40 11.78 -4.89
C PHE A 25 -3.77 10.78 -3.93
N CYS A 26 -2.45 10.85 -3.79
CA CYS A 26 -1.73 9.95 -2.90
C CYS A 26 -2.12 10.19 -1.44
N GLU A 27 -2.55 9.13 -0.78
CA GLU A 27 -2.96 9.23 0.63
C GLU A 27 -1.75 9.26 1.54
N HIS A 28 -0.57 9.38 0.95
CA HIS A 28 0.67 9.43 1.71
C HIS A 28 1.38 10.77 1.50
N CYS A 29 1.96 10.96 0.32
CA CYS A 29 2.67 12.18 0.00
C CYS A 29 1.69 13.32 -0.27
N GLY A 30 0.48 12.98 -0.70
CA GLY A 30 -0.53 13.98 -0.98
C GLY A 30 -0.29 14.69 -2.31
N THR A 31 0.05 13.91 -3.33
CA THR A 31 0.31 14.46 -4.65
C THR A 31 -0.26 13.56 -5.75
N LEU A 32 -0.47 14.14 -6.92
CA LEU A 32 -1.02 13.38 -8.05
C LEU A 32 0.03 12.45 -8.64
N LEU A 33 -0.38 11.66 -9.63
CA LEU A 33 0.52 10.71 -10.27
C LEU A 33 0.41 10.82 -11.79
N TRP A 34 1.48 11.28 -12.43
CA TRP A 34 1.50 11.42 -13.88
C TRP A 34 2.24 10.25 -14.53
N GLY A 35 1.87 9.94 -15.77
CA GLY A 35 2.51 8.84 -16.48
C GLY A 35 1.52 8.00 -17.26
N LEU A 36 0.23 8.25 -17.04
CA LEU A 36 -0.81 7.50 -17.73
C LEU A 36 -0.45 6.02 -17.85
N ALA A 37 0.28 5.52 -16.86
CA ALA A 37 0.69 4.12 -16.84
C ALA A 37 1.24 3.72 -15.49
N ARG A 38 1.01 2.47 -15.09
CA ARG A 38 1.48 1.97 -13.81
C ARG A 38 1.21 2.98 -12.70
N GLN A 39 0.20 3.81 -12.90
CA GLN A 39 -0.17 4.82 -11.91
C GLN A 39 -0.09 4.25 -10.49
N GLY A 40 0.96 4.62 -9.76
CA GLY A 40 1.12 4.13 -8.41
C GLY A 40 0.74 2.67 -8.27
N LEU A 41 0.27 2.29 -7.08
CA LEU A 41 -0.14 0.92 -6.81
C LEU A 41 -1.37 0.87 -5.92
N LYS A 42 -1.95 -0.32 -5.78
CA LYS A 42 -3.14 -0.49 -4.95
C LYS A 42 -3.03 -1.76 -4.11
N CYS A 43 -3.33 -1.63 -2.82
CA CYS A 43 -3.26 -2.76 -1.90
C CYS A 43 -4.46 -3.68 -2.09
N ASP A 44 -4.21 -4.98 -2.02
CA ASP A 44 -5.27 -5.97 -2.18
C ASP A 44 -5.79 -6.45 -0.83
N ALA A 45 -5.31 -5.81 0.24
CA ALA A 45 -5.72 -6.17 1.59
C ALA A 45 -6.64 -5.10 2.18
N CYS A 46 -6.11 -3.89 2.30
CA CYS A 46 -6.89 -2.78 2.85
C CYS A 46 -7.62 -2.02 1.75
N GLY A 47 -6.92 -1.77 0.65
CA GLY A 47 -7.53 -1.05 -0.45
C GLY A 47 -7.11 0.41 -0.51
N MET A 48 -5.79 0.64 -0.49
CA MET A 48 -5.27 2.00 -0.53
C MET A 48 -4.46 2.23 -1.81
N ASN A 49 -4.22 3.49 -2.12
CA ASN A 49 -3.47 3.85 -3.32
C ASN A 49 -2.27 4.73 -2.97
N VAL A 50 -1.09 4.33 -3.45
CA VAL A 50 0.13 5.07 -3.18
C VAL A 50 1.13 4.93 -4.33
N HIS A 51 1.95 5.95 -4.53
CA HIS A 51 2.96 5.93 -5.59
C HIS A 51 3.78 4.65 -5.54
N HIS A 52 4.78 4.55 -6.41
CA HIS A 52 5.64 3.38 -6.46
C HIS A 52 6.64 3.40 -5.31
N ARG A 53 7.11 4.58 -4.95
CA ARG A 53 8.08 4.73 -3.87
C ARG A 53 7.38 5.01 -2.55
N CYS A 54 6.32 5.82 -2.61
CA CYS A 54 5.55 6.18 -1.42
C CYS A 54 5.18 4.93 -0.62
N GLN A 55 5.23 3.77 -1.28
CA GLN A 55 4.90 2.52 -0.63
C GLN A 55 5.97 2.11 0.36
N THR A 56 7.23 2.40 0.02
CA THR A 56 8.35 2.06 0.89
C THR A 56 8.49 3.06 2.03
N LYS A 57 7.56 4.00 2.09
CA LYS A 57 7.56 5.02 3.13
C LYS A 57 6.41 4.81 4.12
N VAL A 58 5.51 3.89 3.77
CA VAL A 58 4.38 3.58 4.62
C VAL A 58 4.74 2.56 5.69
N ALA A 59 3.79 2.28 6.59
CA ALA A 59 4.02 1.33 7.66
C ALA A 59 3.64 -0.09 7.22
N ASN A 60 4.17 -1.08 7.93
CA ASN A 60 3.88 -2.47 7.61
C ASN A 60 2.73 -3.01 8.47
N LEU A 61 1.64 -2.24 8.52
CA LEU A 61 0.48 -2.63 9.30
C LEU A 61 -0.80 -2.46 8.49
N CYS A 62 -1.12 -3.48 7.69
CA CYS A 62 -2.32 -3.45 6.86
C CYS A 62 -3.49 -4.12 7.57
N GLY A 63 -4.51 -3.33 7.90
CA GLY A 63 -5.68 -3.87 8.58
C GLY A 63 -5.42 -4.15 10.04
N ILE A 64 -4.16 -3.99 10.46
CA ILE A 64 -3.79 -4.22 11.85
C ILE A 64 -4.65 -3.40 12.81
N ASN A 65 -5.21 -2.31 12.29
CA ASN A 65 -6.07 -1.44 13.09
C ASN A 65 -7.52 -1.58 12.68
ZN ZN B . -2.79 -2.58 2.78
ZN ZN C . 2.81 9.50 -3.40
N GLY A 1 10.34 -31.69 25.78
CA GLY A 1 10.56 -30.70 24.75
C GLY A 1 9.38 -29.75 24.59
N SER A 2 9.65 -28.45 24.64
CA SER A 2 8.60 -27.45 24.51
C SER A 2 9.14 -26.17 23.88
N SER A 3 8.33 -25.55 23.04
CA SER A 3 8.73 -24.32 22.37
C SER A 3 7.51 -23.55 21.85
N GLY A 4 7.76 -22.40 21.26
CA GLY A 4 6.67 -21.58 20.73
C GLY A 4 7.15 -20.57 19.71
N SER A 5 6.20 -19.89 19.08
CA SER A 5 6.53 -18.88 18.07
C SER A 5 6.27 -17.47 18.60
N SER A 6 7.16 -16.99 19.45
CA SER A 6 7.03 -15.66 20.04
C SER A 6 7.97 -14.68 19.36
N GLY A 7 7.62 -14.24 18.16
CA GLY A 7 8.44 -13.30 17.44
C GLY A 7 7.67 -12.08 16.98
N LYS A 8 7.93 -11.64 15.75
CA LYS A 8 7.25 -10.47 15.21
C LYS A 8 6.44 -10.85 13.97
N ILE A 9 5.20 -10.37 13.91
CA ILE A 9 4.33 -10.65 12.78
C ILE A 9 3.55 -9.41 12.36
N ASP A 10 3.50 -9.15 11.06
CA ASP A 10 2.79 -8.00 10.53
C ASP A 10 2.21 -8.30 9.15
N MET A 11 1.41 -7.38 8.63
CA MET A 11 0.79 -7.54 7.32
C MET A 11 1.10 -6.36 6.42
N PRO A 12 2.13 -6.51 5.57
CA PRO A 12 2.55 -5.45 4.64
C PRO A 12 1.54 -5.23 3.53
N HIS A 13 1.31 -3.96 3.18
CA HIS A 13 0.37 -3.61 2.12
C HIS A 13 0.71 -4.32 0.82
N ARG A 14 -0.18 -5.18 0.37
CA ARG A 14 0.03 -5.92 -0.87
C ARG A 14 -0.15 -5.03 -2.09
N PHE A 15 0.77 -4.07 -2.25
CA PHE A 15 0.70 -3.15 -3.38
C PHE A 15 0.76 -3.91 -4.70
N LYS A 16 0.06 -3.37 -5.71
CA LYS A 16 0.02 -3.98 -7.02
C LYS A 16 -0.26 -2.95 -8.11
N VAL A 17 0.47 -3.05 -9.21
CA VAL A 17 0.30 -2.11 -10.32
C VAL A 17 -1.12 -2.15 -10.86
N TYR A 18 -1.81 -1.01 -10.79
CA TYR A 18 -3.17 -0.92 -11.26
C TYR A 18 -3.39 0.36 -12.08
N ASN A 19 -4.45 0.38 -12.88
CA ASN A 19 -4.76 1.54 -13.71
C ASN A 19 -5.83 2.40 -13.06
N TYR A 20 -5.75 3.71 -13.29
CA TYR A 20 -6.71 4.65 -12.72
C TYR A 20 -7.48 5.38 -13.82
N LYS A 21 -8.69 5.81 -13.49
CA LYS A 21 -9.54 6.52 -14.46
C LYS A 21 -9.94 7.89 -13.91
N SER A 22 -9.63 8.12 -12.64
CA SER A 22 -9.96 9.40 -12.00
C SER A 22 -8.77 9.95 -11.23
N PRO A 23 -8.79 11.27 -10.96
CA PRO A 23 -7.72 11.94 -10.23
C PRO A 23 -7.67 11.54 -8.76
N THR A 24 -6.55 10.95 -8.34
CA THR A 24 -6.38 10.51 -6.96
C THR A 24 -5.10 11.08 -6.36
N PHE A 25 -5.12 11.34 -5.07
CA PHE A 25 -3.96 11.88 -4.37
C PHE A 25 -3.33 10.82 -3.47
N CYS A 26 -2.01 10.73 -3.53
CA CYS A 26 -1.28 9.76 -2.73
C CYS A 26 -1.72 9.82 -1.26
N GLU A 27 -1.75 8.67 -0.61
CA GLU A 27 -2.16 8.59 0.79
C GLU A 27 -0.96 8.80 1.72
N HIS A 28 0.17 9.18 1.14
CA HIS A 28 1.39 9.41 1.90
C HIS A 28 1.97 10.79 1.59
N CYS A 29 2.47 10.95 0.37
CA CYS A 29 3.07 12.21 -0.05
C CYS A 29 1.98 13.24 -0.36
N GLY A 30 0.76 12.77 -0.55
CA GLY A 30 -0.35 13.65 -0.85
C GLY A 30 -0.12 14.45 -2.13
N THR A 31 0.18 13.75 -3.21
CA THR A 31 0.43 14.38 -4.50
C THR A 31 -0.20 13.58 -5.64
N LEU A 32 -0.58 14.28 -6.69
CA LEU A 32 -1.18 13.63 -7.86
C LEU A 32 -0.26 12.56 -8.42
N LEU A 33 -0.80 11.74 -9.32
CA LEU A 33 -0.02 10.67 -9.94
C LEU A 33 0.52 11.10 -11.29
N TRP A 34 1.21 10.18 -11.96
CA TRP A 34 1.79 10.48 -13.27
C TRP A 34 2.08 9.18 -14.04
N GLY A 35 1.90 9.24 -15.35
CA GLY A 35 2.14 8.07 -16.17
C GLY A 35 0.96 7.72 -17.06
N LEU A 36 0.96 6.51 -17.60
CA LEU A 36 -0.12 6.05 -18.47
C LEU A 36 -0.85 4.86 -17.86
N ALA A 37 -0.18 3.72 -17.82
CA ALA A 37 -0.75 2.50 -17.26
C ALA A 37 -0.23 2.26 -15.85
N ARG A 38 1.07 2.00 -15.74
CA ARG A 38 1.69 1.75 -14.45
C ARG A 38 2.03 3.05 -13.73
N GLN A 39 0.99 3.77 -13.30
CA GLN A 39 1.18 5.03 -12.60
C GLN A 39 1.58 4.81 -11.15
N GLY A 40 0.78 4.01 -10.44
CA GLY A 40 1.07 3.72 -9.04
C GLY A 40 0.72 2.29 -8.67
N LEU A 41 0.33 2.09 -7.42
CA LEU A 41 -0.03 0.77 -6.93
C LEU A 41 -1.26 0.82 -6.04
N LYS A 42 -1.99 -0.29 -5.97
CA LYS A 42 -3.20 -0.37 -5.16
C LYS A 42 -3.18 -1.63 -4.28
N CYS A 43 -3.06 -1.42 -2.97
CA CYS A 43 -3.04 -2.53 -2.03
C CYS A 43 -4.25 -3.43 -2.22
N ASP A 44 -4.01 -4.71 -2.44
CA ASP A 44 -5.08 -5.68 -2.63
C ASP A 44 -5.54 -6.26 -1.29
N ALA A 45 -5.02 -5.70 -0.20
CA ALA A 45 -5.37 -6.17 1.13
C ALA A 45 -6.35 -5.21 1.80
N CYS A 46 -6.04 -3.92 1.75
CA CYS A 46 -6.90 -2.90 2.34
C CYS A 46 -7.53 -2.01 1.27
N GLY A 47 -6.70 -1.58 0.31
CA GLY A 47 -7.19 -0.72 -0.75
C GLY A 47 -6.67 0.69 -0.64
N MET A 48 -5.35 0.84 -0.69
CA MET A 48 -4.72 2.16 -0.59
C MET A 48 -3.82 2.42 -1.80
N ASN A 49 -4.06 3.52 -2.49
CA ASN A 49 -3.27 3.88 -3.66
C ASN A 49 -2.06 4.72 -3.26
N VAL A 50 -0.87 4.20 -3.54
CA VAL A 50 0.37 4.89 -3.20
C VAL A 50 1.40 4.74 -4.31
N HIS A 51 2.20 5.78 -4.51
CA HIS A 51 3.24 5.77 -5.54
C HIS A 51 4.09 4.51 -5.45
N HIS A 52 5.07 4.40 -6.32
CA HIS A 52 5.96 3.24 -6.34
C HIS A 52 6.97 3.31 -5.20
N ARG A 53 7.47 4.52 -4.93
CA ARG A 53 8.44 4.72 -3.86
C ARG A 53 7.73 4.99 -2.54
N CYS A 54 6.70 5.82 -2.57
CA CYS A 54 5.95 6.15 -1.36
C CYS A 54 5.54 4.89 -0.61
N GLN A 55 5.46 3.78 -1.33
CA GLN A 55 5.08 2.51 -0.73
C GLN A 55 6.07 2.09 0.35
N THR A 56 7.34 2.44 0.14
CA THR A 56 8.38 2.10 1.10
C THR A 56 8.38 3.06 2.28
N LYS A 57 7.33 3.87 2.37
CA LYS A 57 7.20 4.83 3.46
C LYS A 57 6.02 4.48 4.36
N VAL A 58 4.97 3.91 3.76
CA VAL A 58 3.78 3.53 4.52
C VAL A 58 4.10 2.44 5.53
N ALA A 59 3.27 2.33 6.56
CA ALA A 59 3.46 1.34 7.61
C ALA A 59 3.02 -0.04 7.13
N ASN A 60 3.65 -1.08 7.66
CA ASN A 60 3.31 -2.46 7.29
C ASN A 60 2.17 -2.98 8.15
N LEU A 61 1.29 -2.09 8.58
CA LEU A 61 0.16 -2.47 9.41
C LEU A 61 -1.13 -2.51 8.58
N CYS A 62 -1.21 -3.46 7.67
CA CYS A 62 -2.39 -3.60 6.82
C CYS A 62 -3.38 -4.59 7.42
N GLY A 63 -4.47 -4.07 7.95
CA GLY A 63 -5.49 -4.92 8.56
C GLY A 63 -5.72 -4.58 10.02
N ILE A 64 -4.70 -4.05 10.67
CA ILE A 64 -4.80 -3.69 12.09
C ILE A 64 -5.86 -2.61 12.30
N ASN A 65 -6.10 -1.82 11.27
CA ASN A 65 -7.09 -0.74 11.35
C ASN A 65 -7.94 -0.70 10.08
ZN ZN B . -2.82 -2.48 2.72
ZN ZN C . 3.23 9.43 -3.37
N GLY A 1 -6.19 -19.37 4.61
CA GLY A 1 -4.98 -20.09 4.98
C GLY A 1 -4.08 -19.27 5.90
N SER A 2 -3.95 -19.70 7.14
CA SER A 2 -3.12 -19.00 8.12
C SER A 2 -2.00 -19.89 8.62
N SER A 3 -0.83 -19.29 8.84
CA SER A 3 0.34 -20.04 9.32
C SER A 3 1.42 -19.08 9.83
N GLY A 4 2.28 -19.59 10.70
CA GLY A 4 3.34 -18.77 11.25
C GLY A 4 3.67 -19.15 12.69
N SER A 5 4.10 -18.15 13.47
CA SER A 5 4.46 -18.38 14.86
C SER A 5 3.88 -17.28 15.75
N SER A 6 3.57 -17.64 16.99
CA SER A 6 3.01 -16.69 17.95
C SER A 6 4.10 -15.81 18.54
N GLY A 7 3.96 -14.49 18.37
CA GLY A 7 4.95 -13.57 18.90
C GLY A 7 4.77 -12.17 18.36
N LYS A 8 4.70 -12.05 17.03
CA LYS A 8 4.53 -10.74 16.39
C LYS A 8 3.89 -10.90 15.01
N ILE A 9 2.71 -10.31 14.84
CA ILE A 9 2.00 -10.38 13.57
C ILE A 9 2.24 -9.13 12.73
N ASP A 10 2.35 -9.31 11.43
CA ASP A 10 2.58 -8.19 10.51
C ASP A 10 1.94 -8.46 9.16
N MET A 11 1.17 -7.48 8.68
CA MET A 11 0.49 -7.61 7.39
C MET A 11 0.82 -6.43 6.48
N PRO A 12 1.80 -6.62 5.58
CA PRO A 12 2.24 -5.58 4.65
C PRO A 12 1.18 -5.30 3.58
N HIS A 13 1.27 -4.12 2.98
CA HIS A 13 0.33 -3.73 1.93
C HIS A 13 0.62 -4.46 0.63
N ARG A 14 -0.33 -5.28 0.20
CA ARG A 14 -0.16 -6.04 -1.04
C ARG A 14 -0.37 -5.15 -2.26
N PHE A 15 0.48 -4.15 -2.41
CA PHE A 15 0.38 -3.22 -3.52
C PHE A 15 0.56 -3.96 -4.85
N LYS A 16 -0.29 -3.63 -5.82
CA LYS A 16 -0.24 -4.25 -7.14
C LYS A 16 -0.44 -3.22 -8.25
N VAL A 17 0.52 -3.14 -9.15
CA VAL A 17 0.44 -2.19 -10.27
C VAL A 17 -0.89 -2.32 -11.01
N TYR A 18 -1.57 -1.19 -11.17
CA TYR A 18 -2.86 -1.18 -11.86
C TYR A 18 -3.06 0.14 -12.61
N ASN A 19 -4.00 0.14 -13.54
CA ASN A 19 -4.30 1.34 -14.33
C ASN A 19 -5.31 2.22 -13.62
N TYR A 20 -4.87 3.40 -13.20
CA TYR A 20 -5.74 4.34 -12.50
C TYR A 20 -6.88 4.80 -13.41
N LYS A 21 -8.01 5.17 -12.80
CA LYS A 21 -9.17 5.63 -13.55
C LYS A 21 -9.76 6.89 -12.91
N SER A 22 -9.04 7.46 -11.97
CA SER A 22 -9.48 8.67 -11.29
C SER A 22 -8.35 9.29 -10.47
N PRO A 23 -8.44 10.60 -10.25
CA PRO A 23 -7.44 11.35 -9.48
C PRO A 23 -7.45 11.00 -8.00
N THR A 24 -6.32 10.55 -7.48
CA THR A 24 -6.20 10.18 -6.08
C THR A 24 -5.18 11.04 -5.36
N PHE A 25 -5.23 11.03 -4.03
CA PHE A 25 -4.30 11.82 -3.23
C PHE A 25 -3.48 10.92 -2.31
N CYS A 26 -2.23 10.70 -2.66
CA CYS A 26 -1.34 9.85 -1.87
C CYS A 26 -1.55 10.09 -0.38
N GLU A 27 -1.75 9.01 0.37
CA GLU A 27 -1.97 9.11 1.81
C GLU A 27 -0.64 9.12 2.55
N HIS A 28 0.45 9.22 1.81
CA HIS A 28 1.78 9.24 2.41
C HIS A 28 2.45 10.60 2.20
N CYS A 29 2.84 10.87 0.95
CA CYS A 29 3.49 12.13 0.61
C CYS A 29 2.48 13.27 0.57
N GLY A 30 1.27 12.97 0.11
CA GLY A 30 0.24 13.99 0.03
C GLY A 30 0.27 14.75 -1.28
N THR A 31 0.48 14.04 -2.38
CA THR A 31 0.54 14.66 -3.70
C THR A 31 -0.18 13.81 -4.74
N LEU A 32 -0.56 14.45 -5.85
CA LEU A 32 -1.26 13.75 -6.92
C LEU A 32 -0.38 12.67 -7.53
N LEU A 33 -0.91 11.98 -8.54
CA LEU A 33 -0.17 10.91 -9.22
C LEU A 33 -0.91 10.43 -10.45
N TRP A 34 -0.24 10.47 -11.60
CA TRP A 34 -0.84 10.04 -12.85
C TRP A 34 0.20 10.00 -13.97
N GLY A 35 -0.03 9.15 -14.96
CA GLY A 35 0.89 9.04 -16.08
C GLY A 35 0.71 7.75 -16.85
N LEU A 36 1.76 6.93 -16.87
CA LEU A 36 1.72 5.65 -17.58
C LEU A 36 0.76 4.69 -16.91
N ALA A 37 0.31 3.68 -17.66
CA ALA A 37 -0.60 2.68 -17.13
C ALA A 37 -0.10 2.12 -15.81
N ARG A 38 1.16 1.69 -15.79
CA ARG A 38 1.76 1.13 -14.59
C ARG A 38 2.16 2.23 -13.62
N GLN A 39 1.25 3.15 -13.37
CA GLN A 39 1.51 4.27 -12.46
C GLN A 39 0.89 4.00 -11.09
N GLY A 40 1.56 4.47 -10.04
CA GLY A 40 1.05 4.28 -8.69
C GLY A 40 0.74 2.82 -8.40
N LEU A 41 0.29 2.56 -7.17
CA LEU A 41 -0.06 1.20 -6.78
C LEU A 41 -1.28 1.20 -5.86
N LYS A 42 -2.01 0.09 -5.87
CA LYS A 42 -3.21 -0.05 -5.05
C LYS A 42 -3.18 -1.36 -4.26
N CYS A 43 -3.15 -1.25 -2.94
CA CYS A 43 -3.14 -2.44 -2.09
C CYS A 43 -4.29 -3.38 -2.42
N ASP A 44 -4.02 -4.68 -2.38
CA ASP A 44 -5.04 -5.68 -2.68
C ASP A 44 -5.57 -6.31 -1.39
N ALA A 45 -5.17 -5.75 -0.26
CA ALA A 45 -5.61 -6.25 1.03
C ALA A 45 -6.55 -5.26 1.72
N CYS A 46 -6.00 -4.12 2.13
CA CYS A 46 -6.79 -3.09 2.80
C CYS A 46 -7.51 -2.20 1.78
N GLY A 47 -6.77 -1.78 0.76
CA GLY A 47 -7.35 -0.93 -0.27
C GLY A 47 -6.85 0.50 -0.18
N MET A 48 -5.55 0.69 -0.33
CA MET A 48 -4.95 2.02 -0.27
C MET A 48 -4.19 2.34 -1.54
N ASN A 49 -4.21 3.61 -1.95
CA ASN A 49 -3.52 4.04 -3.15
C ASN A 49 -2.32 4.94 -2.80
N VAL A 50 -1.15 4.54 -3.27
CA VAL A 50 0.07 5.30 -3.01
C VAL A 50 1.03 5.21 -4.19
N HIS A 51 2.03 6.09 -4.20
CA HIS A 51 3.02 6.11 -5.27
C HIS A 51 3.84 4.82 -5.28
N HIS A 52 4.80 4.74 -6.19
CA HIS A 52 5.65 3.56 -6.29
C HIS A 52 6.69 3.54 -5.17
N ARG A 53 7.22 4.72 -4.84
CA ARG A 53 8.22 4.83 -3.79
C ARG A 53 7.56 5.04 -2.43
N CYS A 54 6.51 5.85 -2.41
CA CYS A 54 5.79 6.13 -1.18
C CYS A 54 5.33 4.85 -0.50
N GLN A 55 5.24 3.77 -1.28
CA GLN A 55 4.83 2.48 -0.76
C GLN A 55 5.83 1.95 0.26
N THR A 56 7.11 1.99 -0.10
CA THR A 56 8.17 1.51 0.78
C THR A 56 8.34 2.44 1.97
N LYS A 57 7.55 3.51 2.02
CA LYS A 57 7.62 4.47 3.11
C LYS A 57 6.49 4.25 4.11
N VAL A 58 5.39 3.68 3.63
CA VAL A 58 4.23 3.41 4.48
C VAL A 58 4.53 2.30 5.47
N ALA A 59 3.92 2.38 6.65
CA ALA A 59 4.11 1.38 7.68
C ALA A 59 3.50 0.04 7.29
N ASN A 60 4.04 -1.05 7.83
CA ASN A 60 3.54 -2.38 7.53
C ASN A 60 2.31 -2.71 8.36
N LEU A 61 1.31 -1.83 8.31
CA LEU A 61 0.09 -2.02 9.07
C LEU A 61 -1.12 -2.06 8.13
N CYS A 62 -1.27 -3.16 7.40
CA CYS A 62 -2.39 -3.32 6.48
C CYS A 62 -3.63 -3.80 7.20
N GLY A 63 -4.64 -2.95 7.28
CA GLY A 63 -5.88 -3.31 7.96
C GLY A 63 -5.65 -3.74 9.39
N ILE A 64 -4.55 -3.29 9.98
CA ILE A 64 -4.22 -3.64 11.35
C ILE A 64 -5.15 -2.95 12.33
N ASN A 65 -5.74 -1.83 11.90
CA ASN A 65 -6.65 -1.07 12.74
C ASN A 65 -7.75 -1.97 13.30
ZN ZN B . -2.77 -2.51 2.69
ZN ZN C . 3.14 9.60 -2.85
N GLY A 1 0.56 -32.06 20.60
CA GLY A 1 -0.17 -31.03 19.87
C GLY A 1 0.52 -30.64 18.58
N SER A 2 0.34 -29.39 18.16
CA SER A 2 0.95 -28.90 16.94
C SER A 2 1.91 -27.74 17.23
N SER A 3 2.75 -27.41 16.25
CA SER A 3 3.72 -26.33 16.40
C SER A 3 3.09 -24.99 16.02
N GLY A 4 3.71 -23.91 16.51
CA GLY A 4 3.21 -22.58 16.21
C GLY A 4 4.23 -21.50 16.47
N SER A 5 4.58 -20.75 15.44
CA SER A 5 5.57 -19.68 15.57
C SER A 5 5.05 -18.56 16.47
N SER A 6 5.64 -18.45 17.66
CA SER A 6 5.23 -17.44 18.63
C SER A 6 6.10 -16.20 18.51
N GLY A 7 5.73 -15.30 17.60
CA GLY A 7 6.50 -14.08 17.41
C GLY A 7 5.64 -12.94 16.89
N LYS A 8 6.29 -11.83 16.55
CA LYS A 8 5.58 -10.66 16.05
C LYS A 8 5.24 -10.82 14.57
N ILE A 9 4.01 -10.43 14.20
CA ILE A 9 3.57 -10.53 12.83
C ILE A 9 3.50 -9.16 12.17
N ASP A 10 3.40 -9.13 10.85
CA ASP A 10 3.32 -7.88 10.10
C ASP A 10 2.78 -8.13 8.69
N MET A 11 1.60 -7.59 8.41
CA MET A 11 0.98 -7.74 7.10
C MET A 11 1.12 -6.47 6.28
N PRO A 12 2.13 -6.42 5.41
CA PRO A 12 2.40 -5.27 4.54
C PRO A 12 1.34 -5.10 3.47
N HIS A 13 1.21 -3.88 2.96
CA HIS A 13 0.23 -3.58 1.92
C HIS A 13 0.60 -4.29 0.62
N ARG A 14 -0.32 -5.12 0.12
CA ARG A 14 -0.10 -5.85 -1.12
C ARG A 14 -0.26 -4.94 -2.33
N PHE A 15 0.45 -3.82 -2.32
CA PHE A 15 0.39 -2.87 -3.42
C PHE A 15 0.62 -3.56 -4.76
N LYS A 16 -0.25 -3.28 -5.73
CA LYS A 16 -0.13 -3.87 -7.05
C LYS A 16 -0.42 -2.83 -8.13
N VAL A 17 0.43 -2.80 -9.17
CA VAL A 17 0.27 -1.87 -10.26
C VAL A 17 -1.12 -1.99 -10.89
N TYR A 18 -1.83 -0.87 -10.96
CA TYR A 18 -3.17 -0.87 -11.54
C TYR A 18 -3.41 0.41 -12.34
N ASN A 19 -4.09 0.27 -13.47
CA ASN A 19 -4.38 1.41 -14.34
C ASN A 19 -5.83 1.88 -14.15
N TYR A 20 -5.98 3.07 -13.56
CA TYR A 20 -7.30 3.63 -13.32
C TYR A 20 -7.47 4.97 -14.03
N LYS A 21 -8.71 5.37 -14.26
CA LYS A 21 -9.01 6.63 -14.93
C LYS A 21 -9.24 7.74 -13.91
N SER A 22 -10.22 7.54 -13.04
CA SER A 22 -10.54 8.53 -12.01
C SER A 22 -9.28 9.07 -11.36
N PRO A 23 -9.35 10.32 -10.89
CA PRO A 23 -8.22 11.00 -10.23
C PRO A 23 -7.91 10.40 -8.87
N THR A 24 -6.72 9.81 -8.74
CA THR A 24 -6.29 9.21 -7.49
C THR A 24 -5.09 9.93 -6.90
N PHE A 25 -5.15 10.24 -5.62
CA PHE A 25 -4.07 10.93 -4.94
C PHE A 25 -3.36 10.00 -3.95
N CYS A 26 -2.09 10.27 -3.69
CA CYS A 26 -1.31 9.47 -2.76
C CYS A 26 -1.76 9.70 -1.32
N GLU A 27 -1.87 8.60 -0.56
CA GLU A 27 -2.29 8.68 0.83
C GLU A 27 -1.09 8.90 1.75
N HIS A 28 0.06 9.16 1.16
CA HIS A 28 1.28 9.39 1.92
C HIS A 28 1.86 10.77 1.63
N CYS A 29 2.35 10.95 0.41
CA CYS A 29 2.93 12.24 0.01
C CYS A 29 1.84 13.25 -0.31
N GLY A 30 0.61 12.77 -0.45
CA GLY A 30 -0.50 13.65 -0.75
C GLY A 30 -0.27 14.47 -2.02
N THR A 31 0.05 13.78 -3.11
CA THR A 31 0.30 14.44 -4.38
C THR A 31 -0.34 13.67 -5.53
N LEU A 32 -0.59 14.36 -6.64
CA LEU A 32 -1.19 13.73 -7.82
C LEU A 32 -0.28 12.66 -8.40
N LEU A 33 -0.82 11.85 -9.28
CA LEU A 33 -0.06 10.78 -9.92
C LEU A 33 0.11 11.04 -11.41
N TRP A 34 0.76 10.10 -12.10
CA TRP A 34 0.98 10.24 -13.54
C TRP A 34 1.07 8.87 -14.20
N GLY A 35 1.36 8.86 -15.50
CA GLY A 35 1.46 7.61 -16.23
C GLY A 35 0.19 7.27 -16.98
N LEU A 36 0.26 6.23 -17.81
CA LEU A 36 -0.90 5.80 -18.60
C LEU A 36 -1.42 4.46 -18.11
N ALA A 37 -0.51 3.49 -18.00
CA ALA A 37 -0.88 2.15 -17.55
C ALA A 37 -0.42 1.91 -16.11
N ARG A 38 0.89 1.91 -15.92
CA ARG A 38 1.46 1.70 -14.60
C ARG A 38 1.32 2.94 -13.72
N GLN A 39 0.08 3.23 -13.32
CA GLN A 39 -0.20 4.39 -12.49
C GLN A 39 -0.18 4.02 -11.01
N GLY A 40 0.94 4.29 -10.34
CA GLY A 40 1.06 3.98 -8.93
C GLY A 40 0.67 2.55 -8.62
N LEU A 41 0.46 2.26 -7.33
CA LEU A 41 0.09 0.92 -6.91
C LEU A 41 -1.18 0.96 -6.06
N LYS A 42 -1.81 -0.20 -5.90
CA LYS A 42 -3.03 -0.30 -5.11
C LYS A 42 -3.03 -1.58 -4.27
N CYS A 43 -3.18 -1.42 -2.96
CA CYS A 43 -3.19 -2.56 -2.05
C CYS A 43 -4.38 -3.48 -2.34
N ASP A 44 -4.10 -4.77 -2.43
CA ASP A 44 -5.13 -5.75 -2.71
C ASP A 44 -5.66 -6.37 -1.42
N ALA A 45 -5.37 -5.72 -0.30
CA ALA A 45 -5.82 -6.19 1.00
C ALA A 45 -6.79 -5.21 1.65
N CYS A 46 -6.29 -4.02 2.00
CA CYS A 46 -7.10 -3.00 2.62
C CYS A 46 -7.77 -2.12 1.57
N GLY A 47 -6.97 -1.68 0.59
CA GLY A 47 -7.50 -0.84 -0.47
C GLY A 47 -6.95 0.58 -0.39
N MET A 48 -5.65 0.73 -0.60
CA MET A 48 -5.01 2.04 -0.56
C MET A 48 -4.23 2.30 -1.85
N ASN A 49 -4.07 3.57 -2.20
CA ASN A 49 -3.35 3.95 -3.40
C ASN A 49 -2.11 4.78 -3.05
N VAL A 50 -0.93 4.23 -3.34
CA VAL A 50 0.32 4.92 -3.06
C VAL A 50 1.29 4.80 -4.24
N HIS A 51 2.26 5.69 -4.28
CA HIS A 51 3.25 5.70 -5.36
C HIS A 51 4.12 4.44 -5.29
N HIS A 52 5.12 4.37 -6.17
CA HIS A 52 6.02 3.23 -6.21
C HIS A 52 7.03 3.29 -5.06
N ARG A 53 7.51 4.50 -4.77
CA ARG A 53 8.47 4.70 -3.70
C ARG A 53 7.77 4.96 -2.37
N CYS A 54 6.79 5.86 -2.39
CA CYS A 54 6.04 6.21 -1.19
C CYS A 54 5.64 4.95 -0.41
N GLN A 55 5.56 3.84 -1.11
CA GLN A 55 5.20 2.56 -0.49
C GLN A 55 6.16 2.23 0.64
N THR A 56 7.46 2.39 0.38
CA THR A 56 8.48 2.09 1.36
C THR A 56 8.37 3.02 2.57
N LYS A 57 7.49 4.01 2.47
CA LYS A 57 7.28 4.96 3.55
C LYS A 57 6.12 4.53 4.44
N VAL A 58 5.14 3.86 3.85
CA VAL A 58 3.97 3.39 4.58
C VAL A 58 4.33 2.21 5.49
N ALA A 59 3.98 2.33 6.77
CA ALA A 59 4.27 1.28 7.73
C ALA A 59 3.85 -0.08 7.20
N ASN A 60 4.17 -1.14 7.94
CA ASN A 60 3.83 -2.50 7.54
C ASN A 60 2.59 -2.98 8.30
N LEU A 61 1.57 -2.13 8.35
CA LEU A 61 0.34 -2.48 9.05
C LEU A 61 -0.87 -2.33 8.11
N CYS A 62 -1.25 -3.43 7.47
CA CYS A 62 -2.39 -3.41 6.55
C CYS A 62 -3.66 -3.85 7.27
N GLY A 63 -4.61 -2.92 7.36
CA GLY A 63 -5.88 -3.21 8.03
C GLY A 63 -5.79 -3.05 9.53
N ILE A 64 -4.60 -3.27 10.09
CA ILE A 64 -4.39 -3.14 11.52
C ILE A 64 -4.33 -1.69 11.94
N ASN A 65 -3.88 -0.82 11.03
CA ASN A 65 -3.78 0.60 11.31
C ASN A 65 -4.11 1.42 10.06
ZN ZN B . -2.98 -2.51 2.74
ZN ZN C . 3.26 9.42 -3.26
N GLY A 1 9.57 -17.92 36.25
CA GLY A 1 10.65 -17.49 35.38
C GLY A 1 10.41 -17.84 33.93
N SER A 2 9.63 -18.90 33.70
CA SER A 2 9.32 -19.33 32.34
C SER A 2 9.09 -18.14 31.42
N SER A 3 9.77 -18.14 30.28
CA SER A 3 9.65 -17.06 29.31
C SER A 3 8.90 -17.52 28.07
N GLY A 4 7.57 -17.37 28.10
CA GLY A 4 6.75 -17.78 26.97
C GLY A 4 7.03 -16.95 25.73
N SER A 5 7.07 -17.62 24.58
CA SER A 5 7.34 -16.94 23.31
C SER A 5 6.09 -16.23 22.80
N SER A 6 6.29 -15.09 22.15
CA SER A 6 5.17 -14.32 21.62
C SER A 6 5.65 -13.34 20.56
N GLY A 7 5.04 -13.42 19.37
CA GLY A 7 5.42 -12.54 18.29
C GLY A 7 4.22 -12.00 17.54
N LYS A 8 4.12 -10.68 17.45
CA LYS A 8 3.01 -10.03 16.75
C LYS A 8 3.15 -10.20 15.24
N ILE A 9 2.01 -10.39 14.57
CA ILE A 9 2.01 -10.57 13.12
C ILE A 9 1.84 -9.23 12.41
N ASP A 10 2.50 -9.09 11.27
CA ASP A 10 2.43 -7.86 10.49
C ASP A 10 1.88 -8.13 9.09
N MET A 11 0.93 -7.31 8.66
CA MET A 11 0.33 -7.46 7.35
C MET A 11 0.80 -6.37 6.39
N PRO A 12 1.82 -6.70 5.57
CA PRO A 12 2.38 -5.76 4.60
C PRO A 12 1.43 -5.46 3.45
N HIS A 13 1.18 -4.18 3.21
CA HIS A 13 0.29 -3.76 2.14
C HIS A 13 0.62 -4.49 0.84
N ARG A 14 -0.31 -5.30 0.36
CA ARG A 14 -0.12 -6.05 -0.87
C ARG A 14 -0.25 -5.13 -2.08
N PHE A 15 0.65 -4.15 -2.18
CA PHE A 15 0.64 -3.21 -3.29
C PHE A 15 0.65 -3.95 -4.62
N LYS A 16 -0.13 -3.44 -5.57
CA LYS A 16 -0.20 -4.05 -6.90
C LYS A 16 -0.48 -2.99 -7.96
N VAL A 17 0.35 -2.97 -9.00
CA VAL A 17 0.19 -2.01 -10.09
C VAL A 17 -1.21 -2.09 -10.69
N TYR A 18 -1.91 -0.96 -10.72
CA TYR A 18 -3.25 -0.92 -11.28
C TYR A 18 -3.42 0.29 -12.20
N ASN A 19 -4.10 0.07 -13.32
CA ASN A 19 -4.33 1.14 -14.29
C ASN A 19 -5.74 1.71 -14.15
N TYR A 20 -5.84 2.83 -13.43
CA TYR A 20 -7.13 3.48 -13.22
C TYR A 20 -7.09 4.94 -13.66
N LYS A 21 -7.95 5.28 -14.61
CA LYS A 21 -8.02 6.65 -15.13
C LYS A 21 -8.87 7.53 -14.23
N SER A 22 -8.39 7.79 -13.01
CA SER A 22 -9.11 8.61 -12.06
C SER A 22 -8.14 9.49 -11.26
N PRO A 23 -8.60 10.71 -10.93
CA PRO A 23 -7.80 11.67 -10.17
C PRO A 23 -7.60 11.24 -8.72
N THR A 24 -6.69 10.30 -8.51
CA THR A 24 -6.39 9.80 -7.17
C THR A 24 -5.21 10.53 -6.56
N PHE A 25 -5.29 10.79 -5.25
CA PHE A 25 -4.22 11.48 -4.54
C PHE A 25 -3.51 10.54 -3.58
N CYS A 26 -2.19 10.49 -3.67
CA CYS A 26 -1.38 9.63 -2.80
C CYS A 26 -1.82 9.78 -1.35
N GLU A 27 -1.87 8.65 -0.64
CA GLU A 27 -2.26 8.65 0.76
C GLU A 27 -1.05 8.78 1.68
N HIS A 28 0.13 8.93 1.07
CA HIS A 28 1.37 9.06 1.83
C HIS A 28 1.93 10.47 1.71
N CYS A 29 2.48 10.78 0.53
CA CYS A 29 3.06 12.10 0.28
C CYS A 29 1.96 13.14 0.06
N GLY A 30 0.83 12.70 -0.50
CA GLY A 30 -0.27 13.61 -0.74
C GLY A 30 -0.02 14.52 -1.93
N THR A 31 0.32 13.92 -3.07
CA THR A 31 0.59 14.69 -4.28
C THR A 31 -0.05 14.03 -5.50
N LEU A 32 -0.74 14.83 -6.30
CA LEU A 32 -1.41 14.33 -7.50
C LEU A 32 -0.60 13.21 -8.14
N LEU A 33 -1.24 12.07 -8.37
CA LEU A 33 -0.57 10.92 -8.98
C LEU A 33 -0.22 11.22 -10.43
N TRP A 34 1.00 10.86 -10.83
CA TRP A 34 1.46 11.08 -12.19
C TRP A 34 0.31 10.92 -13.18
N GLY A 35 -0.08 9.67 -13.43
CA GLY A 35 -1.17 9.40 -14.36
C GLY A 35 -0.73 8.56 -15.53
N LEU A 36 -0.17 7.38 -15.24
CA LEU A 36 0.29 6.48 -16.28
C LEU A 36 -0.26 5.07 -16.07
N ALA A 37 -0.15 4.23 -17.10
CA ALA A 37 -0.64 2.85 -17.02
C ALA A 37 -0.29 2.23 -15.67
N ARG A 38 0.77 2.73 -15.04
CA ARG A 38 1.20 2.22 -13.74
C ARG A 38 0.73 3.13 -12.62
N GLN A 39 -0.46 3.71 -12.79
CA GLN A 39 -1.02 4.61 -11.78
C GLN A 39 -0.67 4.14 -10.37
N GLY A 40 0.42 4.67 -9.82
CA GLY A 40 0.84 4.30 -8.49
C GLY A 40 0.55 2.84 -8.19
N LEU A 41 0.29 2.53 -6.92
CA LEU A 41 0.01 1.16 -6.50
C LEU A 41 -1.25 1.11 -5.63
N LYS A 42 -2.05 0.06 -5.82
CA LYS A 42 -3.27 -0.11 -5.05
C LYS A 42 -3.22 -1.40 -4.24
N CYS A 43 -3.01 -1.27 -2.93
CA CYS A 43 -2.95 -2.42 -2.05
C CYS A 43 -4.12 -3.37 -2.30
N ASP A 44 -3.81 -4.60 -2.70
CA ASP A 44 -4.84 -5.59 -2.96
C ASP A 44 -5.42 -6.13 -1.67
N ALA A 45 -5.00 -5.56 -0.55
CA ALA A 45 -5.49 -5.98 0.76
C ALA A 45 -6.51 -5.00 1.31
N CYS A 46 -6.02 -3.85 1.76
CA CYS A 46 -6.90 -2.82 2.31
C CYS A 46 -7.54 -2.01 1.21
N GLY A 47 -6.74 -1.59 0.23
CA GLY A 47 -7.26 -0.81 -0.88
C GLY A 47 -6.78 0.63 -0.84
N MET A 48 -5.50 0.82 -0.59
CA MET A 48 -4.92 2.16 -0.52
C MET A 48 -4.09 2.46 -1.76
N ASN A 49 -4.13 3.72 -2.20
CA ASN A 49 -3.38 4.13 -3.38
C ASN A 49 -2.16 4.95 -3.00
N VAL A 50 -0.97 4.42 -3.31
CA VAL A 50 0.27 5.10 -3.00
C VAL A 50 1.27 4.96 -4.14
N HIS A 51 2.14 5.97 -4.29
CA HIS A 51 3.14 5.95 -5.35
C HIS A 51 3.99 4.69 -5.27
N HIS A 52 5.01 4.62 -6.12
CA HIS A 52 5.90 3.46 -6.16
C HIS A 52 6.96 3.57 -5.07
N ARG A 53 7.40 4.79 -4.79
CA ARG A 53 8.42 5.02 -3.77
C ARG A 53 7.77 5.35 -2.42
N CYS A 54 6.55 5.86 -2.46
CA CYS A 54 5.83 6.21 -1.24
C CYS A 54 5.37 4.96 -0.50
N GLN A 55 5.19 3.87 -1.25
CA GLN A 55 4.75 2.62 -0.66
C GLN A 55 5.79 2.09 0.32
N THR A 56 7.06 2.25 -0.01
CA THR A 56 8.14 1.79 0.84
C THR A 56 8.31 2.70 2.06
N LYS A 57 7.55 3.78 2.08
CA LYS A 57 7.61 4.73 3.19
C LYS A 57 6.48 4.50 4.18
N VAL A 58 5.54 3.64 3.79
CA VAL A 58 4.40 3.32 4.66
C VAL A 58 4.76 2.23 5.65
N ALA A 59 3.92 2.05 6.66
CA ALA A 59 4.14 1.05 7.69
C ALA A 59 3.53 -0.29 7.28
N ASN A 60 4.06 -1.37 7.85
CA ASN A 60 3.56 -2.71 7.54
C ASN A 60 2.36 -3.06 8.42
N LEU A 61 1.33 -2.22 8.36
CA LEU A 61 0.12 -2.44 9.15
C LEU A 61 -1.13 -2.31 8.28
N CYS A 62 -1.45 -3.38 7.56
CA CYS A 62 -2.62 -3.40 6.69
C CYS A 62 -3.84 -3.91 7.44
N GLY A 63 -4.79 -3.03 7.69
CA GLY A 63 -6.00 -3.40 8.39
C GLY A 63 -5.94 -3.10 9.88
N ILE A 64 -4.72 -3.06 10.41
CA ILE A 64 -4.52 -2.79 11.83
C ILE A 64 -5.36 -1.60 12.27
N ASN A 65 -5.64 -0.69 11.34
CA ASN A 65 -6.43 0.50 11.65
C ASN A 65 -7.86 0.11 12.02
ZN ZN B . -2.87 -2.43 2.64
ZN ZN C . 3.20 9.59 -3.12
N GLY A 1 23.52 -20.68 28.80
CA GLY A 1 22.38 -21.09 28.00
C GLY A 1 21.09 -20.40 28.43
N SER A 2 20.47 -19.69 27.50
CA SER A 2 19.23 -18.98 27.78
C SER A 2 18.34 -18.91 26.54
N SER A 3 17.07 -18.64 26.76
CA SER A 3 16.11 -18.55 25.65
C SER A 3 16.40 -17.33 24.78
N GLY A 4 16.62 -17.59 23.49
CA GLY A 4 16.90 -16.50 22.57
C GLY A 4 15.99 -16.52 21.35
N SER A 5 14.85 -15.85 21.47
CA SER A 5 13.89 -15.80 20.37
C SER A 5 13.11 -14.49 20.39
N SER A 6 13.03 -13.83 19.23
CA SER A 6 12.31 -12.57 19.12
C SER A 6 11.88 -12.31 17.68
N GLY A 7 10.76 -11.62 17.52
CA GLY A 7 10.26 -11.33 16.19
C GLY A 7 8.74 -11.25 16.14
N LYS A 8 8.22 -10.11 15.74
CA LYS A 8 6.78 -9.91 15.65
C LYS A 8 6.30 -9.99 14.21
N ILE A 9 5.12 -10.55 14.01
CA ILE A 9 4.55 -10.70 12.68
C ILE A 9 3.49 -9.63 12.42
N ASP A 10 3.59 -8.97 11.27
CA ASP A 10 2.64 -7.92 10.90
C ASP A 10 2.06 -8.19 9.52
N MET A 11 1.19 -7.29 9.07
CA MET A 11 0.55 -7.43 7.76
C MET A 11 0.82 -6.21 6.89
N PRO A 12 1.84 -6.31 6.02
CA PRO A 12 2.22 -5.22 5.12
C PRO A 12 1.18 -4.98 4.02
N HIS A 13 1.34 -3.88 3.30
CA HIS A 13 0.42 -3.53 2.22
C HIS A 13 0.82 -4.22 0.92
N ARG A 14 -0.07 -5.06 0.41
CA ARG A 14 0.20 -5.78 -0.83
C ARG A 14 -0.04 -4.89 -2.04
N PHE A 15 0.69 -3.78 -2.11
CA PHE A 15 0.56 -2.84 -3.22
C PHE A 15 0.78 -3.54 -4.55
N LYS A 16 -0.19 -3.40 -5.45
CA LYS A 16 -0.11 -4.01 -6.78
C LYS A 16 -0.43 -2.99 -7.87
N VAL A 17 0.40 -2.98 -8.91
CA VAL A 17 0.20 -2.05 -10.02
C VAL A 17 -1.22 -2.14 -10.56
N TYR A 18 -1.84 -0.99 -10.81
CA TYR A 18 -3.20 -0.94 -11.32
C TYR A 18 -3.38 0.23 -12.29
N ASN A 19 -4.36 0.12 -13.16
CA ASN A 19 -4.64 1.17 -14.14
C ASN A 19 -5.52 2.26 -13.55
N TYR A 20 -4.94 3.42 -13.33
CA TYR A 20 -5.69 4.55 -12.76
C TYR A 20 -7.00 4.77 -13.49
N LYS A 21 -8.08 4.89 -12.74
CA LYS A 21 -9.40 5.10 -13.31
C LYS A 21 -10.15 6.20 -12.58
N SER A 22 -9.43 6.94 -11.73
CA SER A 22 -10.02 8.03 -10.96
C SER A 22 -8.94 8.88 -10.31
N PRO A 23 -9.24 10.18 -10.14
CA PRO A 23 -8.31 11.14 -9.53
C PRO A 23 -8.11 10.88 -8.04
N THR A 24 -7.30 9.89 -7.72
CA THR A 24 -7.02 9.54 -6.32
C THR A 24 -5.72 10.16 -5.84
N PHE A 25 -5.69 10.59 -4.59
CA PHE A 25 -4.50 11.19 -4.01
C PHE A 25 -3.75 10.19 -3.12
N CYS A 26 -2.44 10.37 -3.02
CA CYS A 26 -1.62 9.48 -2.21
C CYS A 26 -2.04 9.55 -0.74
N GLU A 27 -2.09 8.40 -0.09
CA GLU A 27 -2.48 8.32 1.32
C GLU A 27 -1.24 8.38 2.22
N HIS A 28 -0.07 8.41 1.61
CA HIS A 28 1.19 8.46 2.36
C HIS A 28 1.75 9.88 2.38
N CYS A 29 2.23 10.32 1.21
CA CYS A 29 2.80 11.66 1.09
C CYS A 29 1.70 12.72 1.02
N GLY A 30 0.49 12.28 0.69
CA GLY A 30 -0.63 13.21 0.60
C GLY A 30 -0.51 14.14 -0.58
N THR A 31 -0.14 13.59 -1.73
CA THR A 31 0.01 14.39 -2.95
C THR A 31 -0.49 13.64 -4.17
N LEU A 32 -0.98 14.38 -5.15
CA LEU A 32 -1.50 13.78 -6.38
C LEU A 32 -0.41 13.00 -7.12
N LEU A 33 -0.83 12.01 -7.91
CA LEU A 33 0.11 11.20 -8.66
C LEU A 33 -0.23 11.22 -10.14
N TRP A 34 -0.31 12.41 -10.72
CA TRP A 34 -0.63 12.57 -12.13
C TRP A 34 0.06 11.49 -12.96
N GLY A 35 -0.65 10.40 -13.22
CA GLY A 35 -0.08 9.31 -14.00
C GLY A 35 -1.07 8.20 -14.25
N LEU A 36 -1.06 7.64 -15.44
CA LEU A 36 -1.97 6.55 -15.80
C LEU A 36 -1.22 5.45 -16.54
N ALA A 37 -1.91 4.33 -16.78
CA ALA A 37 -1.32 3.20 -17.48
C ALA A 37 -0.29 2.48 -16.60
N ARG A 38 -0.67 2.21 -15.36
CA ARG A 38 0.22 1.53 -14.42
C ARG A 38 1.30 2.48 -13.91
N GLN A 39 0.88 3.66 -13.45
CA GLN A 39 1.81 4.65 -12.94
C GLN A 39 1.81 4.67 -11.41
N GLY A 40 0.92 3.88 -10.82
CA GLY A 40 0.83 3.82 -9.37
C GLY A 40 0.61 2.40 -8.86
N LEU A 41 0.20 2.29 -7.61
CA LEU A 41 -0.05 0.98 -7.00
C LEU A 41 -1.32 1.00 -6.16
N LYS A 42 -1.89 -0.17 -5.91
CA LYS A 42 -3.11 -0.29 -5.13
C LYS A 42 -3.06 -1.53 -4.25
N CYS A 43 -3.03 -1.32 -2.94
CA CYS A 43 -3.00 -2.43 -1.99
C CYS A 43 -4.21 -3.34 -2.17
N ASP A 44 -3.94 -4.60 -2.49
CA ASP A 44 -5.01 -5.58 -2.69
C ASP A 44 -5.46 -6.18 -1.36
N ALA A 45 -4.87 -5.69 -0.27
CA ALA A 45 -5.20 -6.18 1.06
C ALA A 45 -6.25 -5.29 1.72
N CYS A 46 -5.93 -4.00 1.85
CA CYS A 46 -6.84 -3.04 2.46
C CYS A 46 -7.49 -2.17 1.40
N GLY A 47 -6.75 -1.86 0.35
CA GLY A 47 -7.28 -1.03 -0.71
C GLY A 47 -6.85 0.42 -0.60
N MET A 48 -5.59 0.68 -0.92
CA MET A 48 -5.05 2.04 -0.83
C MET A 48 -4.15 2.33 -2.04
N ASN A 49 -4.24 3.55 -2.55
CA ASN A 49 -3.45 3.96 -3.70
C ASN A 49 -2.32 4.89 -3.28
N VAL A 50 -1.08 4.50 -3.58
CA VAL A 50 0.09 5.29 -3.24
C VAL A 50 1.11 5.29 -4.36
N HIS A 51 2.06 6.21 -4.29
CA HIS A 51 3.11 6.31 -5.30
C HIS A 51 3.91 5.03 -5.38
N HIS A 52 4.87 4.99 -6.30
CA HIS A 52 5.72 3.81 -6.48
C HIS A 52 6.73 3.70 -5.34
N ARG A 53 7.16 4.85 -4.81
CA ARG A 53 8.13 4.88 -3.73
C ARG A 53 7.42 4.95 -2.38
N CYS A 54 6.45 5.85 -2.27
CA CYS A 54 5.69 6.02 -1.03
C CYS A 54 5.27 4.68 -0.46
N GLN A 55 5.18 3.67 -1.32
CA GLN A 55 4.79 2.33 -0.89
C GLN A 55 5.77 1.78 0.14
N THR A 56 7.06 1.89 -0.16
CA THR A 56 8.10 1.41 0.74
C THR A 56 8.18 2.27 2.00
N LYS A 57 7.53 3.43 1.96
CA LYS A 57 7.53 4.34 3.10
C LYS A 57 6.44 3.98 4.09
N VAL A 58 5.31 3.48 3.57
CA VAL A 58 4.19 3.10 4.41
C VAL A 58 4.57 1.97 5.35
N ALA A 59 4.05 2.03 6.57
CA ALA A 59 4.33 0.99 7.57
C ALA A 59 3.66 -0.32 7.22
N ASN A 60 3.96 -1.36 8.00
CA ASN A 60 3.39 -2.68 7.75
C ASN A 60 2.14 -2.88 8.60
N LEU A 61 1.23 -1.93 8.55
CA LEU A 61 -0.02 -2.01 9.31
C LEU A 61 -1.23 -2.02 8.38
N CYS A 62 -1.45 -3.16 7.72
CA CYS A 62 -2.56 -3.30 6.81
C CYS A 62 -3.77 -3.91 7.51
N GLY A 63 -4.85 -3.15 7.60
CA GLY A 63 -6.06 -3.64 8.26
C GLY A 63 -6.05 -3.37 9.75
N ILE A 64 -4.94 -2.84 10.25
CA ILE A 64 -4.82 -2.54 11.67
C ILE A 64 -5.91 -1.57 12.12
N ASN A 65 -6.49 -0.85 11.17
CA ASN A 65 -7.55 0.11 11.47
C ASN A 65 -8.92 -0.56 11.40
ZN ZN B . -2.83 -2.42 2.79
ZN ZN C . 2.98 9.55 -2.63
N GLY A 1 8.26 -27.77 33.74
CA GLY A 1 8.06 -26.34 33.68
C GLY A 1 8.45 -25.75 32.34
N SER A 2 7.45 -25.40 31.54
CA SER A 2 7.69 -24.82 30.23
C SER A 2 7.10 -23.42 30.13
N SER A 3 7.28 -22.78 28.97
CA SER A 3 6.76 -21.45 28.75
C SER A 3 6.19 -21.30 27.33
N GLY A 4 5.59 -20.15 27.06
CA GLY A 4 5.02 -19.92 25.74
C GLY A 4 5.47 -18.60 25.14
N SER A 5 5.31 -18.46 23.83
CA SER A 5 5.71 -17.24 23.14
C SER A 5 4.60 -16.76 22.21
N SER A 6 4.37 -15.44 22.20
CA SER A 6 3.34 -14.85 21.36
C SER A 6 3.80 -13.50 20.81
N GLY A 7 3.85 -13.40 19.49
CA GLY A 7 4.27 -12.16 18.86
C GLY A 7 3.38 -11.76 17.70
N LYS A 8 3.22 -10.46 17.49
CA LYS A 8 2.39 -9.96 16.41
C LYS A 8 3.15 -9.96 15.08
N ILE A 9 2.59 -10.64 14.09
CA ILE A 9 3.21 -10.73 12.78
C ILE A 9 3.18 -9.38 12.07
N ASP A 10 3.74 -9.34 10.86
CA ASP A 10 3.77 -8.10 10.08
C ASP A 10 3.12 -8.32 8.70
N MET A 11 2.01 -7.63 8.47
CA MET A 11 1.30 -7.76 7.20
C MET A 11 1.48 -6.49 6.36
N PRO A 12 2.43 -6.53 5.42
CA PRO A 12 2.73 -5.40 4.54
C PRO A 12 1.61 -5.16 3.52
N HIS A 13 1.49 -3.92 3.07
CA HIS A 13 0.46 -3.55 2.10
C HIS A 13 0.72 -4.23 0.76
N ARG A 14 -0.21 -5.09 0.36
CA ARG A 14 -0.09 -5.82 -0.90
C ARG A 14 -0.35 -4.90 -2.09
N PHE A 15 0.52 -3.91 -2.26
CA PHE A 15 0.38 -2.95 -3.36
C PHE A 15 0.62 -3.63 -4.70
N LYS A 16 -0.35 -3.49 -5.61
CA LYS A 16 -0.24 -4.08 -6.94
C LYS A 16 -0.48 -3.04 -8.02
N VAL A 17 0.31 -3.12 -9.09
CA VAL A 17 0.18 -2.18 -10.20
C VAL A 17 -1.20 -2.26 -10.83
N TYR A 18 -1.81 -1.10 -11.04
CA TYR A 18 -3.14 -1.03 -11.64
C TYR A 18 -3.30 0.23 -12.48
N ASN A 19 -4.20 0.19 -13.45
CA ASN A 19 -4.46 1.34 -14.31
C ASN A 19 -5.49 2.27 -13.69
N TYR A 20 -5.16 3.55 -13.61
CA TYR A 20 -6.06 4.54 -13.03
C TYR A 20 -6.65 5.43 -14.12
N LYS A 21 -7.97 5.37 -14.27
CA LYS A 21 -8.66 6.17 -15.27
C LYS A 21 -9.14 7.49 -14.68
N SER A 22 -8.44 7.95 -13.64
CA SER A 22 -8.79 9.20 -12.98
C SER A 22 -7.72 9.61 -11.98
N PRO A 23 -7.65 10.91 -11.68
CA PRO A 23 -6.67 11.46 -10.73
C PRO A 23 -6.96 11.04 -9.29
N THR A 24 -5.90 10.72 -8.55
CA THR A 24 -6.04 10.30 -7.17
C THR A 24 -4.94 10.90 -6.29
N PHE A 25 -5.19 10.94 -4.99
CA PHE A 25 -4.22 11.50 -4.05
C PHE A 25 -3.54 10.40 -3.25
N CYS A 26 -2.26 10.59 -2.94
CA CYS A 26 -1.50 9.60 -2.18
C CYS A 26 -1.87 9.67 -0.70
N GLU A 27 -2.34 8.54 -0.17
CA GLU A 27 -2.74 8.46 1.23
C GLU A 27 -1.51 8.38 2.14
N HIS A 28 -0.33 8.51 1.53
CA HIS A 28 0.92 8.45 2.28
C HIS A 28 1.59 9.82 2.34
N CYS A 29 2.15 10.24 1.21
CA CYS A 29 2.83 11.54 1.13
C CYS A 29 1.82 12.68 1.07
N GLY A 30 0.68 12.42 0.43
CA GLY A 30 -0.36 13.42 0.32
C GLY A 30 -0.16 14.32 -0.90
N THR A 31 0.18 13.72 -2.02
CA THR A 31 0.40 14.47 -3.26
C THR A 31 -0.16 13.73 -4.46
N LEU A 32 -0.81 14.47 -5.35
CA LEU A 32 -1.39 13.88 -6.55
C LEU A 32 -0.54 12.73 -7.07
N LEU A 33 -1.20 11.72 -7.63
CA LEU A 33 -0.51 10.56 -8.17
C LEU A 33 -0.23 10.72 -9.66
N TRP A 34 1.05 10.67 -10.04
CA TRP A 34 1.44 10.82 -11.43
C TRP A 34 1.77 9.46 -12.04
N GLY A 35 1.53 9.32 -13.34
CA GLY A 35 1.80 8.07 -14.03
C GLY A 35 0.82 7.80 -15.15
N LEU A 36 1.24 6.97 -16.10
CA LEU A 36 0.39 6.63 -17.24
C LEU A 36 -0.49 5.43 -16.92
N ALA A 37 0.14 4.26 -16.80
CA ALA A 37 -0.59 3.04 -16.49
C ALA A 37 -0.25 2.54 -15.09
N ARG A 38 1.03 2.60 -14.73
CA ARG A 38 1.49 2.16 -13.43
C ARG A 38 1.21 3.22 -12.36
N GLN A 39 0.42 4.22 -12.72
CA GLN A 39 0.08 5.30 -11.80
C GLN A 39 -0.11 4.76 -10.38
N GLY A 40 0.97 4.80 -9.59
CA GLY A 40 0.90 4.32 -8.23
C GLY A 40 0.50 2.86 -8.15
N LEU A 41 0.26 2.39 -6.93
CA LEU A 41 -0.14 0.99 -6.71
C LEU A 41 -1.37 0.91 -5.82
N LYS A 42 -2.06 -0.23 -5.87
CA LYS A 42 -3.25 -0.44 -5.06
C LYS A 42 -3.09 -1.66 -4.16
N CYS A 43 -3.31 -1.47 -2.86
CA CYS A 43 -3.19 -2.55 -1.90
C CYS A 43 -4.41 -3.46 -1.96
N ASP A 44 -4.24 -4.64 -2.55
CA ASP A 44 -5.34 -5.60 -2.67
C ASP A 44 -5.72 -6.16 -1.30
N ALA A 45 -4.95 -5.79 -0.29
CA ALA A 45 -5.21 -6.24 1.07
C ALA A 45 -6.20 -5.33 1.78
N CYS A 46 -5.91 -4.03 1.78
CA CYS A 46 -6.77 -3.05 2.44
C CYS A 46 -7.35 -2.08 1.41
N GLY A 47 -6.60 -1.84 0.34
CA GLY A 47 -7.05 -0.93 -0.70
C GLY A 47 -6.60 0.49 -0.46
N MET A 48 -5.37 0.79 -0.88
CA MET A 48 -4.80 2.13 -0.71
C MET A 48 -3.93 2.50 -1.90
N ASN A 49 -4.16 3.69 -2.46
CA ASN A 49 -3.39 4.17 -3.60
C ASN A 49 -2.17 4.95 -3.14
N VAL A 50 -0.99 4.46 -3.51
CA VAL A 50 0.26 5.13 -3.13
C VAL A 50 1.24 5.12 -4.29
N HIS A 51 2.16 6.08 -4.29
CA HIS A 51 3.16 6.20 -5.34
C HIS A 51 4.01 4.93 -5.41
N HIS A 52 5.02 4.96 -6.27
CA HIS A 52 5.91 3.81 -6.45
C HIS A 52 6.88 3.70 -5.28
N ARG A 53 7.27 4.85 -4.73
CA ARG A 53 8.20 4.89 -3.61
C ARG A 53 7.46 4.91 -2.29
N CYS A 54 6.38 5.68 -2.23
CA CYS A 54 5.58 5.79 -1.01
C CYS A 54 5.08 4.42 -0.57
N GLN A 55 5.22 3.44 -1.45
CA GLN A 55 4.77 2.07 -1.15
C GLN A 55 5.57 1.49 0.01
N THR A 56 6.87 1.75 0.01
CA THR A 56 7.75 1.24 1.06
C THR A 56 8.02 2.31 2.11
N LYS A 57 7.25 3.39 2.06
CA LYS A 57 7.41 4.49 3.00
C LYS A 57 6.34 4.42 4.09
N VAL A 58 5.21 3.80 3.76
CA VAL A 58 4.12 3.66 4.71
C VAL A 58 4.44 2.63 5.79
N ALA A 59 3.50 2.41 6.70
CA ALA A 59 3.68 1.46 7.78
C ALA A 59 3.34 0.04 7.33
N ASN A 60 4.01 -0.95 7.92
CA ASN A 60 3.78 -2.34 7.57
C ASN A 60 2.59 -2.92 8.34
N LEU A 61 1.67 -2.04 8.72
CA LEU A 61 0.48 -2.45 9.47
C LEU A 61 -0.76 -2.36 8.60
N CYS A 62 -0.96 -3.37 7.75
CA CYS A 62 -2.11 -3.41 6.86
C CYS A 62 -3.31 -4.06 7.56
N GLY A 63 -4.45 -3.38 7.51
CA GLY A 63 -5.65 -3.90 8.14
C GLY A 63 -5.76 -3.52 9.60
N ILE A 64 -4.62 -3.18 10.21
CA ILE A 64 -4.60 -2.79 11.61
C ILE A 64 -5.44 -1.53 11.85
N ASN A 65 -5.55 -0.70 10.81
CA ASN A 65 -6.32 0.54 10.91
C ASN A 65 -7.61 0.43 10.11
ZN ZN B . -2.71 -2.50 2.86
ZN ZN C . 3.05 9.39 -2.61
N GLY A 1 12.72 -27.50 30.95
CA GLY A 1 12.92 -26.60 29.82
C GLY A 1 11.65 -26.36 29.04
N SER A 2 11.75 -25.54 27.99
CA SER A 2 10.60 -25.23 27.16
C SER A 2 11.02 -24.45 25.91
N SER A 3 10.15 -24.44 24.91
CA SER A 3 10.44 -23.73 23.66
C SER A 3 9.51 -22.53 23.49
N GLY A 4 10.05 -21.34 23.73
CA GLY A 4 9.26 -20.14 23.60
C GLY A 4 9.30 -19.55 22.20
N SER A 5 9.28 -20.44 21.19
CA SER A 5 9.32 -20.01 19.80
C SER A 5 8.08 -19.21 19.44
N SER A 6 8.29 -18.00 18.92
CA SER A 6 7.18 -17.13 18.54
C SER A 6 7.50 -16.39 17.24
N GLY A 7 6.45 -15.92 16.57
CA GLY A 7 6.64 -15.20 15.32
C GLY A 7 6.18 -13.76 15.41
N LYS A 8 6.42 -13.00 14.34
CA LYS A 8 6.02 -11.59 14.31
C LYS A 8 4.73 -11.42 13.50
N ILE A 9 3.99 -10.37 13.82
CA ILE A 9 2.73 -10.09 13.13
C ILE A 9 2.81 -8.79 12.34
N ASP A 10 2.91 -8.91 11.02
CA ASP A 10 2.99 -7.75 10.15
C ASP A 10 2.42 -8.06 8.77
N MET A 11 1.48 -7.24 8.32
CA MET A 11 0.86 -7.42 7.01
C MET A 11 1.17 -6.25 6.09
N PRO A 12 2.19 -6.42 5.24
CA PRO A 12 2.61 -5.38 4.28
C PRO A 12 1.59 -5.17 3.18
N HIS A 13 1.18 -3.92 2.97
CA HIS A 13 0.21 -3.59 1.94
C HIS A 13 0.55 -4.30 0.63
N ARG A 14 -0.36 -5.16 0.18
CA ARG A 14 -0.16 -5.90 -1.05
C ARG A 14 -0.32 -4.99 -2.26
N PHE A 15 0.59 -4.03 -2.41
CA PHE A 15 0.55 -3.09 -3.52
C PHE A 15 0.67 -3.82 -4.85
N LYS A 16 -0.10 -3.38 -5.84
CA LYS A 16 -0.08 -4.00 -7.16
C LYS A 16 -0.25 -2.93 -8.25
N VAL A 17 0.60 -3.00 -9.27
CA VAL A 17 0.54 -2.05 -10.38
C VAL A 17 -0.81 -2.13 -11.09
N TYR A 18 -1.50 -1.00 -11.15
CA TYR A 18 -2.80 -0.93 -11.80
C TYR A 18 -3.00 0.42 -12.48
N ASN A 19 -3.99 0.48 -13.37
CA ASN A 19 -4.28 1.71 -14.09
C ASN A 19 -5.31 2.56 -13.34
N TYR A 20 -4.98 3.83 -13.13
CA TYR A 20 -5.86 4.74 -12.41
C TYR A 20 -6.97 5.27 -13.33
N LYS A 21 -8.21 5.06 -12.93
CA LYS A 21 -9.36 5.50 -13.70
C LYS A 21 -9.96 6.77 -13.11
N SER A 22 -9.44 7.18 -11.96
CA SER A 22 -9.94 8.38 -11.28
C SER A 22 -8.78 9.14 -10.63
N PRO A 23 -8.97 10.46 -10.46
CA PRO A 23 -7.95 11.33 -9.85
C PRO A 23 -7.80 11.07 -8.35
N THR A 24 -6.93 10.13 -8.01
CA THR A 24 -6.69 9.79 -6.61
C THR A 24 -5.51 10.58 -6.03
N PHE A 25 -5.44 10.65 -4.71
CA PHE A 25 -4.36 11.37 -4.04
C PHE A 25 -3.59 10.45 -3.10
N CYS A 26 -2.29 10.36 -3.29
CA CYS A 26 -1.44 9.52 -2.45
C CYS A 26 -1.75 9.74 -0.98
N GLU A 27 -1.63 8.68 -0.18
CA GLU A 27 -1.90 8.76 1.25
C GLU A 27 -0.63 9.10 2.03
N HIS A 28 0.48 9.25 1.30
CA HIS A 28 1.76 9.57 1.92
C HIS A 28 2.26 10.95 1.46
N CYS A 29 2.59 11.05 0.18
CA CYS A 29 3.07 12.30 -0.39
C CYS A 29 1.92 13.27 -0.66
N GLY A 30 0.70 12.73 -0.66
CA GLY A 30 -0.47 13.55 -0.90
C GLY A 30 -0.36 14.34 -2.19
N THR A 31 -0.28 13.64 -3.31
CA THR A 31 -0.18 14.28 -4.62
C THR A 31 -1.03 13.56 -5.66
N LEU A 32 -1.02 14.07 -6.88
CA LEU A 32 -1.78 13.48 -7.96
C LEU A 32 -0.93 12.51 -8.78
N LEU A 33 -1.28 11.23 -8.70
CA LEU A 33 -0.53 10.20 -9.43
C LEU A 33 -1.12 10.00 -10.83
N TRP A 34 -0.34 10.38 -11.84
CA TRP A 34 -0.78 10.24 -13.23
C TRP A 34 -1.40 8.87 -13.47
N GLY A 35 -2.45 8.84 -14.27
CA GLY A 35 -3.12 7.59 -14.57
C GLY A 35 -2.94 7.17 -16.01
N LEU A 36 -1.71 7.23 -16.51
CA LEU A 36 -1.40 6.85 -17.88
C LEU A 36 -1.30 5.34 -18.02
N ALA A 37 -0.31 4.76 -17.36
CA ALA A 37 -0.10 3.31 -17.42
C ALA A 37 1.00 2.89 -16.45
N ARG A 38 0.82 1.71 -15.84
CA ARG A 38 1.80 1.19 -14.89
C ARG A 38 2.25 2.27 -13.92
N GLN A 39 1.27 2.97 -13.33
CA GLN A 39 1.57 4.03 -12.37
C GLN A 39 1.04 3.69 -10.98
N GLY A 40 1.76 4.14 -9.95
CA GLY A 40 1.34 3.86 -8.59
C GLY A 40 0.99 2.40 -8.37
N LEU A 41 0.42 2.10 -7.21
CA LEU A 41 0.03 0.73 -6.88
C LEU A 41 -1.23 0.72 -6.02
N LYS A 42 -1.89 -0.43 -5.98
CA LYS A 42 -3.11 -0.58 -5.19
C LYS A 42 -3.00 -1.77 -4.25
N CYS A 43 -3.50 -1.60 -3.02
CA CYS A 43 -3.46 -2.67 -2.03
C CYS A 43 -4.68 -3.57 -2.15
N ASP A 44 -4.44 -4.86 -2.35
CA ASP A 44 -5.52 -5.83 -2.49
C ASP A 44 -5.98 -6.32 -1.11
N ALA A 45 -5.48 -5.69 -0.06
CA ALA A 45 -5.83 -6.05 1.30
C ALA A 45 -6.77 -5.03 1.93
N CYS A 46 -6.25 -3.83 2.16
CA CYS A 46 -7.04 -2.76 2.76
C CYS A 46 -7.76 -1.96 1.68
N GLY A 47 -7.04 -1.63 0.61
CA GLY A 47 -7.63 -0.86 -0.47
C GLY A 47 -6.99 0.50 -0.63
N MET A 48 -5.76 0.65 -0.14
CA MET A 48 -5.03 1.91 -0.23
C MET A 48 -4.28 2.02 -1.56
N ASN A 49 -4.01 3.25 -1.98
CA ASN A 49 -3.29 3.49 -3.23
C ASN A 49 -2.13 4.45 -3.02
N VAL A 50 -0.92 3.96 -3.23
CA VAL A 50 0.28 4.78 -3.07
C VAL A 50 1.20 4.64 -4.26
N HIS A 51 2.18 5.54 -4.36
CA HIS A 51 3.13 5.53 -5.46
C HIS A 51 4.08 4.34 -5.34
N HIS A 52 5.04 4.26 -6.25
CA HIS A 52 6.01 3.17 -6.25
C HIS A 52 7.04 3.36 -5.13
N ARG A 53 7.42 4.60 -4.90
CA ARG A 53 8.40 4.91 -3.85
C ARG A 53 7.70 5.24 -2.54
N CYS A 54 6.56 5.92 -2.62
CA CYS A 54 5.80 6.29 -1.44
C CYS A 54 5.35 5.05 -0.66
N GLN A 55 5.25 3.93 -1.36
CA GLN A 55 4.84 2.67 -0.74
C GLN A 55 5.83 2.27 0.35
N THR A 56 7.12 2.40 0.06
CA THR A 56 8.16 2.04 1.02
C THR A 56 8.19 3.02 2.18
N LYS A 57 7.39 4.07 2.09
CA LYS A 57 7.32 5.08 3.14
C LYS A 57 6.16 4.80 4.08
N VAL A 58 5.26 3.92 3.66
CA VAL A 58 4.10 3.57 4.47
C VAL A 58 4.45 2.50 5.50
N ALA A 59 3.64 2.41 6.55
CA ALA A 59 3.85 1.43 7.60
C ALA A 59 3.35 0.05 7.18
N ASN A 60 4.09 -0.99 7.56
CA ASN A 60 3.72 -2.36 7.23
C ASN A 60 2.65 -2.88 8.18
N LEU A 61 1.57 -2.11 8.31
CA LEU A 61 0.47 -2.50 9.19
C LEU A 61 -0.86 -2.45 8.45
N CYS A 62 -1.06 -3.40 7.53
CA CYS A 62 -2.28 -3.45 6.75
C CYS A 62 -3.32 -4.34 7.44
N GLY A 63 -4.59 -4.11 7.14
CA GLY A 63 -5.65 -4.89 7.73
C GLY A 63 -5.70 -4.76 9.24
N ILE A 64 -5.04 -3.72 9.75
CA ILE A 64 -5.01 -3.48 11.20
C ILE A 64 -5.99 -2.40 11.60
N ASN A 65 -6.31 -1.51 10.67
CA ASN A 65 -7.25 -0.42 10.94
C ASN A 65 -8.52 -0.60 10.11
ZN ZN B . -3.00 -2.38 2.72
ZN ZN C . 3.01 9.33 -3.52
N GLY A 1 9.54 -30.81 18.67
CA GLY A 1 9.07 -29.76 19.56
C GLY A 1 7.66 -29.31 19.21
N SER A 2 7.24 -28.19 19.79
CA SER A 2 5.91 -27.64 19.55
C SER A 2 5.97 -26.13 19.35
N SER A 3 5.24 -25.64 18.35
CA SER A 3 5.21 -24.21 18.06
C SER A 3 3.88 -23.60 18.48
N GLY A 4 3.95 -22.43 19.12
CA GLY A 4 2.75 -21.76 19.58
C GLY A 4 3.05 -20.59 20.50
N SER A 5 3.78 -19.60 19.98
CA SER A 5 4.14 -18.43 20.77
C SER A 5 4.30 -17.21 19.87
N SER A 6 3.67 -16.10 20.25
CA SER A 6 3.74 -14.87 19.49
C SER A 6 5.19 -14.45 19.27
N GLY A 7 5.62 -14.41 18.01
CA GLY A 7 6.98 -14.02 17.69
C GLY A 7 7.05 -12.67 17.02
N LYS A 8 6.82 -12.65 15.71
CA LYS A 8 6.87 -11.41 14.93
C LYS A 8 5.55 -11.19 14.19
N ILE A 9 4.77 -10.23 14.66
CA ILE A 9 3.49 -9.92 14.04
C ILE A 9 3.58 -8.65 13.19
N ASP A 10 3.29 -8.79 11.90
CA ASP A 10 3.35 -7.66 10.98
C ASP A 10 2.58 -7.97 9.70
N MET A 11 1.82 -6.99 9.23
CA MET A 11 1.03 -7.16 8.01
C MET A 11 1.32 -6.03 7.02
N PRO A 12 2.21 -6.31 6.06
CA PRO A 12 2.60 -5.34 5.04
C PRO A 12 1.48 -5.07 4.04
N HIS A 13 1.61 -3.97 3.30
CA HIS A 13 0.60 -3.59 2.31
C HIS A 13 0.87 -4.28 0.97
N ARG A 14 -0.04 -5.16 0.56
CA ARG A 14 0.10 -5.88 -0.69
C ARG A 14 -0.13 -4.95 -1.89
N PHE A 15 0.78 -3.99 -2.06
CA PHE A 15 0.68 -3.04 -3.17
C PHE A 15 0.75 -3.75 -4.51
N LYS A 16 0.09 -3.18 -5.51
CA LYS A 16 0.07 -3.76 -6.85
C LYS A 16 -0.28 -2.70 -7.90
N VAL A 17 0.42 -2.73 -9.02
CA VAL A 17 0.19 -1.79 -10.10
C VAL A 17 -1.20 -1.96 -10.69
N TYR A 18 -1.88 -0.85 -10.95
CA TYR A 18 -3.22 -0.89 -11.53
C TYR A 18 -3.47 0.33 -12.41
N ASN A 19 -4.25 0.13 -13.47
CA ASN A 19 -4.57 1.21 -14.40
C ASN A 19 -5.93 1.82 -14.07
N TYR A 20 -5.92 2.93 -13.33
CA TYR A 20 -7.15 3.61 -12.96
C TYR A 20 -7.13 5.05 -13.44
N LYS A 21 -8.29 5.53 -13.88
CA LYS A 21 -8.43 6.90 -14.37
C LYS A 21 -9.26 7.74 -13.42
N SER A 22 -8.59 8.45 -12.52
CA SER A 22 -9.27 9.30 -11.55
C SER A 22 -8.26 10.07 -10.70
N PRO A 23 -8.65 11.30 -10.30
CA PRO A 23 -7.79 12.17 -9.48
C PRO A 23 -7.63 11.65 -8.06
N THR A 24 -6.64 10.78 -7.86
CA THR A 24 -6.39 10.20 -6.54
C THR A 24 -5.13 10.80 -5.93
N PHE A 25 -5.19 11.09 -4.63
CA PHE A 25 -4.06 11.67 -3.92
C PHE A 25 -3.41 10.63 -3.01
N CYS A 26 -2.08 10.65 -2.95
CA CYS A 26 -1.34 9.70 -2.12
C CYS A 26 -1.78 9.81 -0.66
N GLU A 27 -2.09 8.66 -0.06
CA GLU A 27 -2.53 8.61 1.32
C GLU A 27 -1.33 8.53 2.27
N HIS A 28 -0.13 8.63 1.70
CA HIS A 28 1.09 8.56 2.49
C HIS A 28 1.79 9.91 2.53
N CYS A 29 2.35 10.31 1.40
CA CYS A 29 3.06 11.59 1.30
C CYS A 29 2.07 12.75 1.24
N GLY A 30 0.92 12.50 0.62
CA GLY A 30 -0.09 13.54 0.51
C GLY A 30 0.10 14.40 -0.73
N THR A 31 0.47 13.76 -1.83
CA THR A 31 0.68 14.49 -3.08
C THR A 31 0.11 13.70 -4.26
N LEU A 32 -0.31 14.43 -5.29
CA LEU A 32 -0.88 13.81 -6.48
C LEU A 32 0.16 12.96 -7.21
N LEU A 33 -0.27 12.28 -8.27
CA LEU A 33 0.62 11.43 -9.04
C LEU A 33 0.11 11.25 -10.46
N TRP A 34 1.02 11.02 -11.40
CA TRP A 34 0.66 10.83 -12.80
C TRP A 34 1.70 10.01 -13.53
N GLY A 35 1.31 9.40 -14.64
CA GLY A 35 2.23 8.59 -15.41
C GLY A 35 1.52 7.55 -16.26
N LEU A 36 2.30 6.67 -16.87
CA LEU A 36 1.74 5.61 -17.72
C LEU A 36 0.74 4.78 -16.94
N ALA A 37 0.15 3.78 -17.60
CA ALA A 37 -0.83 2.89 -16.97
C ALA A 37 -0.37 2.49 -15.57
N ARG A 38 0.94 2.33 -15.40
CA ARG A 38 1.49 1.94 -14.11
C ARG A 38 1.37 3.07 -13.10
N GLN A 39 0.15 3.37 -12.69
CA GLN A 39 -0.10 4.44 -11.72
C GLN A 39 0.06 3.92 -10.29
N GLY A 40 1.05 4.45 -9.59
CA GLY A 40 1.30 4.04 -8.23
C GLY A 40 1.01 2.57 -8.00
N LEU A 41 0.53 2.24 -6.80
CA LEU A 41 0.20 0.86 -6.46
C LEU A 41 -0.98 0.81 -5.50
N LYS A 42 -1.96 -0.04 -5.82
CA LYS A 42 -3.14 -0.19 -4.97
C LYS A 42 -3.05 -1.47 -4.14
N CYS A 43 -3.03 -1.30 -2.81
CA CYS A 43 -2.96 -2.44 -1.91
C CYS A 43 -4.19 -3.33 -2.03
N ASP A 44 -4.03 -4.47 -2.69
CA ASP A 44 -5.14 -5.40 -2.86
C ASP A 44 -5.72 -5.84 -1.52
N ALA A 45 -4.94 -5.64 -0.46
CA ALA A 45 -5.37 -6.01 0.89
C ALA A 45 -6.37 -5.00 1.43
N CYS A 46 -5.87 -3.82 1.80
CA CYS A 46 -6.73 -2.77 2.34
C CYS A 46 -7.35 -1.93 1.22
N GLY A 47 -6.53 -1.62 0.21
CA GLY A 47 -7.01 -0.83 -0.90
C GLY A 47 -6.58 0.62 -0.82
N MET A 48 -5.27 0.84 -0.83
CA MET A 48 -4.73 2.19 -0.75
C MET A 48 -3.77 2.46 -1.92
N ASN A 49 -4.11 3.46 -2.73
CA ASN A 49 -3.27 3.82 -3.87
C ASN A 49 -2.23 4.85 -3.48
N VAL A 50 -0.96 4.50 -3.66
CA VAL A 50 0.14 5.39 -3.34
C VAL A 50 1.22 5.36 -4.42
N HIS A 51 2.27 6.15 -4.21
CA HIS A 51 3.37 6.21 -5.17
C HIS A 51 4.18 4.92 -5.14
N HIS A 52 5.01 4.73 -6.16
CA HIS A 52 5.85 3.53 -6.26
C HIS A 52 6.82 3.46 -5.09
N ARG A 53 7.26 4.63 -4.61
CA ARG A 53 8.19 4.69 -3.50
C ARG A 53 7.45 4.78 -2.16
N CYS A 54 6.47 5.68 -2.10
CA CYS A 54 5.68 5.87 -0.89
C CYS A 54 5.15 4.53 -0.37
N GLN A 55 4.87 3.61 -1.29
CA GLN A 55 4.35 2.30 -0.93
C GLN A 55 5.26 1.63 0.11
N THR A 56 6.56 1.83 -0.04
CA THR A 56 7.53 1.23 0.88
C THR A 56 7.73 2.13 2.11
N LYS A 57 7.22 3.35 2.04
CA LYS A 57 7.34 4.29 3.14
C LYS A 57 6.20 4.11 4.13
N VAL A 58 5.10 3.55 3.67
CA VAL A 58 3.93 3.32 4.52
C VAL A 58 4.20 2.22 5.53
N ALA A 59 3.67 2.38 6.74
CA ALA A 59 3.84 1.40 7.80
C ALA A 59 3.52 0.00 7.31
N ASN A 60 4.18 -1.00 7.89
CA ASN A 60 3.95 -2.39 7.51
C ASN A 60 2.74 -2.97 8.23
N LEU A 61 1.68 -2.16 8.32
CA LEU A 61 0.45 -2.59 8.98
C LEU A 61 -0.76 -2.37 8.09
N CYS A 62 -1.26 -3.46 7.51
CA CYS A 62 -2.43 -3.38 6.63
C CYS A 62 -3.71 -3.62 7.40
N GLY A 63 -4.76 -2.87 7.06
CA GLY A 63 -6.04 -3.02 7.73
C GLY A 63 -6.14 -2.15 8.97
N ILE A 64 -5.01 -1.97 9.66
CA ILE A 64 -4.99 -1.15 10.88
C ILE A 64 -5.34 0.30 10.57
N ASN A 65 -5.24 0.67 9.29
CA ASN A 65 -5.54 2.02 8.87
C ASN A 65 -6.59 2.03 7.75
ZN ZN B . -2.66 -2.47 2.74
ZN ZN C . 3.23 9.50 -2.50
N GLY A 1 -6.78 -10.27 25.71
CA GLY A 1 -6.28 -11.60 25.37
C GLY A 1 -6.53 -12.62 26.47
N SER A 2 -7.04 -13.78 26.08
CA SER A 2 -7.34 -14.85 27.03
C SER A 2 -6.08 -15.65 27.36
N SER A 3 -5.64 -16.46 26.40
CA SER A 3 -4.45 -17.29 26.58
C SER A 3 -3.69 -17.43 25.28
N GLY A 4 -2.36 -17.51 25.38
CA GLY A 4 -1.53 -17.65 24.20
C GLY A 4 -0.87 -16.35 23.79
N SER A 5 0.44 -16.37 23.68
CA SER A 5 1.19 -15.17 23.30
C SER A 5 1.29 -15.04 21.79
N SER A 6 0.55 -14.08 21.23
CA SER A 6 0.54 -13.86 19.79
C SER A 6 1.93 -13.51 19.29
N GLY A 7 2.36 -14.19 18.22
CA GLY A 7 3.68 -13.93 17.67
C GLY A 7 3.78 -12.57 16.99
N LYS A 8 4.96 -11.98 17.02
CA LYS A 8 5.18 -10.67 16.42
C LYS A 8 5.21 -10.77 14.91
N ILE A 9 4.07 -10.54 14.28
CA ILE A 9 3.96 -10.60 12.82
C ILE A 9 3.62 -9.23 12.23
N ASP A 10 3.81 -9.09 10.92
CA ASP A 10 3.52 -7.84 10.24
C ASP A 10 2.88 -8.09 8.88
N MET A 11 1.77 -7.41 8.62
CA MET A 11 1.05 -7.57 7.36
C MET A 11 1.25 -6.34 6.47
N PRO A 12 2.21 -6.43 5.54
CA PRO A 12 2.52 -5.34 4.60
C PRO A 12 1.41 -5.13 3.59
N HIS A 13 1.44 -3.98 2.92
CA HIS A 13 0.44 -3.64 1.91
C HIS A 13 0.72 -4.37 0.60
N ARG A 14 -0.24 -5.17 0.16
CA ARG A 14 -0.10 -5.94 -1.08
C ARG A 14 -0.23 -5.02 -2.30
N PHE A 15 0.70 -4.09 -2.43
CA PHE A 15 0.69 -3.15 -3.55
C PHE A 15 0.87 -3.89 -4.88
N LYS A 16 -0.01 -3.58 -5.83
CA LYS A 16 0.06 -4.21 -7.15
C LYS A 16 -0.27 -3.19 -8.25
N VAL A 17 0.58 -3.15 -9.28
CA VAL A 17 0.38 -2.23 -10.39
C VAL A 17 -1.07 -2.24 -10.87
N TYR A 18 -1.63 -1.06 -11.05
CA TYR A 18 -3.01 -0.92 -11.50
C TYR A 18 -3.20 0.32 -12.35
N ASN A 19 -4.27 0.36 -13.14
CA ASN A 19 -4.56 1.49 -14.00
C ASN A 19 -5.46 2.50 -13.28
N TYR A 20 -5.24 3.78 -13.57
CA TYR A 20 -6.02 4.84 -12.95
C TYR A 20 -7.00 5.44 -13.95
N LYS A 21 -8.24 5.61 -13.52
CA LYS A 21 -9.28 6.18 -14.38
C LYS A 21 -10.06 7.27 -13.64
N SER A 22 -9.64 7.56 -12.42
CA SER A 22 -10.31 8.57 -11.60
C SER A 22 -9.29 9.43 -10.86
N PRO A 23 -9.69 10.67 -10.52
CA PRO A 23 -8.84 11.61 -9.80
C PRO A 23 -8.60 11.18 -8.35
N THR A 24 -7.50 10.45 -8.13
CA THR A 24 -7.16 9.98 -6.79
C THR A 24 -5.88 10.64 -6.29
N PHE A 25 -5.77 10.81 -4.98
CA PHE A 25 -4.60 11.42 -4.38
C PHE A 25 -3.89 10.44 -3.44
N CYS A 26 -2.60 10.28 -3.64
CA CYS A 26 -1.80 9.37 -2.82
C CYS A 26 -2.24 9.44 -1.36
N GLU A 27 -2.27 8.29 -0.69
CA GLU A 27 -2.67 8.22 0.70
C GLU A 27 -1.47 8.41 1.62
N HIS A 28 -0.33 8.78 1.04
CA HIS A 28 0.89 8.99 1.81
C HIS A 28 1.43 10.40 1.59
N CYS A 29 1.88 10.67 0.36
CA CYS A 29 2.42 11.98 0.03
C CYS A 29 1.30 12.99 -0.22
N GLY A 30 0.09 12.48 -0.44
CA GLY A 30 -1.04 13.35 -0.68
C GLY A 30 -0.89 14.15 -1.96
N THR A 31 -0.54 13.48 -3.04
CA THR A 31 -0.36 14.13 -4.34
C THR A 31 -0.95 13.29 -5.46
N LEU A 32 -1.37 13.97 -6.54
CA LEU A 32 -1.95 13.29 -7.68
C LEU A 32 -0.93 12.38 -8.35
N LEU A 33 -1.43 11.41 -9.12
CA LEU A 33 -0.56 10.48 -9.83
C LEU A 33 -0.14 11.03 -11.18
N TRP A 34 0.74 10.31 -11.87
CA TRP A 34 1.22 10.72 -13.18
C TRP A 34 2.10 9.65 -13.81
N GLY A 35 1.79 9.30 -15.05
CA GLY A 35 2.57 8.28 -15.74
C GLY A 35 1.75 7.52 -16.77
N LEU A 36 1.74 6.20 -16.65
CA LEU A 36 0.99 5.36 -17.58
C LEU A 36 0.21 4.29 -16.82
N ALA A 37 -0.52 3.46 -17.57
CA ALA A 37 -1.30 2.38 -16.98
C ALA A 37 -0.56 1.74 -15.82
N ARG A 38 0.76 1.63 -15.95
CA ARG A 38 1.59 1.03 -14.92
C ARG A 38 2.13 2.09 -13.97
N GLN A 39 1.22 2.84 -13.35
CA GLN A 39 1.61 3.89 -12.41
C GLN A 39 1.16 3.55 -10.99
N GLY A 40 1.82 4.15 -10.01
CA GLY A 40 1.48 3.90 -8.62
C GLY A 40 1.18 2.43 -8.36
N LEU A 41 0.47 2.17 -7.27
CA LEU A 41 0.12 0.80 -6.91
C LEU A 41 -1.16 0.77 -6.05
N LYS A 42 -1.79 -0.39 -5.98
CA LYS A 42 -3.01 -0.55 -5.21
C LYS A 42 -2.91 -1.75 -4.27
N CYS A 43 -3.42 -1.58 -3.05
CA CYS A 43 -3.38 -2.66 -2.06
C CYS A 43 -4.65 -3.50 -2.12
N ASP A 44 -4.50 -4.76 -2.49
CA ASP A 44 -5.64 -5.67 -2.59
C ASP A 44 -6.05 -6.16 -1.22
N ALA A 45 -5.45 -5.60 -0.18
CA ALA A 45 -5.76 -5.98 1.20
C ALA A 45 -6.65 -4.95 1.86
N CYS A 46 -6.13 -3.75 2.05
CA CYS A 46 -6.88 -2.67 2.68
C CYS A 46 -7.58 -1.80 1.63
N GLY A 47 -6.87 -1.54 0.53
CA GLY A 47 -7.44 -0.73 -0.53
C GLY A 47 -6.86 0.68 -0.55
N MET A 48 -5.59 0.79 -0.19
CA MET A 48 -4.93 2.09 -0.17
C MET A 48 -3.95 2.22 -1.34
N ASN A 49 -4.19 3.21 -2.21
CA ASN A 49 -3.34 3.43 -3.37
C ASN A 49 -2.18 4.35 -3.01
N VAL A 50 -1.00 4.04 -3.54
CA VAL A 50 0.20 4.84 -3.28
C VAL A 50 1.16 4.78 -4.46
N HIS A 51 2.12 5.70 -4.48
CA HIS A 51 3.11 5.76 -5.56
C HIS A 51 4.03 4.55 -5.49
N HIS A 52 5.02 4.52 -6.38
CA HIS A 52 5.98 3.43 -6.43
C HIS A 52 6.95 3.49 -5.25
N ARG A 53 7.32 4.72 -4.86
CA ARG A 53 8.24 4.91 -3.75
C ARG A 53 7.48 5.15 -2.45
N CYS A 54 6.41 5.94 -2.53
CA CYS A 54 5.60 6.23 -1.35
C CYS A 54 5.24 4.96 -0.60
N GLN A 55 5.29 3.83 -1.31
CA GLN A 55 4.97 2.55 -0.70
C GLN A 55 5.96 2.19 0.39
N THR A 56 7.24 2.46 0.14
CA THR A 56 8.29 2.17 1.10
C THR A 56 8.27 3.17 2.26
N LYS A 57 7.42 4.18 2.15
CA LYS A 57 7.29 5.20 3.18
C LYS A 57 6.16 4.87 4.14
N VAL A 58 5.34 3.90 3.76
CA VAL A 58 4.21 3.48 4.59
C VAL A 58 4.64 2.45 5.62
N ALA A 59 3.75 2.13 6.55
CA ALA A 59 4.03 1.15 7.59
C ALA A 59 3.57 -0.24 7.17
N ASN A 60 3.93 -1.24 7.96
CA ASN A 60 3.56 -2.62 7.68
C ASN A 60 2.42 -3.08 8.59
N LEU A 61 1.36 -2.29 8.64
CA LEU A 61 0.21 -2.61 9.48
C LEU A 61 -1.08 -2.55 8.67
N CYS A 62 -1.16 -3.36 7.62
CA CYS A 62 -2.34 -3.39 6.76
C CYS A 62 -3.40 -4.32 7.35
N GLY A 63 -4.62 -3.81 7.47
CA GLY A 63 -5.71 -4.60 8.01
C GLY A 63 -5.84 -4.47 9.51
N ILE A 64 -4.77 -3.98 10.15
CA ILE A 64 -4.76 -3.81 11.60
C ILE A 64 -5.31 -2.44 11.99
N ASN A 65 -5.16 -1.47 11.10
CA ASN A 65 -5.65 -0.12 11.35
C ASN A 65 -6.71 0.27 10.33
ZN ZN B . -2.76 -2.44 2.67
ZN ZN C . 2.73 9.33 -3.39
N GLY A 1 19.00 -29.56 22.86
CA GLY A 1 18.87 -28.15 22.54
C GLY A 1 17.64 -27.85 21.73
N SER A 2 17.70 -26.79 20.92
CA SER A 2 16.57 -26.40 20.08
C SER A 2 17.01 -25.40 19.03
N SER A 3 16.37 -25.46 17.86
CA SER A 3 16.70 -24.56 16.77
C SER A 3 15.47 -23.75 16.34
N GLY A 4 15.65 -22.44 16.20
CA GLY A 4 14.55 -21.59 15.79
C GLY A 4 14.66 -20.19 16.37
N SER A 5 14.78 -19.19 15.50
CA SER A 5 14.90 -17.81 15.94
C SER A 5 13.65 -17.02 15.59
N SER A 6 12.97 -16.52 16.62
CA SER A 6 11.74 -15.75 16.43
C SER A 6 12.02 -14.49 15.59
N GLY A 7 10.95 -13.84 15.14
CA GLY A 7 11.10 -12.65 14.33
C GLY A 7 9.93 -11.69 14.50
N LYS A 8 9.86 -10.68 13.64
CA LYS A 8 8.79 -9.70 13.69
C LYS A 8 7.71 -10.03 12.67
N ILE A 9 6.54 -10.45 13.15
CA ILE A 9 5.43 -10.79 12.28
C ILE A 9 4.54 -9.57 12.02
N ASP A 10 4.35 -9.25 10.75
CA ASP A 10 3.53 -8.11 10.37
C ASP A 10 2.90 -8.33 8.99
N MET A 11 1.83 -7.59 8.72
CA MET A 11 1.14 -7.71 7.43
C MET A 11 1.30 -6.43 6.62
N PRO A 12 2.27 -6.43 5.69
CA PRO A 12 2.54 -5.28 4.83
C PRO A 12 1.43 -5.04 3.80
N HIS A 13 1.50 -3.92 3.10
CA HIS A 13 0.51 -3.58 2.09
C HIS A 13 0.83 -4.25 0.76
N ARG A 14 -0.05 -5.16 0.34
CA ARG A 14 0.13 -5.87 -0.92
C ARG A 14 -0.14 -4.97 -2.12
N PHE A 15 0.64 -3.91 -2.24
CA PHE A 15 0.47 -2.96 -3.34
C PHE A 15 0.67 -3.65 -4.69
N LYS A 16 -0.22 -3.35 -5.64
CA LYS A 16 -0.15 -3.93 -6.96
C LYS A 16 -0.52 -2.91 -8.03
N VAL A 17 0.30 -2.83 -9.08
CA VAL A 17 0.07 -1.89 -10.17
C VAL A 17 -1.38 -1.95 -10.63
N TYR A 18 -2.00 -0.79 -10.72
CA TYR A 18 -3.39 -0.69 -11.16
C TYR A 18 -3.63 0.56 -12.00
N ASN A 19 -3.97 0.34 -13.27
CA ASN A 19 -4.21 1.45 -14.19
C ASN A 19 -5.68 1.89 -14.13
N TYR A 20 -5.92 3.06 -13.54
CA TYR A 20 -7.27 3.58 -13.42
C TYR A 20 -7.35 5.00 -13.98
N LYS A 21 -8.56 5.54 -14.04
CA LYS A 21 -8.78 6.89 -14.56
C LYS A 21 -9.18 7.84 -13.43
N SER A 22 -10.21 7.47 -12.69
CA SER A 22 -10.69 8.28 -11.58
C SER A 22 -9.54 8.97 -10.87
N PRO A 23 -9.82 10.15 -10.29
CA PRO A 23 -8.81 10.93 -9.56
C PRO A 23 -8.39 10.27 -8.26
N THR A 24 -7.12 9.89 -8.16
CA THR A 24 -6.60 9.26 -6.96
C THR A 24 -5.44 10.05 -6.37
N PHE A 25 -5.39 10.11 -5.04
CA PHE A 25 -4.34 10.85 -4.35
C PHE A 25 -3.53 9.92 -3.45
N CYS A 26 -2.23 10.19 -3.35
CA CYS A 26 -1.34 9.38 -2.52
C CYS A 26 -1.68 9.55 -1.04
N GLU A 27 -1.94 8.43 -0.37
CA GLU A 27 -2.27 8.45 1.05
C GLU A 27 -1.00 8.62 1.91
N HIS A 28 0.11 8.90 1.24
CA HIS A 28 1.38 9.08 1.93
C HIS A 28 1.94 10.49 1.70
N CYS A 29 2.43 10.73 0.49
CA CYS A 29 2.99 12.02 0.13
C CYS A 29 1.88 13.05 -0.10
N GLY A 30 0.69 12.56 -0.41
CA GLY A 30 -0.44 13.45 -0.65
C GLY A 30 -0.27 14.28 -1.90
N THR A 31 0.16 13.65 -2.98
CA THR A 31 0.37 14.34 -4.24
C THR A 31 -0.25 13.59 -5.41
N LEU A 32 -0.61 14.32 -6.46
CA LEU A 32 -1.22 13.70 -7.64
C LEU A 32 -0.24 12.77 -8.34
N LEU A 33 -0.77 11.88 -9.16
CA LEU A 33 0.06 10.92 -9.90
C LEU A 33 0.53 11.51 -11.22
N TRP A 34 1.30 10.73 -11.96
CA TRP A 34 1.82 11.18 -13.25
C TRP A 34 1.80 10.04 -14.26
N GLY A 35 1.68 10.39 -15.54
CA GLY A 35 1.65 9.39 -16.59
C GLY A 35 0.23 8.95 -16.93
N LEU A 36 0.12 7.75 -17.49
CA LEU A 36 -1.20 7.22 -17.87
C LEU A 36 -1.42 5.84 -17.24
N ALA A 37 -0.68 4.85 -17.73
CA ALA A 37 -0.80 3.49 -17.21
C ALA A 37 0.12 3.28 -16.01
N ARG A 38 0.12 2.06 -15.48
CA ARG A 38 0.96 1.72 -14.34
C ARG A 38 0.89 2.81 -13.27
N GLN A 39 -0.23 3.54 -13.25
CA GLN A 39 -0.42 4.60 -12.29
C GLN A 39 -0.23 4.09 -10.86
N GLY A 40 0.89 4.50 -10.25
CA GLY A 40 1.17 4.07 -8.89
C GLY A 40 0.77 2.63 -8.63
N LEU A 41 0.45 2.32 -7.39
CA LEU A 41 0.05 0.97 -7.01
C LEU A 41 -1.18 1.00 -6.11
N LYS A 42 -1.75 -0.18 -5.87
CA LYS A 42 -2.93 -0.29 -5.02
C LYS A 42 -2.88 -1.56 -4.17
N CYS A 43 -3.07 -1.41 -2.87
CA CYS A 43 -3.04 -2.55 -1.95
C CYS A 43 -4.28 -3.41 -2.11
N ASP A 44 -4.09 -4.64 -2.59
CA ASP A 44 -5.19 -5.57 -2.78
C ASP A 44 -5.74 -6.06 -1.45
N ALA A 45 -5.02 -5.76 -0.37
CA ALA A 45 -5.44 -6.17 0.96
C ALA A 45 -6.44 -5.19 1.55
N CYS A 46 -5.97 -3.99 1.91
CA CYS A 46 -6.83 -2.97 2.48
C CYS A 46 -7.50 -2.14 1.39
N GLY A 47 -6.70 -1.72 0.41
CA GLY A 47 -7.22 -0.92 -0.69
C GLY A 47 -6.79 0.52 -0.61
N MET A 48 -5.48 0.74 -0.66
CA MET A 48 -4.93 2.09 -0.60
C MET A 48 -4.15 2.42 -1.86
N ASN A 49 -4.19 3.69 -2.27
CA ASN A 49 -3.48 4.14 -3.46
C ASN A 49 -2.25 4.96 -3.09
N VAL A 50 -1.09 4.51 -3.56
CA VAL A 50 0.16 5.21 -3.28
C VAL A 50 1.10 5.15 -4.48
N HIS A 51 2.28 5.75 -4.33
CA HIS A 51 3.26 5.76 -5.41
C HIS A 51 4.14 4.52 -5.36
N HIS A 52 5.14 4.46 -6.24
CA HIS A 52 6.03 3.32 -6.31
C HIS A 52 7.07 3.38 -5.18
N ARG A 53 7.49 4.60 -4.85
CA ARG A 53 8.48 4.79 -3.79
C ARG A 53 7.79 5.06 -2.46
N CYS A 54 6.70 5.83 -2.49
CA CYS A 54 5.96 6.16 -1.29
C CYS A 54 5.54 4.90 -0.55
N GLN A 55 5.37 3.80 -1.28
CA GLN A 55 4.97 2.53 -0.68
C GLN A 55 6.01 2.06 0.32
N THR A 56 7.27 2.32 0.04
CA THR A 56 8.36 1.92 0.93
C THR A 56 8.50 2.88 2.10
N LYS A 57 7.56 3.82 2.21
CA LYS A 57 7.58 4.79 3.29
C LYS A 57 6.39 4.60 4.22
N VAL A 58 5.47 3.72 3.83
CA VAL A 58 4.29 3.45 4.63
C VAL A 58 4.58 2.41 5.70
N ALA A 59 3.60 2.16 6.56
CA ALA A 59 3.76 1.19 7.64
C ALA A 59 3.44 -0.22 7.15
N ASN A 60 3.52 -1.19 8.06
CA ASN A 60 3.24 -2.58 7.71
C ASN A 60 2.05 -3.11 8.49
N LEU A 61 1.11 -2.21 8.81
CA LEU A 61 -0.09 -2.59 9.55
C LEU A 61 -1.31 -2.61 8.65
N CYS A 62 -1.32 -3.53 7.69
CA CYS A 62 -2.44 -3.65 6.77
C CYS A 62 -3.56 -4.49 7.37
N GLY A 63 -4.75 -3.91 7.45
CA GLY A 63 -5.89 -4.61 8.01
C GLY A 63 -5.97 -4.48 9.51
N ILE A 64 -4.80 -4.52 10.16
CA ILE A 64 -4.75 -4.42 11.62
C ILE A 64 -5.30 -3.07 12.09
N ASN A 65 -5.35 -2.11 11.19
CA ASN A 65 -5.86 -0.78 11.51
C ASN A 65 -7.09 -0.87 12.42
ZN ZN B . -2.74 -2.52 2.74
ZN ZN C . 3.21 9.47 -3.26
N GLY A 1 7.06 -25.18 30.83
CA GLY A 1 6.74 -25.74 29.52
C GLY A 1 7.81 -25.45 28.50
N SER A 2 7.43 -24.78 27.41
CA SER A 2 8.37 -24.45 26.35
C SER A 2 8.65 -22.95 26.31
N SER A 3 9.82 -22.58 25.81
CA SER A 3 10.20 -21.19 25.73
C SER A 3 11.03 -20.93 24.47
N GLY A 4 10.57 -19.99 23.65
CA GLY A 4 11.27 -19.66 22.42
C GLY A 4 11.17 -18.18 22.08
N SER A 5 11.87 -17.78 21.01
CA SER A 5 11.86 -16.39 20.57
C SER A 5 10.58 -16.08 19.80
N SER A 6 10.03 -14.88 20.04
CA SER A 6 8.81 -14.46 19.36
C SER A 6 9.02 -14.36 17.86
N GLY A 7 7.93 -14.15 17.13
CA GLY A 7 8.02 -14.03 15.69
C GLY A 7 7.40 -12.75 15.17
N LYS A 8 7.83 -12.30 14.00
CA LYS A 8 7.32 -11.09 13.39
C LYS A 8 5.88 -11.29 12.92
N ILE A 9 4.98 -10.45 13.41
CA ILE A 9 3.57 -10.53 13.04
C ILE A 9 3.08 -9.22 12.45
N ASP A 10 3.52 -8.93 11.23
CA ASP A 10 3.13 -7.70 10.55
C ASP A 10 2.53 -8.00 9.19
N MET A 11 1.49 -7.25 8.82
CA MET A 11 0.82 -7.44 7.54
C MET A 11 1.06 -6.26 6.62
N PRO A 12 2.05 -6.38 5.72
CA PRO A 12 2.41 -5.32 4.78
C PRO A 12 1.34 -5.12 3.71
N HIS A 13 1.26 -3.91 3.16
CA HIS A 13 0.29 -3.61 2.12
C HIS A 13 0.64 -4.31 0.82
N ARG A 14 -0.25 -5.19 0.38
CA ARG A 14 -0.04 -5.94 -0.86
C ARG A 14 -0.18 -5.03 -2.07
N PHE A 15 0.79 -4.13 -2.26
CA PHE A 15 0.77 -3.20 -3.37
C PHE A 15 0.84 -3.95 -4.70
N LYS A 16 0.06 -3.49 -5.68
CA LYS A 16 0.03 -4.12 -6.99
C LYS A 16 -0.20 -3.07 -8.08
N VAL A 17 0.57 -3.16 -9.16
CA VAL A 17 0.45 -2.23 -10.27
C VAL A 17 -1.00 -2.14 -10.75
N TYR A 18 -1.52 -0.93 -10.83
CA TYR A 18 -2.88 -0.70 -11.28
C TYR A 18 -3.00 0.64 -12.01
N ASN A 19 -3.86 0.67 -13.02
CA ASN A 19 -4.08 1.89 -13.80
C ASN A 19 -5.11 2.79 -13.14
N TYR A 20 -4.65 3.90 -12.58
CA TYR A 20 -5.53 4.84 -11.91
C TYR A 20 -6.25 5.73 -12.92
N LYS A 21 -7.33 5.21 -13.49
CA LYS A 21 -8.12 5.95 -14.47
C LYS A 21 -8.47 7.34 -13.95
N SER A 22 -8.69 7.43 -12.64
CA SER A 22 -9.04 8.70 -12.02
C SER A 22 -7.91 9.19 -11.11
N PRO A 23 -7.79 10.52 -10.99
CA PRO A 23 -6.76 11.15 -10.15
C PRO A 23 -7.01 10.93 -8.66
N THR A 24 -6.14 10.15 -8.03
CA THR A 24 -6.26 9.86 -6.62
C THR A 24 -5.07 10.43 -5.83
N PHE A 25 -5.37 11.22 -4.80
CA PHE A 25 -4.33 11.83 -3.99
C PHE A 25 -3.62 10.77 -3.13
N CYS A 26 -2.31 10.67 -3.30
CA CYS A 26 -1.52 9.70 -2.54
C CYS A 26 -1.87 9.76 -1.06
N GLU A 27 -2.24 8.60 -0.51
CA GLU A 27 -2.60 8.51 0.90
C GLU A 27 -1.36 8.47 1.78
N HIS A 28 -0.20 8.66 1.16
CA HIS A 28 1.07 8.65 1.88
C HIS A 28 1.69 10.04 1.93
N CYS A 29 2.17 10.52 0.79
CA CYS A 29 2.78 11.83 0.70
C CYS A 29 1.72 12.93 0.57
N GLY A 30 0.50 12.52 0.24
CA GLY A 30 -0.58 13.47 0.09
C GLY A 30 -0.66 14.05 -1.31
N THR A 31 0.44 13.95 -2.04
CA THR A 31 0.50 14.47 -3.40
C THR A 31 -0.13 13.50 -4.39
N LEU A 32 -0.65 14.05 -5.50
CA LEU A 32 -1.30 13.22 -6.51
C LEU A 32 -0.25 12.50 -7.36
N LEU A 33 -0.71 11.80 -8.40
CA LEU A 33 0.18 11.07 -9.29
C LEU A 33 -0.21 11.27 -10.75
N TRP A 34 0.72 10.99 -11.65
CA TRP A 34 0.47 11.14 -13.07
C TRP A 34 1.17 10.04 -13.87
N GLY A 35 0.65 9.75 -15.06
CA GLY A 35 1.23 8.73 -15.89
C GLY A 35 0.25 8.17 -16.90
N LEU A 36 0.70 7.18 -17.68
CA LEU A 36 -0.15 6.56 -18.69
C LEU A 36 -0.59 5.17 -18.24
N ALA A 37 0.31 4.43 -17.62
CA ALA A 37 0.00 3.09 -17.13
C ALA A 37 0.73 2.80 -15.83
N ARG A 38 0.22 1.82 -15.08
CA ARG A 38 0.82 1.45 -13.81
C ARG A 38 1.37 2.67 -13.08
N GLN A 39 0.57 3.73 -13.05
CA GLN A 39 0.97 4.97 -12.38
C GLN A 39 1.37 4.70 -10.94
N GLY A 40 0.62 3.82 -10.28
CA GLY A 40 0.91 3.49 -8.89
C GLY A 40 0.57 2.06 -8.55
N LEU A 41 0.56 1.74 -7.26
CA LEU A 41 0.25 0.39 -6.80
C LEU A 41 -0.87 0.42 -5.76
N LYS A 42 -1.86 -0.43 -5.96
CA LYS A 42 -3.00 -0.51 -5.05
C LYS A 42 -2.89 -1.74 -4.14
N CYS A 43 -3.33 -1.60 -2.90
CA CYS A 43 -3.27 -2.70 -1.95
C CYS A 43 -4.50 -3.59 -2.08
N ASP A 44 -4.27 -4.87 -2.39
CA ASP A 44 -5.36 -5.83 -2.54
C ASP A 44 -5.77 -6.41 -1.20
N ALA A 45 -5.16 -5.91 -0.14
CA ALA A 45 -5.46 -6.38 1.21
C ALA A 45 -6.45 -5.44 1.91
N CYS A 46 -6.16 -4.15 1.85
CA CYS A 46 -7.03 -3.15 2.48
C CYS A 46 -7.70 -2.27 1.42
N GLY A 47 -6.94 -1.91 0.39
CA GLY A 47 -7.46 -1.07 -0.66
C GLY A 47 -7.01 0.37 -0.55
N MET A 48 -5.71 0.58 -0.71
CA MET A 48 -5.14 1.93 -0.62
C MET A 48 -4.42 2.29 -1.92
N ASN A 49 -4.23 3.59 -2.13
CA ASN A 49 -3.55 4.07 -3.33
C ASN A 49 -2.35 4.94 -2.96
N VAL A 50 -1.17 4.53 -3.45
CA VAL A 50 0.06 5.27 -3.18
C VAL A 50 0.98 5.25 -4.38
N HIS A 51 2.06 6.04 -4.31
CA HIS A 51 3.02 6.12 -5.40
C HIS A 51 3.84 4.85 -5.49
N HIS A 52 4.79 4.82 -6.42
CA HIS A 52 5.65 3.66 -6.62
C HIS A 52 6.66 3.54 -5.48
N ARG A 53 7.13 4.67 -4.99
CA ARG A 53 8.10 4.68 -3.89
C ARG A 53 7.40 4.83 -2.54
N CYS A 54 6.44 5.73 -2.48
CA CYS A 54 5.69 5.98 -1.26
C CYS A 54 5.23 4.66 -0.63
N GLN A 55 4.97 3.67 -1.48
CA GLN A 55 4.53 2.36 -1.01
C GLN A 55 5.48 1.81 0.05
N THR A 56 6.77 1.82 -0.27
CA THR A 56 7.79 1.31 0.64
C THR A 56 8.06 2.32 1.76
N LYS A 57 7.45 3.49 1.66
CA LYS A 57 7.63 4.54 2.66
C LYS A 57 6.52 4.47 3.71
N VAL A 58 5.42 3.80 3.38
CA VAL A 58 4.30 3.67 4.30
C VAL A 58 4.62 2.69 5.42
N ALA A 59 3.69 2.54 6.35
CA ALA A 59 3.86 1.63 7.48
C ALA A 59 3.47 0.20 7.09
N ASN A 60 3.91 -0.77 7.90
CA ASN A 60 3.61 -2.17 7.64
C ASN A 60 2.43 -2.63 8.50
N LEU A 61 1.35 -1.87 8.48
CA LEU A 61 0.15 -2.20 9.25
C LEU A 61 -1.09 -2.19 8.37
N CYS A 62 -1.24 -3.22 7.55
CA CYS A 62 -2.38 -3.34 6.65
C CYS A 62 -3.60 -3.89 7.40
N GLY A 63 -4.77 -3.35 7.08
CA GLY A 63 -5.99 -3.81 7.73
C GLY A 63 -6.22 -3.15 9.07
N ILE A 64 -5.14 -2.90 9.80
CA ILE A 64 -5.22 -2.27 11.11
C ILE A 64 -5.75 -0.84 11.00
N ASN A 65 -5.57 -0.24 9.83
CA ASN A 65 -6.02 1.13 9.59
C ASN A 65 -7.07 1.16 8.48
ZN ZN B . -2.96 -2.53 2.77
ZN ZN C . 3.09 9.57 -2.87
#